data_8IC1
#
_entry.id   8IC1
#
_cell.length_a   114.708
_cell.length_b   137.731
_cell.length_c   148.589
_cell.angle_alpha   90.00
_cell.angle_beta   90.00
_cell.angle_gamma   90.00
#
_symmetry.space_group_name_H-M   'P 21 21 21'
#
loop_
_entity.id
_entity.type
_entity.pdbx_description
1 polymer endo-alpha-D-arabinanase
2 branched alpha-D-arabinofuranose-(1-5)-alpha-D-arabinofuranose-(1-5)-alpha-D-arabinofuranose-(1-5)-alpha-D-arabinofuranose
3 branched alpha-D-arabinofuranose-(1-5)-alpha-D-arabinofuranose-(1-5)-alpha-D-arabinofuranose
4 non-polymer GLYCEROL
5 non-polymer 'TRIETHYLENE GLYCOL'
6 non-polymer DI(HYDROXYETHYL)ETHER
7 non-polymer 'SODIUM ION'
8 non-polymer 'CALCIUM ION'
9 non-polymer (3~{a}~{S},5~{R},6~{R},6~{a}~{S})-5-(hydroxymethyl)-2,2-dimethyl-3~{a},5,6,6~{a}-tetrahydrofuro[2,3-d][1,3]dioxol-6-ol
10 non-polymer '2-(N-MORPHOLINO)-ETHANESULFONIC ACID'
11 water water
#
_entity_poly.entity_id   1
_entity_poly.type   'polypeptide(L)'
_entity_poly.pdbx_seq_one_letter_code
;MTTSRTPATVVEKLTGPDAPNNTWGRWDIKATDLGIMWDDGAGHVLTAFGNTFGNSWTGPGGGAPPNGNWRSNVLVRSSD
GDLADGMLFDWAAQGPQGVAREIIPSKKINGVEITTIPTTGISVGKRQYLGFMSVKQWGPPGVWDTNFAGIAYSDDGGGT
WKVSDTRWENADGHDPFQMQAWVQKGGTIYVFGTQNGRNGPASVAKVPASKLLDKSAFRYWNGTDWSRKESDAVPVMDAP
MSEMSVQYDAYSKRFLMMTLSGEDIIMRTATAPEGPWTPAQTVASSTDYPALYGGYFHPWNKDGEIYFTMSQWNPYNVYL
MRLRIDRDGNIIDPNLVTDASFERSTTLGDGTNGTWAAKPNSGIDNAPAAGFTGDHRAFVRYNSGWRDIWQDVAVERGAK
YRLTGFLRTSVNSDNGFFGARTLDGVPIGEINFHSVGAWTRFTVEFDAGDRDAVQVFGGVWTNSGDIWMQLDDVSLTKVR
LEHHHHHH
;
_entity_poly.pdbx_strand_id   A,B,C,D
#
# COMPACT_ATOMS: atom_id res chain seq x y z
N THR A 2 17.29 -13.08 28.83
CA THR A 2 18.61 -13.77 28.82
C THR A 2 18.74 -14.51 27.51
N THR A 3 19.91 -15.11 27.32
CA THR A 3 20.25 -15.97 26.20
C THR A 3 19.92 -17.43 26.48
N SER A 4 19.30 -17.74 27.64
CA SER A 4 18.87 -19.10 27.91
C SER A 4 18.04 -19.65 26.75
N ARG A 5 18.21 -20.95 26.54
CA ARG A 5 17.46 -21.66 25.52
C ARG A 5 16.00 -21.71 25.96
N THR A 6 15.10 -21.70 24.96
CA THR A 6 13.67 -21.74 25.15
C THR A 6 13.16 -23.13 24.87
N PRO A 7 12.70 -23.86 25.91
CA PRO A 7 12.15 -25.19 25.68
C PRO A 7 10.79 -25.20 24.98
N ALA A 8 10.02 -24.12 25.19
CA ALA A 8 8.62 -24.09 24.78
C ALA A 8 8.53 -23.95 23.25
N THR A 9 7.37 -24.44 22.79
CA THR A 9 7.03 -24.49 21.39
C THR A 9 5.82 -23.59 21.15
N VAL A 10 5.85 -22.89 20.02
CA VAL A 10 4.72 -22.08 19.59
C VAL A 10 3.73 -23.00 18.86
N VAL A 11 2.48 -22.92 19.30
CA VAL A 11 1.42 -23.78 18.82
C VAL A 11 0.50 -23.04 17.85
N GLU A 12 0.12 -21.79 18.17
CA GLU A 12 -0.80 -21.07 17.32
C GLU A 12 -0.80 -19.61 17.74
N LYS A 13 -0.97 -18.71 16.77
CA LYS A 13 -1.39 -17.37 17.09
C LYS A 13 -2.90 -17.30 17.30
N LEU A 14 -3.34 -16.90 18.50
CA LEU A 14 -4.75 -17.01 18.85
C LEU A 14 -5.55 -15.79 18.39
N THR A 15 -4.88 -14.63 18.38
CA THR A 15 -5.55 -13.36 18.13
C THR A 15 -4.82 -12.58 17.06
N GLY A 16 -5.57 -11.71 16.38
CA GLY A 16 -4.99 -10.72 15.51
C GLY A 16 -4.64 -11.22 14.12
N PRO A 17 -3.91 -10.40 13.33
CA PRO A 17 -3.61 -10.75 11.93
C PRO A 17 -2.95 -12.12 11.78
N ASP A 18 -3.53 -12.88 10.85
CA ASP A 18 -3.07 -14.23 10.50
CA ASP A 18 -3.18 -14.24 10.44
C ASP A 18 -3.63 -15.29 11.46
N ALA A 19 -4.21 -14.90 12.61
CA ALA A 19 -4.66 -15.92 13.56
C ALA A 19 -5.75 -16.79 12.91
N PRO A 20 -5.61 -18.13 12.95
CA PRO A 20 -6.70 -19.04 12.56
C PRO A 20 -8.09 -18.64 13.05
N ASN A 21 -8.15 -18.24 14.33
CA ASN A 21 -9.38 -17.84 14.97
C ASN A 21 -10.10 -16.67 14.29
N ASN A 22 -9.38 -15.83 13.56
CA ASN A 22 -9.97 -14.66 12.96
C ASN A 22 -10.77 -13.82 13.96
N THR A 23 -10.14 -13.48 15.08
CA THR A 23 -10.72 -12.61 16.08
C THR A 23 -10.95 -11.22 15.49
N TRP A 24 -10.08 -10.82 14.56
CA TRP A 24 -10.19 -9.51 13.91
C TRP A 24 -11.48 -9.37 13.09
N GLY A 25 -11.69 -10.31 12.20
CA GLY A 25 -12.92 -10.38 11.41
C GLY A 25 -14.19 -10.65 12.19
N ARG A 26 -14.17 -11.59 13.16
CA ARG A 26 -15.40 -11.98 13.82
C ARG A 26 -15.83 -10.91 14.81
N TRP A 27 -14.86 -10.25 15.45
CA TRP A 27 -15.19 -9.54 16.70
C TRP A 27 -14.40 -8.25 16.85
N ASP A 28 -13.71 -7.83 15.78
CA ASP A 28 -12.86 -6.63 15.82
C ASP A 28 -11.81 -6.71 16.94
N ILE A 29 -11.25 -7.91 17.18
CA ILE A 29 -10.12 -8.08 18.08
C ILE A 29 -8.89 -8.22 17.21
N LYS A 30 -8.25 -7.08 16.94
CA LYS A 30 -7.12 -7.12 16.04
C LYS A 30 -5.81 -7.21 16.81
N ALA A 31 -5.78 -6.64 18.01
CA ALA A 31 -4.57 -6.67 18.79
C ALA A 31 -4.96 -6.60 20.26
N THR A 32 -4.33 -7.46 21.07
CA THR A 32 -4.74 -7.65 22.45
C THR A 32 -3.64 -8.40 23.18
N ASP A 33 -3.85 -8.60 24.47
CA ASP A 33 -2.87 -9.31 25.26
C ASP A 33 -3.49 -10.08 26.39
N LEU A 34 -2.63 -10.91 26.99
CA LEU A 34 -2.85 -11.71 28.17
C LEU A 34 -3.46 -13.07 27.81
N GLY A 35 -4.77 -13.16 27.63
CA GLY A 35 -5.39 -14.47 27.38
C GLY A 35 -5.42 -15.32 28.65
N ILE A 36 -6.05 -14.78 29.69
CA ILE A 36 -6.22 -15.40 30.99
C ILE A 36 -7.38 -16.39 30.94
N MET A 37 -7.11 -17.65 31.24
CA MET A 37 -8.04 -18.75 30.99
C MET A 37 -8.52 -19.40 32.28
N TRP A 38 -9.81 -19.83 32.25
CA TRP A 38 -10.33 -20.63 33.31
C TRP A 38 -11.49 -21.48 32.77
N ASP A 39 -11.70 -22.59 33.48
CA ASP A 39 -12.78 -23.53 33.25
C ASP A 39 -14.08 -22.97 33.83
N ASP A 40 -15.11 -22.86 32.99
CA ASP A 40 -16.35 -22.21 33.42
C ASP A 40 -17.29 -23.13 34.19
N GLY A 41 -16.87 -24.38 34.40
CA GLY A 41 -17.64 -25.36 35.13
C GLY A 41 -18.71 -26.05 34.29
N ALA A 42 -18.78 -25.77 33.01
CA ALA A 42 -19.85 -26.26 32.14
C ALA A 42 -19.30 -26.71 30.81
N GLY A 43 -18.05 -27.15 30.80
CA GLY A 43 -17.45 -27.70 29.61
C GLY A 43 -16.72 -26.72 28.72
N HIS A 44 -16.44 -25.50 29.19
CA HIS A 44 -15.82 -24.51 28.34
C HIS A 44 -14.67 -23.84 29.10
N VAL A 45 -13.81 -23.20 28.29
CA VAL A 45 -12.77 -22.30 28.80
C VAL A 45 -13.14 -20.88 28.41
N LEU A 46 -13.21 -20.00 29.40
CA LEU A 46 -13.29 -18.57 29.19
C LEU A 46 -11.89 -17.98 29.24
N THR A 47 -11.67 -17.04 28.34
CA THR A 47 -10.36 -16.43 28.13
C THR A 47 -10.51 -14.92 28.09
N ALA A 48 -9.82 -14.22 29.00
CA ALA A 48 -9.95 -12.77 29.10
C ALA A 48 -8.65 -12.12 28.65
N PHE A 49 -8.82 -10.91 28.11
CA PHE A 49 -7.74 -10.13 27.55
C PHE A 49 -7.71 -8.72 28.10
N GLY A 50 -6.52 -8.10 28.03
CA GLY A 50 -6.36 -6.72 28.42
C GLY A 50 -6.68 -5.73 27.31
N ASN A 51 -5.93 -4.62 27.25
CA ASN A 51 -6.24 -3.54 26.32
C ASN A 51 -6.31 -4.13 24.92
N THR A 52 -7.46 -3.88 24.25
CA THR A 52 -7.77 -4.50 22.97
C THR A 52 -8.09 -3.42 21.96
N PHE A 53 -7.60 -3.59 20.73
CA PHE A 53 -7.79 -2.62 19.67
C PHE A 53 -8.35 -3.32 18.45
N GLY A 54 -9.08 -2.57 17.64
CA GLY A 54 -9.76 -3.13 16.50
C GLY A 54 -9.05 -2.80 15.20
N ASN A 55 -9.86 -2.72 14.14
CA ASN A 55 -9.42 -2.70 12.76
C ASN A 55 -8.29 -1.72 12.43
N SER A 56 -8.27 -0.53 13.04
CA SER A 56 -7.30 0.47 12.60
C SER A 56 -5.91 0.29 13.21
N TRP A 57 -5.77 -0.59 14.21
CA TRP A 57 -4.46 -0.87 14.78
C TRP A 57 -3.50 -1.34 13.71
N THR A 58 -2.26 -0.89 13.78
CA THR A 58 -1.22 -1.30 12.86
C THR A 58 -0.04 -1.95 13.60
N GLY A 59 0.15 -1.58 14.86
CA GLY A 59 1.35 -1.94 15.55
C GLY A 59 2.53 -1.19 14.96
N PRO A 60 3.76 -1.48 15.39
CA PRO A 60 4.04 -2.51 16.39
C PRO A 60 3.67 -2.04 17.79
N GLY A 61 3.38 -2.98 18.69
CA GLY A 61 3.12 -2.64 20.06
C GLY A 61 1.65 -2.33 20.33
N GLY A 62 1.36 -2.17 21.61
CA GLY A 62 0.04 -1.80 22.10
C GLY A 62 -0.23 -0.34 21.73
N GLY A 63 -1.47 0.07 21.76
CA GLY A 63 -1.72 1.40 21.21
C GLY A 63 -2.07 1.42 19.72
N ALA A 64 -2.86 2.44 19.42
CA ALA A 64 -3.61 2.47 18.20
C ALA A 64 -3.96 3.92 17.93
N PRO A 65 -4.42 4.22 16.71
CA PRO A 65 -4.96 5.54 16.41
C PRO A 65 -6.21 5.84 17.21
N PRO A 66 -6.68 7.10 17.18
CA PRO A 66 -7.88 7.49 17.94
C PRO A 66 -9.13 6.66 17.61
N ASN A 67 -9.18 6.09 16.42
CA ASN A 67 -10.34 5.30 16.02
C ASN A 67 -10.10 3.81 16.22
N GLY A 68 -9.19 3.46 17.14
CA GLY A 68 -8.77 2.09 17.33
C GLY A 68 -9.71 1.18 18.10
N ASN A 69 -10.91 1.68 18.44
CA ASN A 69 -11.89 0.87 19.12
C ASN A 69 -11.20 0.25 20.33
N TRP A 70 -10.63 1.13 21.16
CA TRP A 70 -9.96 0.70 22.39
C TRP A 70 -10.96 0.23 23.44
N ARG A 71 -10.88 -1.05 23.82
CA ARG A 71 -11.58 -1.60 24.95
C ARG A 71 -10.54 -2.03 25.99
N SER A 72 -10.83 -1.79 27.25
CA SER A 72 -9.88 -2.15 28.29
C SER A 72 -9.70 -3.65 28.38
N ASN A 73 -10.68 -4.43 27.90
CA ASN A 73 -10.71 -5.86 28.10
C ASN A 73 -11.81 -6.43 27.21
N VAL A 74 -11.62 -7.68 26.81
CA VAL A 74 -12.63 -8.46 26.09
C VAL A 74 -12.57 -9.90 26.59
N LEU A 75 -13.61 -10.69 26.26
CA LEU A 75 -13.75 -12.05 26.74
C LEU A 75 -14.22 -12.97 25.61
N VAL A 76 -13.59 -14.14 25.48
CA VAL A 76 -14.01 -15.11 24.49
C VAL A 76 -14.12 -16.44 25.19
N ARG A 77 -14.74 -17.41 24.51
CA ARG A 77 -14.94 -18.75 25.01
C ARG A 77 -14.34 -19.74 24.02
N SER A 78 -13.91 -20.87 24.57
CA SER A 78 -13.52 -22.04 23.79
C SER A 78 -14.19 -23.28 24.34
N SER A 79 -14.49 -24.23 23.42
CA SER A 79 -14.88 -25.57 23.81
C SER A 79 -13.87 -26.58 23.30
N ASP A 80 -12.68 -26.12 22.92
CA ASP A 80 -11.74 -26.94 22.18
C ASP A 80 -10.85 -27.75 23.14
N GLY A 81 -10.94 -29.09 23.05
CA GLY A 81 -10.08 -29.99 23.81
C GLY A 81 -8.83 -30.46 23.04
N ASP A 82 -8.66 -30.08 21.78
CA ASP A 82 -7.53 -30.57 21.00
C ASP A 82 -6.50 -29.44 20.85
N LEU A 83 -5.71 -29.18 21.91
CA LEU A 83 -4.89 -27.98 21.96
C LEU A 83 -3.64 -28.12 21.07
N ALA A 84 -3.25 -29.34 20.73
CA ALA A 84 -2.10 -29.56 19.85
C ALA A 84 -2.21 -28.80 18.52
N ASP A 85 -3.43 -28.64 18.04
CA ASP A 85 -3.69 -27.96 16.78
C ASP A 85 -4.28 -26.57 16.98
N GLY A 86 -4.17 -26.01 18.18
CA GLY A 86 -4.63 -24.65 18.42
C GLY A 86 -5.78 -24.61 19.39
N MET A 87 -6.38 -23.43 19.56
CA MET A 87 -7.47 -23.34 20.49
C MET A 87 -8.52 -22.49 19.81
N LEU A 88 -9.59 -23.16 19.39
CA LEU A 88 -10.64 -22.45 18.67
C LEU A 88 -11.56 -21.70 19.64
N PHE A 89 -11.75 -20.42 19.38
CA PHE A 89 -12.71 -19.64 20.12
C PHE A 89 -14.07 -19.76 19.44
N ASP A 90 -15.09 -20.13 20.20
CA ASP A 90 -16.38 -20.42 19.63
C ASP A 90 -17.42 -19.36 20.02
N TRP A 91 -17.03 -18.31 20.74
CA TRP A 91 -17.98 -17.29 21.16
C TRP A 91 -17.20 -16.13 21.75
N ALA A 92 -17.82 -14.94 21.75
CA ALA A 92 -17.25 -13.78 22.42
C ALA A 92 -18.39 -12.94 22.98
N ALA A 93 -18.12 -12.31 24.12
CA ALA A 93 -19.04 -11.33 24.67
C ALA A 93 -19.05 -10.10 23.77
N GLN A 94 -20.22 -9.82 23.17
CA GLN A 94 -20.32 -8.81 22.10
C GLN A 94 -21.26 -7.64 22.46
N GLY A 95 -21.13 -6.54 21.76
CA GLY A 95 -21.99 -5.38 21.97
C GLY A 95 -21.41 -4.21 21.22
N PRO A 96 -21.85 -3.93 19.97
CA PRO A 96 -22.91 -4.70 19.32
C PRO A 96 -22.41 -6.06 18.83
N GLN A 97 -23.36 -6.90 18.37
CA GLN A 97 -22.98 -8.12 17.71
C GLN A 97 -22.07 -7.77 16.54
N GLY A 98 -20.98 -8.56 16.47
CA GLY A 98 -19.91 -8.38 15.52
C GLY A 98 -18.68 -7.69 16.11
N VAL A 99 -18.78 -7.25 17.37
CA VAL A 99 -17.71 -6.52 18.05
C VAL A 99 -17.61 -7.04 19.48
N ALA A 100 -16.45 -7.59 19.88
CA ALA A 100 -16.25 -7.96 21.27
C ALA A 100 -16.31 -6.69 22.12
N ARG A 101 -17.08 -6.70 23.20
CA ARG A 101 -17.22 -5.52 24.03
C ARG A 101 -16.35 -5.59 25.28
N GLU A 102 -16.09 -4.40 25.82
CA GLU A 102 -15.48 -4.26 27.13
C GLU A 102 -16.41 -4.83 28.19
N ILE A 103 -15.90 -5.70 29.07
CA ILE A 103 -16.79 -6.28 30.05
C ILE A 103 -16.59 -5.68 31.43
N ILE A 104 -15.40 -5.13 31.74
CA ILE A 104 -15.18 -4.41 32.99
C ILE A 104 -14.86 -2.97 32.64
N PRO A 105 -15.80 -2.02 32.92
CA PRO A 105 -15.64 -0.66 32.47
C PRO A 105 -14.42 0.01 33.10
N SER A 106 -13.94 1.02 32.42
CA SER A 106 -12.87 1.88 32.92
C SER A 106 -13.16 3.33 32.58
N LYS A 107 -12.62 4.23 33.39
CA LYS A 107 -12.83 5.66 33.15
C LYS A 107 -12.04 6.17 31.95
N LYS A 108 -10.85 5.61 31.69
CA LYS A 108 -9.96 6.03 30.63
C LYS A 108 -9.55 7.50 30.83
N ILE A 109 -9.35 7.84 32.10
CA ILE A 109 -8.74 9.09 32.47
C ILE A 109 -7.36 8.86 33.08
N ASN A 110 -6.34 9.38 32.40
CA ASN A 110 -4.97 9.12 32.77
C ASN A 110 -4.70 9.79 34.12
N GLY A 111 -4.09 9.02 35.02
CA GLY A 111 -3.77 9.48 36.35
C GLY A 111 -4.89 9.30 37.34
N VAL A 112 -6.05 8.77 36.91
CA VAL A 112 -7.18 8.48 37.77
C VAL A 112 -7.48 6.99 37.64
N GLU A 113 -7.94 6.60 36.43
CA GLU A 113 -8.09 5.20 36.06
C GLU A 113 -8.01 5.13 34.53
N ILE A 114 -6.83 4.81 34.01
CA ILE A 114 -6.64 4.81 32.57
C ILE A 114 -7.25 3.52 31.97
N THR A 115 -7.26 2.41 32.72
CA THR A 115 -7.78 1.16 32.17
C THR A 115 -8.03 0.20 33.31
N THR A 116 -8.76 -0.88 33.00
CA THR A 116 -8.99 -1.99 33.90
C THR A 116 -8.58 -3.28 33.19
N ILE A 117 -7.66 -4.01 33.81
CA ILE A 117 -7.00 -5.13 33.18
C ILE A 117 -7.29 -6.38 34.01
N PRO A 118 -7.82 -7.44 33.34
CA PRO A 118 -8.00 -8.71 33.97
C PRO A 118 -6.67 -9.29 34.41
N THR A 119 -6.74 -10.02 35.52
CA THR A 119 -5.52 -10.67 36.05
C THR A 119 -5.61 -12.19 36.14
N THR A 120 -6.80 -12.71 36.49
CA THR A 120 -6.98 -14.13 36.81
C THR A 120 -8.49 -14.37 36.84
N GLY A 121 -8.89 -15.64 36.67
CA GLY A 121 -10.31 -15.97 36.66
C GLY A 121 -10.57 -17.33 37.26
N ILE A 122 -11.82 -17.62 37.66
CA ILE A 122 -12.15 -18.92 38.16
C ILE A 122 -13.67 -19.07 38.16
N SER A 123 -14.15 -20.30 38.19
CA SER A 123 -15.58 -20.52 38.43
C SER A 123 -15.75 -21.31 39.73
N VAL A 124 -16.83 -21.00 40.47
CA VAL A 124 -17.22 -21.83 41.60
C VAL A 124 -18.73 -22.04 41.46
N GLY A 125 -19.15 -23.28 41.37
CA GLY A 125 -20.56 -23.53 41.07
C GLY A 125 -20.94 -22.89 39.74
N LYS A 126 -22.00 -22.10 39.76
CA LYS A 126 -22.51 -21.52 38.53
C LYS A 126 -22.06 -20.07 38.42
N ARG A 127 -21.06 -19.61 39.21
CA ARG A 127 -20.61 -18.24 39.09
C ARG A 127 -19.17 -18.20 38.56
N GLN A 128 -18.97 -17.34 37.56
CA GLN A 128 -17.66 -16.96 37.06
C GLN A 128 -17.18 -15.74 37.82
N TYR A 129 -15.89 -15.72 38.10
CA TYR A 129 -15.23 -14.58 38.72
C TYR A 129 -14.01 -14.20 37.90
N LEU A 130 -13.84 -12.89 37.75
CA LEU A 130 -12.74 -12.33 37.02
C LEU A 130 -12.12 -11.23 37.89
N GLY A 131 -10.92 -11.57 38.39
CA GLY A 131 -10.06 -10.59 39.02
C GLY A 131 -9.54 -9.59 38.01
N PHE A 132 -9.36 -8.37 38.46
CA PHE A 132 -8.81 -7.33 37.63
C PHE A 132 -8.09 -6.29 38.48
N MET A 133 -7.31 -5.45 37.78
CA MET A 133 -6.65 -4.30 38.40
C MET A 133 -7.09 -3.02 37.73
N SER A 134 -7.42 -2.03 38.57
CA SER A 134 -7.69 -0.69 38.13
C SER A 134 -6.33 0.02 38.02
N VAL A 135 -5.93 0.35 36.81
CA VAL A 135 -4.65 0.99 36.54
C VAL A 135 -4.82 2.51 36.53
N LYS A 136 -4.10 3.17 37.43
CA LYS A 136 -4.11 4.63 37.54
C LYS A 136 -3.32 5.25 36.40
N GLN A 137 -2.09 4.74 36.18
CA GLN A 137 -1.20 5.27 35.17
C GLN A 137 -0.05 4.30 34.93
N TRP A 138 0.63 4.43 33.80
CA TRP A 138 1.71 3.53 33.41
C TRP A 138 3.00 4.30 33.51
N GLY A 139 4.08 3.59 33.81
CA GLY A 139 5.40 4.17 33.79
C GLY A 139 6.27 3.50 32.73
N PRO A 140 7.61 3.45 32.86
CA PRO A 140 8.44 2.66 31.95
C PRO A 140 8.08 1.18 32.01
N PRO A 141 8.61 0.34 31.10
CA PRO A 141 8.27 -1.08 31.04
C PRO A 141 8.43 -1.77 32.38
N GLY A 142 7.41 -2.55 32.78
CA GLY A 142 7.39 -3.26 34.03
C GLY A 142 6.94 -2.38 35.21
N VAL A 143 6.60 -1.12 34.94
CA VAL A 143 6.23 -0.20 36.01
C VAL A 143 4.86 0.42 35.76
N TRP A 144 3.97 0.30 36.74
CA TRP A 144 2.70 1.00 36.69
C TRP A 144 2.07 1.05 38.08
N ASP A 145 1.14 1.98 38.24
CA ASP A 145 0.40 2.14 39.48
C ASP A 145 -1.05 1.67 39.32
N THR A 146 -1.50 0.87 40.28
CA THR A 146 -2.89 0.44 40.40
C THR A 146 -3.57 1.12 41.59
N ASN A 147 -4.85 1.42 41.39
CA ASN A 147 -5.70 1.90 42.47
C ASN A 147 -6.09 0.77 43.40
N PHE A 148 -6.39 -0.42 42.83
CA PHE A 148 -6.93 -1.54 43.55
C PHE A 148 -7.00 -2.74 42.60
N ALA A 149 -7.06 -3.90 43.25
CA ALA A 149 -7.51 -5.12 42.62
C ALA A 149 -8.99 -5.30 42.94
N GLY A 150 -9.74 -5.72 41.94
CA GLY A 150 -11.18 -5.94 42.10
C GLY A 150 -11.61 -7.31 41.57
N ILE A 151 -12.91 -7.56 41.66
CA ILE A 151 -13.46 -8.84 41.20
C ILE A 151 -14.80 -8.57 40.52
N ALA A 152 -14.90 -9.01 39.25
CA ALA A 152 -16.20 -9.04 38.56
C ALA A 152 -16.77 -10.44 38.55
N TYR A 153 -18.09 -10.59 38.38
CA TYR A 153 -18.67 -11.92 38.37
C TYR A 153 -19.85 -11.96 37.38
N SER A 154 -20.18 -13.21 37.01
CA SER A 154 -21.20 -13.48 36.02
C SER A 154 -21.90 -14.78 36.37
N ASP A 155 -23.24 -14.75 36.31
CA ASP A 155 -24.02 -15.91 36.64
C ASP A 155 -24.56 -16.57 35.36
N ASP A 156 -24.12 -16.11 34.18
CA ASP A 156 -24.62 -16.69 32.93
C ASP A 156 -23.46 -17.09 32.01
N GLY A 157 -22.42 -17.67 32.60
CA GLY A 157 -21.30 -18.22 31.86
C GLY A 157 -20.44 -17.19 31.17
N GLY A 158 -20.52 -15.93 31.62
CA GLY A 158 -19.72 -14.86 31.08
C GLY A 158 -20.50 -14.00 30.09
N GLY A 159 -21.79 -14.29 29.89
CA GLY A 159 -22.60 -13.44 29.04
C GLY A 159 -22.75 -12.01 29.55
N THR A 160 -22.99 -11.88 30.86
CA THR A 160 -23.09 -10.55 31.44
C THR A 160 -22.37 -10.53 32.78
N TRP A 161 -21.83 -9.35 33.13
CA TRP A 161 -20.90 -9.19 34.24
C TRP A 161 -21.41 -8.09 35.15
N LYS A 162 -21.19 -8.26 36.45
CA LYS A 162 -21.26 -7.17 37.37
C LYS A 162 -19.90 -7.02 38.04
N VAL A 163 -19.56 -5.79 38.40
CA VAL A 163 -18.37 -5.61 39.22
C VAL A 163 -18.77 -5.68 40.70
N SER A 164 -18.18 -6.62 41.44
CA SER A 164 -18.44 -6.74 42.87
C SER A 164 -17.81 -5.56 43.60
N ASP A 165 -18.16 -5.45 44.89
CA ASP A 165 -17.60 -4.36 45.66
C ASP A 165 -16.26 -4.76 46.29
N THR A 166 -15.83 -6.02 46.08
CA THR A 166 -14.63 -6.56 46.69
C THR A 166 -13.36 -5.99 46.05
N ARG A 167 -12.49 -5.36 46.88
CA ARG A 167 -11.25 -4.74 46.39
C ARG A 167 -10.11 -4.92 47.39
N TRP A 168 -8.88 -4.96 46.86
CA TRP A 168 -7.69 -4.75 47.65
C TRP A 168 -7.18 -3.38 47.27
N GLU A 169 -7.42 -2.40 48.16
CA GLU A 169 -6.99 -1.05 47.88
C GLU A 169 -5.47 -0.91 48.01
N ASN A 170 -4.94 0.04 47.26
CA ASN A 170 -3.51 0.20 47.12
C ASN A 170 -3.13 1.56 47.73
N ALA A 171 -3.26 1.60 49.06
CA ALA A 171 -3.11 2.75 49.92
C ALA A 171 -1.82 3.51 49.63
N ASP A 172 -0.71 2.79 49.67
CA ASP A 172 0.62 3.40 49.58
C ASP A 172 1.38 2.97 48.33
N GLY A 173 0.71 2.24 47.42
CA GLY A 173 1.32 1.87 46.15
C GLY A 173 2.00 0.52 46.19
N HIS A 174 2.17 -0.04 47.40
CA HIS A 174 2.89 -1.29 47.59
C HIS A 174 1.99 -2.43 48.09
N ASP A 175 0.68 -2.32 47.94
CA ASP A 175 -0.19 -3.41 48.35
C ASP A 175 0.21 -4.69 47.64
N PRO A 176 0.34 -5.83 48.36
CA PRO A 176 0.91 -7.05 47.76
C PRO A 176 -0.03 -7.94 46.95
N PHE A 177 -1.31 -7.52 46.82
CA PHE A 177 -2.30 -8.35 46.11
C PHE A 177 -3.00 -7.59 45.00
N GLN A 178 -2.25 -6.71 44.31
CA GLN A 178 -2.78 -5.90 43.23
C GLN A 178 -3.03 -6.76 41.97
N MET A 179 -2.10 -7.64 41.68
CA MET A 179 -2.13 -8.48 40.50
C MET A 179 -2.14 -9.92 40.98
N GLN A 180 -3.31 -10.55 40.86
CA GLN A 180 -3.60 -11.84 41.47
C GLN A 180 -3.57 -13.01 40.47
N ALA A 181 -3.42 -14.20 41.07
CA ALA A 181 -3.49 -15.47 40.37
C ALA A 181 -4.21 -16.43 41.30
N TRP A 182 -5.31 -16.99 40.80
CA TRP A 182 -6.15 -17.91 41.56
C TRP A 182 -5.94 -19.36 41.12
N VAL A 183 -5.88 -20.27 42.10
CA VAL A 183 -5.92 -21.70 41.84
C VAL A 183 -6.85 -22.33 42.88
N GLN A 184 -7.75 -23.23 42.43
CA GLN A 184 -8.64 -23.92 43.35
C GLN A 184 -8.14 -25.33 43.59
N LYS A 185 -8.06 -25.78 44.84
CA LYS A 185 -7.77 -27.16 45.14
C LYS A 185 -8.68 -27.58 46.29
N GLY A 186 -9.49 -28.62 46.06
CA GLY A 186 -10.38 -29.05 47.10
C GLY A 186 -11.39 -27.94 47.30
N GLY A 187 -11.66 -27.59 48.54
CA GLY A 187 -12.65 -26.56 48.71
C GLY A 187 -12.08 -25.17 48.85
N THR A 188 -10.78 -24.99 48.51
CA THR A 188 -10.02 -23.77 48.82
C THR A 188 -9.53 -23.11 47.53
N ILE A 189 -9.62 -21.78 47.46
CA ILE A 189 -8.91 -21.01 46.45
C ILE A 189 -7.69 -20.39 47.11
N TYR A 190 -6.54 -20.67 46.53
CA TYR A 190 -5.33 -19.92 46.87
C TYR A 190 -5.20 -18.73 45.97
N VAL A 191 -4.96 -17.57 46.61
CA VAL A 191 -4.84 -16.31 45.93
C VAL A 191 -3.42 -15.77 46.08
N PHE A 192 -2.66 -15.90 44.99
CA PHE A 192 -1.33 -15.33 44.89
C PHE A 192 -1.48 -13.90 44.45
N GLY A 193 -0.50 -13.06 44.84
CA GLY A 193 -0.60 -11.67 44.52
C GLY A 193 0.81 -11.08 44.40
N THR A 194 0.93 -10.16 43.47
CA THR A 194 2.04 -9.23 43.41
C THR A 194 1.57 -7.81 43.61
N GLN A 195 2.51 -6.92 43.92
CA GLN A 195 2.29 -5.50 43.79
C GLN A 195 2.04 -5.17 42.31
N ASN A 196 1.65 -3.93 42.11
CA ASN A 196 1.55 -3.40 40.76
C ASN A 196 2.91 -3.44 40.07
N GLY A 197 2.91 -3.81 38.79
CA GLY A 197 4.16 -3.89 38.06
C GLY A 197 4.99 -5.12 38.40
N ARG A 198 6.23 -5.13 37.90
CA ARG A 198 6.97 -6.36 37.73
C ARG A 198 8.29 -6.37 38.49
N ASN A 199 8.38 -5.67 39.61
CA ASN A 199 9.66 -5.54 40.29
C ASN A 199 9.60 -6.03 41.72
N GLY A 200 8.47 -6.61 42.13
CA GLY A 200 8.24 -7.04 43.49
C GLY A 200 8.04 -8.54 43.60
N PRO A 201 7.86 -9.02 44.85
CA PRO A 201 7.68 -10.43 45.16
C PRO A 201 6.22 -10.89 45.13
N ALA A 202 6.00 -12.20 45.18
CA ALA A 202 4.65 -12.73 45.27
C ALA A 202 4.37 -13.18 46.71
N SER A 203 3.10 -12.95 47.09
CA SER A 203 2.53 -13.32 48.36
C SER A 203 1.39 -14.32 48.12
N VAL A 204 0.85 -14.91 49.17
CA VAL A 204 -0.27 -15.84 48.98
C VAL A 204 -1.22 -15.75 50.16
N ALA A 205 -2.50 -15.95 49.82
CA ALA A 205 -3.61 -16.02 50.73
C ALA A 205 -4.49 -17.18 50.32
N LYS A 206 -5.47 -17.51 51.16
CA LYS A 206 -6.37 -18.62 50.85
C LYS A 206 -7.74 -18.28 51.37
N VAL A 207 -8.78 -18.80 50.70
CA VAL A 207 -10.14 -18.43 51.04
C VAL A 207 -10.98 -19.66 50.66
N PRO A 208 -11.99 -20.01 51.45
CA PRO A 208 -12.95 -21.04 51.01
C PRO A 208 -13.54 -20.65 49.65
N ALA A 209 -13.63 -21.63 48.74
CA ALA A 209 -14.02 -21.33 47.36
C ALA A 209 -15.34 -20.57 47.32
N SER A 210 -16.24 -20.90 48.23
CA SER A 210 -17.56 -20.28 48.23
C SER A 210 -17.51 -18.89 48.82
N LYS A 211 -16.34 -18.39 49.25
CA LYS A 211 -16.35 -17.11 49.93
C LYS A 211 -15.40 -16.12 49.27
N LEU A 212 -15.14 -16.31 47.96
CA LEU A 212 -14.16 -15.50 47.26
C LEU A 212 -14.45 -14.00 47.33
N LEU A 213 -15.73 -13.58 47.38
CA LEU A 213 -16.05 -12.17 47.44
C LEU A 213 -15.95 -11.60 48.86
N ASP A 214 -15.74 -12.44 49.86
CA ASP A 214 -15.70 -11.99 51.25
C ASP A 214 -14.25 -11.88 51.71
N LYS A 215 -13.70 -10.65 51.71
CA LYS A 215 -12.30 -10.43 52.09
C LYS A 215 -11.98 -10.93 53.50
N SER A 216 -12.98 -10.98 54.38
CA SER A 216 -12.80 -11.31 55.78
C SER A 216 -12.60 -12.82 55.94
N ALA A 217 -12.92 -13.56 54.86
CA ALA A 217 -12.75 -15.01 54.87
C ALA A 217 -11.33 -15.37 54.41
N PHE A 218 -10.57 -14.40 53.90
CA PHE A 218 -9.19 -14.65 53.49
C PHE A 218 -8.25 -14.79 54.70
N ARG A 219 -7.28 -15.70 54.56
CA ARG A 219 -6.15 -15.78 55.47
C ARG A 219 -4.86 -15.69 54.67
N TYR A 220 -3.85 -15.02 55.23
CA TYR A 220 -2.65 -14.61 54.52
C TYR A 220 -1.46 -15.34 55.09
N TRP A 221 -0.64 -15.91 54.22
CA TRP A 221 0.52 -16.64 54.66
C TRP A 221 1.50 -15.62 55.22
N ASN A 222 1.87 -15.76 56.49
CA ASN A 222 2.70 -14.77 57.14
C ASN A 222 4.10 -15.32 57.42
N GLY A 223 4.42 -16.52 56.92
CA GLY A 223 5.78 -17.06 57.01
C GLY A 223 5.84 -18.10 58.13
N THR A 224 4.88 -18.05 59.02
CA THR A 224 4.74 -19.10 60.00
C THR A 224 3.39 -19.79 59.86
N ASP A 225 2.32 -19.01 59.67
CA ASP A 225 0.98 -19.57 59.63
C ASP A 225 0.11 -18.67 58.73
N TRP A 226 -1.23 -18.85 58.75
CA TRP A 226 -2.12 -18.11 57.87
C TRP A 226 -2.98 -17.18 58.74
N SER A 227 -2.83 -15.87 58.61
CA SER A 227 -3.47 -15.00 59.58
C SER A 227 -4.44 -14.04 58.91
N ARG A 228 -5.22 -13.33 59.75
CA ARG A 228 -6.33 -12.53 59.25
C ARG A 228 -5.86 -11.26 58.54
N LYS A 229 -4.73 -10.67 58.92
CA LYS A 229 -4.32 -9.36 58.44
C LYS A 229 -3.49 -9.48 57.17
N GLU A 230 -3.94 -8.75 56.13
CA GLU A 230 -3.25 -8.67 54.87
C GLU A 230 -1.84 -8.13 55.11
N SER A 231 -1.70 -7.19 56.07
CA SER A 231 -0.39 -6.58 56.29
C SER A 231 0.57 -7.56 56.96
N ASP A 232 0.14 -8.75 57.36
CA ASP A 232 1.05 -9.78 57.86
C ASP A 232 1.60 -10.67 56.75
N ALA A 233 1.06 -10.56 55.52
CA ALA A 233 1.50 -11.39 54.40
C ALA A 233 2.99 -11.22 54.16
N VAL A 234 3.71 -12.30 53.90
CA VAL A 234 5.10 -12.22 53.49
C VAL A 234 5.27 -12.87 52.13
N PRO A 235 6.36 -12.55 51.42
CA PRO A 235 6.64 -13.16 50.12
C PRO A 235 6.87 -14.64 50.24
N VAL A 236 6.35 -15.40 49.25
CA VAL A 236 6.64 -16.81 49.09
C VAL A 236 7.58 -17.05 47.92
N MET A 237 7.72 -16.08 47.01
CA MET A 237 8.64 -16.11 45.90
C MET A 237 9.28 -14.70 45.87
N ASP A 238 10.60 -14.63 45.86
CA ASP A 238 11.28 -13.34 45.78
C ASP A 238 10.97 -12.56 44.49
N ALA A 239 11.15 -11.24 44.61
CA ALA A 239 11.20 -10.31 43.51
C ALA A 239 12.34 -10.69 42.59
N PRO A 240 12.29 -10.37 41.28
CA PRO A 240 11.13 -9.74 40.64
C PRO A 240 10.19 -10.76 39.99
N MET A 241 8.88 -10.48 40.12
CA MET A 241 7.84 -11.31 39.58
C MET A 241 6.85 -10.37 38.91
N SER A 242 6.04 -10.94 38.01
CA SER A 242 5.10 -10.14 37.25
C SER A 242 3.68 -10.71 37.41
N GLU A 243 2.82 -10.41 36.43
CA GLU A 243 1.61 -11.18 36.18
C GLU A 243 1.98 -12.65 36.37
N MET A 244 1.06 -13.43 36.92
CA MET A 244 1.38 -14.81 37.28
C MET A 244 0.18 -15.70 36.95
N SER A 245 0.45 -16.99 36.86
CA SER A 245 -0.55 -18.03 36.70
C SER A 245 -0.14 -19.20 37.57
N VAL A 246 -1.09 -19.86 38.23
CA VAL A 246 -0.76 -20.97 39.09
C VAL A 246 -1.78 -22.04 38.80
N GLN A 247 -1.28 -23.26 38.56
CA GLN A 247 -2.12 -24.41 38.25
C GLN A 247 -1.72 -25.58 39.13
N TYR A 248 -2.73 -26.35 39.58
CA TYR A 248 -2.43 -27.55 40.33
C TYR A 248 -2.40 -28.69 39.33
N ASP A 249 -1.22 -29.31 39.23
CA ASP A 249 -0.96 -30.35 38.28
C ASP A 249 -1.02 -31.70 38.97
N ALA A 250 -2.10 -32.45 38.73
CA ALA A 250 -2.27 -33.74 39.41
C ALA A 250 -1.21 -34.73 38.97
N TYR A 251 -0.75 -34.59 37.74
CA TYR A 251 0.22 -35.49 37.17
C TYR A 251 1.46 -35.56 38.04
N SER A 252 1.96 -34.38 38.47
CA SER A 252 3.20 -34.27 39.22
C SER A 252 2.93 -34.02 40.71
N LYS A 253 1.66 -33.89 41.08
CA LYS A 253 1.22 -33.52 42.43
C LYS A 253 1.92 -32.25 42.90
N ARG A 254 2.03 -31.27 41.99
CA ARG A 254 2.66 -29.99 42.27
C ARG A 254 1.81 -28.85 41.75
N PHE A 255 1.84 -27.75 42.48
CA PHE A 255 1.47 -26.46 41.95
C PHE A 255 2.59 -26.01 41.03
N LEU A 256 2.18 -25.51 39.86
CA LEU A 256 3.07 -24.91 38.88
C LEU A 256 2.74 -23.43 38.83
N MET A 257 3.79 -22.60 38.76
CA MET A 257 3.62 -21.17 38.69
C MET A 257 4.41 -20.66 37.50
N MET A 258 3.78 -19.85 36.64
CA MET A 258 4.47 -19.23 35.53
C MET A 258 4.45 -17.73 35.71
N THR A 259 5.59 -17.10 35.37
CA THR A 259 5.68 -15.66 35.42
C THR A 259 6.91 -15.17 34.65
N LEU A 260 6.82 -13.93 34.20
CA LEU A 260 7.95 -13.15 33.74
C LEU A 260 8.72 -12.68 34.98
N SER A 261 9.95 -13.19 35.08
CA SER A 261 10.85 -12.80 36.15
C SER A 261 12.10 -12.20 35.53
N GLY A 262 12.19 -10.86 35.62
CA GLY A 262 13.28 -10.10 35.03
C GLY A 262 13.09 -10.11 33.52
N GLU A 263 13.91 -10.88 32.81
CA GLU A 263 13.81 -10.87 31.35
C GLU A 263 12.96 -12.02 30.81
N ASP A 264 12.97 -13.17 31.48
CA ASP A 264 12.44 -14.41 30.94
C ASP A 264 11.14 -14.84 31.62
N ILE A 265 10.30 -15.58 30.87
CA ILE A 265 9.20 -16.30 31.49
C ILE A 265 9.77 -17.59 32.08
N ILE A 266 9.51 -17.77 33.38
CA ILE A 266 9.99 -18.93 34.09
C ILE A 266 8.84 -19.72 34.68
N MET A 267 9.15 -20.96 35.08
CA MET A 267 8.23 -21.76 35.87
C MET A 267 8.90 -22.18 37.17
N ARG A 268 8.15 -22.18 38.28
CA ARG A 268 8.58 -22.84 39.50
C ARG A 268 7.49 -23.82 39.93
N THR A 269 7.83 -24.72 40.88
CA THR A 269 6.90 -25.75 41.33
C THR A 269 6.96 -25.84 42.86
N ALA A 270 5.87 -26.27 43.48
CA ALA A 270 5.79 -26.44 44.95
C ALA A 270 4.76 -27.50 45.29
N THR A 271 4.99 -28.23 46.39
CA THR A 271 4.01 -29.20 46.85
C THR A 271 2.92 -28.51 47.66
N ALA A 272 3.14 -27.27 48.09
CA ALA A 272 2.17 -26.50 48.84
C ALA A 272 2.23 -25.05 48.34
N PRO A 273 1.12 -24.28 48.41
CA PRO A 273 1.13 -22.93 47.83
C PRO A 273 2.12 -21.97 48.50
N GLU A 274 2.35 -22.19 49.80
CA GLU A 274 3.24 -21.32 50.52
C GLU A 274 4.69 -21.71 50.28
N GLY A 275 4.93 -22.81 49.56
CA GLY A 275 6.27 -23.19 49.16
C GLY A 275 6.68 -24.45 49.92
N PRO A 276 7.95 -24.87 49.90
CA PRO A 276 9.01 -24.13 49.21
C PRO A 276 8.85 -24.24 47.68
N TRP A 277 9.17 -23.16 46.98
CA TRP A 277 9.09 -23.10 45.53
C TRP A 277 10.47 -23.43 44.95
N THR A 278 10.47 -24.41 44.05
CA THR A 278 11.67 -24.91 43.42
C THR A 278 12.28 -23.84 42.53
N PRO A 279 13.58 -23.96 42.24
CA PRO A 279 14.23 -22.91 41.48
C PRO A 279 13.62 -22.70 40.07
N ALA A 280 13.71 -21.48 39.57
CA ALA A 280 13.15 -21.14 38.28
C ALA A 280 13.72 -22.02 37.17
N GLN A 281 12.80 -22.49 36.30
CA GLN A 281 13.16 -23.13 35.05
C GLN A 281 12.76 -22.19 33.90
N THR A 282 13.67 -21.98 32.94
CA THR A 282 13.33 -21.18 31.78
C THR A 282 12.14 -21.80 31.02
N VAL A 283 11.13 -20.96 30.74
CA VAL A 283 10.04 -21.36 29.85
C VAL A 283 10.27 -20.79 28.46
N ALA A 284 10.48 -19.47 28.44
CA ALA A 284 10.80 -18.81 27.22
C ALA A 284 11.73 -17.65 27.53
N SER A 285 12.78 -17.49 26.75
CA SER A 285 13.71 -16.41 27.01
C SER A 285 13.37 -15.17 26.17
N SER A 286 13.87 -14.03 26.65
CA SER A 286 13.67 -12.79 25.93
C SER A 286 14.50 -12.77 24.65
N THR A 287 15.59 -13.54 24.59
CA THR A 287 16.39 -13.66 23.37
C THR A 287 15.55 -14.27 22.26
N ASP A 288 14.82 -15.35 22.53
CA ASP A 288 14.04 -16.01 21.48
C ASP A 288 12.68 -15.36 21.26
N TYR A 289 12.12 -14.77 22.32
CA TYR A 289 10.80 -14.18 22.33
C TYR A 289 10.92 -12.79 22.93
N PRO A 290 11.45 -11.82 22.17
CA PRO A 290 11.67 -10.47 22.70
C PRO A 290 10.36 -9.79 23.11
N ALA A 291 10.40 -9.11 24.27
CA ALA A 291 9.28 -8.38 24.85
C ALA A 291 8.06 -9.29 25.04
N LEU A 292 8.36 -10.54 25.44
CA LEU A 292 7.34 -11.47 25.86
C LEU A 292 6.85 -11.06 27.23
N TYR A 293 5.59 -11.41 27.53
CA TYR A 293 5.03 -11.25 28.87
C TYR A 293 3.82 -12.17 29.00
N GLY A 294 3.19 -12.08 30.16
CA GLY A 294 2.08 -12.97 30.48
C GLY A 294 2.58 -14.38 30.74
N GLY A 295 1.81 -15.37 30.28
CA GLY A 295 2.10 -16.75 30.62
C GLY A 295 1.03 -17.32 31.54
N TYR A 296 -0.05 -17.81 30.91
CA TYR A 296 -1.18 -18.32 31.67
C TYR A 296 -1.47 -19.76 31.28
N PHE A 297 -1.59 -20.63 32.29
CA PHE A 297 -1.85 -22.02 32.04
C PHE A 297 -3.25 -22.26 31.48
N HIS A 298 -3.32 -23.17 30.51
CA HIS A 298 -4.62 -23.66 30.05
C HIS A 298 -5.23 -24.56 31.11
N PRO A 299 -6.50 -24.37 31.51
CA PRO A 299 -7.04 -25.22 32.60
C PRO A 299 -7.26 -26.70 32.26
N TRP A 300 -7.16 -27.10 30.98
CA TRP A 300 -7.33 -28.52 30.63
C TRP A 300 -6.00 -29.24 30.42
N ASN A 301 -4.90 -28.65 30.87
CA ASN A 301 -3.63 -29.33 30.90
C ASN A 301 -3.71 -30.61 31.73
N LYS A 302 -3.08 -31.65 31.22
CA LYS A 302 -3.02 -32.93 31.93
C LYS A 302 -1.95 -33.81 31.31
N ASP A 303 -1.59 -34.86 32.08
CA ASP A 303 -0.69 -35.91 31.61
C ASP A 303 0.70 -35.38 31.31
N GLY A 304 1.11 -34.26 31.93
CA GLY A 304 2.42 -33.70 31.67
C GLY A 304 2.44 -32.71 30.49
N GLU A 305 1.34 -32.55 29.76
CA GLU A 305 1.26 -31.59 28.67
C GLU A 305 0.82 -30.24 29.27
N ILE A 306 1.65 -29.21 29.07
CA ILE A 306 1.39 -27.89 29.63
C ILE A 306 1.25 -26.86 28.50
N TYR A 307 0.00 -26.52 28.19
CA TYR A 307 -0.31 -25.43 27.26
C TYR A 307 -0.47 -24.15 28.05
N PHE A 308 -0.09 -23.06 27.41
CA PHE A 308 -0.20 -21.76 28.05
C PHE A 308 -0.25 -20.68 26.99
N THR A 309 -0.78 -19.52 27.38
CA THR A 309 -0.83 -18.34 26.52
C THR A 309 0.32 -17.41 26.85
N MET A 310 0.92 -16.88 25.80
CA MET A 310 2.03 -15.94 25.93
C MET A 310 1.71 -14.75 25.07
N SER A 311 1.98 -13.57 25.64
CA SER A 311 1.86 -12.30 24.94
C SER A 311 3.22 -11.81 24.44
N GLN A 312 3.20 -10.94 23.42
CA GLN A 312 4.45 -10.37 22.95
C GLN A 312 4.19 -8.97 22.41
N TRP A 313 5.05 -8.01 22.84
CA TRP A 313 4.73 -6.62 22.65
C TRP A 313 4.61 -6.25 21.17
N ASN A 314 5.62 -6.50 20.32
CA ASN A 314 5.61 -5.89 19.00
C ASN A 314 4.43 -6.38 18.15
N PRO A 315 4.14 -7.69 18.09
CA PRO A 315 2.92 -8.15 17.44
C PRO A 315 1.62 -7.87 18.18
N TYR A 316 1.76 -7.51 19.48
CA TYR A 316 0.66 -7.18 20.40
C TYR A 316 -0.51 -8.14 20.19
N ASN A 317 -0.27 -9.43 20.43
CA ASN A 317 -1.28 -10.46 20.28
C ASN A 317 -0.82 -11.66 21.10
N VAL A 318 -1.69 -12.67 21.19
CA VAL A 318 -1.52 -13.76 22.11
C VAL A 318 -1.29 -15.04 21.34
N TYR A 319 -0.29 -15.81 21.81
CA TYR A 319 0.09 -17.07 21.20
C TYR A 319 -0.16 -18.22 22.18
N LEU A 320 -0.68 -19.33 21.64
CA LEU A 320 -0.71 -20.57 22.40
C LEU A 320 0.64 -21.25 22.28
N MET A 321 1.15 -21.70 23.43
CA MET A 321 2.47 -22.29 23.59
C MET A 321 2.28 -23.64 24.29
N ARG A 322 3.28 -24.50 24.19
CA ARG A 322 3.27 -25.76 24.88
C ARG A 322 4.66 -26.12 25.40
N LEU A 323 4.67 -26.85 26.51
CA LEU A 323 5.88 -27.50 27.00
C LEU A 323 5.45 -28.77 27.70
N ARG A 324 6.43 -29.59 28.05
CA ARG A 324 6.14 -30.87 28.68
C ARG A 324 6.91 -30.97 30.00
N ILE A 325 6.27 -31.57 31.00
CA ILE A 325 6.95 -31.86 32.25
C ILE A 325 6.92 -33.35 32.55
N ASP A 326 7.87 -33.79 33.40
CA ASP A 326 7.82 -35.12 33.99
C ASP A 326 7.06 -35.10 35.31
N ARG A 327 7.04 -36.25 36.02
CA ARG A 327 6.21 -36.40 37.22
C ARG A 327 6.76 -35.65 38.42
N ASP A 328 7.96 -35.10 38.26
CA ASP A 328 8.61 -34.25 39.25
C ASP A 328 8.43 -32.76 38.95
N GLY A 329 7.78 -32.41 37.83
CA GLY A 329 7.61 -31.01 37.45
C GLY A 329 8.81 -30.39 36.73
N ASN A 330 9.79 -31.22 36.32
CA ASN A 330 10.89 -30.75 35.52
C ASN A 330 10.46 -30.67 34.06
N ILE A 331 10.83 -29.57 33.36
CA ILE A 331 10.56 -29.50 31.92
C ILE A 331 11.38 -30.57 31.22
N ILE A 332 10.76 -31.32 30.31
CA ILE A 332 11.43 -32.34 29.51
C ILE A 332 11.03 -32.17 28.05
N ASP A 333 11.70 -32.92 27.16
CA ASP A 333 11.40 -32.95 25.72
C ASP A 333 11.35 -31.53 25.16
N PRO A 334 12.38 -30.69 25.44
CA PRO A 334 12.41 -29.32 24.95
C PRO A 334 12.51 -29.26 23.43
N ASN A 335 12.11 -28.12 22.88
CA ASN A 335 12.42 -27.87 21.48
C ASN A 335 13.91 -28.08 21.24
N LEU A 336 14.28 -28.99 20.33
CA LEU A 336 15.69 -29.25 20.06
C LEU A 336 16.29 -28.34 18.96
N VAL A 337 15.44 -27.57 18.28
CA VAL A 337 15.86 -26.61 17.28
C VAL A 337 16.51 -25.41 17.98
N THR A 338 17.70 -25.08 17.50
CA THR A 338 18.43 -23.94 18.02
C THR A 338 17.96 -22.66 17.29
N ASP A 339 17.82 -21.56 18.04
CA ASP A 339 17.38 -20.31 17.47
C ASP A 339 16.06 -20.48 16.69
N ALA A 340 15.05 -21.07 17.36
CA ALA A 340 13.81 -21.51 16.77
C ALA A 340 13.04 -20.36 16.10
N SER A 341 13.21 -19.14 16.62
CA SER A 341 12.44 -17.99 16.15
C SER A 341 13.30 -17.03 15.33
N PHE A 342 14.54 -17.45 15.04
CA PHE A 342 15.49 -16.71 14.20
C PHE A 342 15.92 -15.41 14.85
N GLU A 343 15.62 -15.21 16.15
CA GLU A 343 15.82 -13.93 16.77
C GLU A 343 17.30 -13.72 17.16
N ARG A 344 18.09 -14.80 17.22
CA ARG A 344 19.44 -14.70 17.78
C ARG A 344 20.50 -14.20 16.80
N SER A 345 20.24 -14.24 15.49
CA SER A 345 21.19 -13.77 14.48
C SER A 345 20.44 -12.98 13.44
N THR A 346 21.18 -12.12 12.72
CA THR A 346 20.65 -11.40 11.58
C THR A 346 21.23 -11.96 10.30
N THR A 347 22.02 -13.03 10.41
CA THR A 347 22.46 -13.74 9.22
C THR A 347 22.40 -15.25 9.42
N LEU A 348 22.55 -15.95 8.30
CA LEU A 348 22.59 -17.40 8.32
C LEU A 348 23.99 -17.95 8.62
N GLY A 349 24.01 -19.19 9.11
CA GLY A 349 25.23 -19.95 9.37
C GLY A 349 25.42 -21.01 8.29
N ASP A 350 26.02 -22.16 8.65
CA ASP A 350 26.26 -23.22 7.69
C ASP A 350 25.37 -24.44 7.99
N GLY A 351 24.46 -24.32 8.96
CA GLY A 351 23.49 -25.38 9.21
C GLY A 351 24.00 -26.37 10.26
N THR A 352 25.25 -26.17 10.72
CA THR A 352 25.83 -27.03 11.74
C THR A 352 25.92 -26.27 13.05
N ASN A 353 26.17 -27.02 14.15
CA ASN A 353 26.57 -26.41 15.40
C ASN A 353 25.45 -25.50 15.93
N GLY A 354 24.21 -25.87 15.64
CA GLY A 354 23.06 -25.08 16.06
C GLY A 354 22.84 -23.79 15.25
N THR A 355 23.18 -23.81 13.97
CA THR A 355 22.97 -22.67 13.09
C THR A 355 22.04 -23.12 11.95
N TRP A 356 21.33 -22.13 11.41
CA TRP A 356 20.55 -22.30 10.19
C TRP A 356 21.41 -22.03 8.96
N ALA A 357 21.00 -22.68 7.87
CA ALA A 357 21.60 -22.52 6.56
C ALA A 357 20.50 -22.34 5.55
N ALA A 358 20.86 -21.76 4.40
CA ALA A 358 19.88 -21.70 3.33
C ALA A 358 20.56 -21.55 1.97
N LYS A 359 19.86 -21.94 0.92
CA LYS A 359 20.33 -21.68 -0.42
C LYS A 359 20.17 -20.20 -0.76
N PRO A 360 20.93 -19.68 -1.75
CA PRO A 360 20.62 -18.38 -2.35
C PRO A 360 19.20 -18.31 -2.94
N ASN A 361 18.49 -17.18 -2.83
CA ASN A 361 18.85 -16.00 -2.03
C ASN A 361 18.05 -16.03 -0.72
N SER A 362 18.74 -15.85 0.39
CA SER A 362 18.12 -16.12 1.68
C SER A 362 18.70 -15.21 2.74
N GLY A 363 18.02 -15.15 3.88
CA GLY A 363 18.52 -14.28 4.92
C GLY A 363 17.51 -14.23 6.05
N ILE A 364 17.71 -13.26 6.91
CA ILE A 364 16.82 -13.06 8.04
C ILE A 364 16.19 -11.70 7.85
N ASP A 365 14.86 -11.62 7.74
CA ASP A 365 14.17 -10.35 7.77
C ASP A 365 14.08 -9.91 9.22
N ASN A 366 14.36 -8.61 9.46
CA ASN A 366 14.56 -8.05 10.80
C ASN A 366 13.88 -6.69 10.89
N ALA A 367 12.71 -6.59 11.53
CA ALA A 367 12.02 -5.32 11.70
C ALA A 367 10.97 -5.54 12.79
N PRO A 368 10.43 -4.47 13.42
CA PRO A 368 9.47 -4.65 14.51
C PRO A 368 8.28 -5.48 14.02
N ALA A 369 8.07 -6.61 14.67
CA ALA A 369 7.00 -7.56 14.40
C ALA A 369 7.07 -8.15 13.00
N ALA A 370 8.28 -8.26 12.43
CA ALA A 370 8.42 -8.91 11.13
C ALA A 370 8.23 -10.42 11.25
N GLY A 371 8.52 -10.98 12.43
CA GLY A 371 8.37 -12.39 12.60
C GLY A 371 6.92 -12.82 12.65
N PHE A 372 6.73 -14.15 12.55
CA PHE A 372 5.48 -14.72 13.04
C PHE A 372 5.32 -14.34 14.52
N THR A 373 6.43 -14.55 15.26
CA THR A 373 6.66 -13.94 16.55
C THR A 373 8.01 -13.25 16.47
N GLY A 374 8.13 -12.23 17.31
CA GLY A 374 9.37 -11.48 17.39
C GLY A 374 9.61 -10.63 16.16
N ASP A 375 10.88 -10.21 16.03
CA ASP A 375 11.26 -9.25 14.99
C ASP A 375 12.00 -9.91 13.84
N HIS A 376 12.23 -11.23 13.91
CA HIS A 376 12.96 -11.91 12.86
C HIS A 376 12.19 -13.14 12.35
N ARG A 377 12.41 -13.37 11.06
CA ARG A 377 11.98 -14.56 10.36
C ARG A 377 13.05 -14.85 9.30
N ALA A 378 13.11 -16.08 8.85
CA ALA A 378 13.97 -16.45 7.75
C ALA A 378 13.18 -16.38 6.45
N PHE A 379 13.91 -16.17 5.35
CA PHE A 379 13.35 -16.24 4.01
C PHE A 379 14.34 -16.91 3.07
N VAL A 380 13.77 -17.47 2.00
CA VAL A 380 14.51 -17.93 0.85
C VAL A 380 13.68 -17.53 -0.36
N ARG A 381 14.39 -17.12 -1.41
CA ARG A 381 13.74 -16.61 -2.60
C ARG A 381 14.66 -16.82 -3.79
N TYR A 382 14.10 -17.33 -4.88
CA TYR A 382 14.85 -17.44 -6.13
C TYR A 382 13.89 -17.67 -7.26
N ASN A 383 14.43 -17.88 -8.47
CA ASN A 383 13.60 -18.09 -9.64
C ASN A 383 14.12 -19.27 -10.43
N SER A 384 14.73 -20.22 -9.75
CA SER A 384 15.18 -21.44 -10.39
C SER A 384 15.53 -22.48 -9.33
N GLY A 385 14.97 -23.68 -9.46
CA GLY A 385 15.43 -24.82 -8.67
C GLY A 385 14.84 -24.86 -7.26
N TRP A 386 15.32 -25.83 -6.49
CA TRP A 386 14.88 -26.08 -5.13
C TRP A 386 15.63 -25.18 -4.15
N ARG A 387 14.89 -24.46 -3.31
CA ARG A 387 15.50 -23.45 -2.46
C ARG A 387 14.96 -23.57 -1.03
N ASP A 388 15.86 -23.87 -0.11
CA ASP A 388 15.44 -24.27 1.22
C ASP A 388 16.27 -23.61 2.30
N ILE A 389 15.77 -23.82 3.55
CA ILE A 389 16.31 -23.35 4.80
C ILE A 389 16.37 -24.57 5.70
N TRP A 390 17.48 -24.82 6.39
CA TRP A 390 17.58 -26.07 7.15
C TRP A 390 18.50 -25.93 8.33
N GLN A 391 18.35 -26.85 9.29
CA GLN A 391 19.25 -26.91 10.43
C GLN A 391 19.45 -28.38 10.81
N ASP A 392 20.71 -28.70 11.09
CA ASP A 392 21.05 -30.04 11.59
C ASP A 392 20.70 -30.10 13.08
N VAL A 393 19.96 -31.13 13.48
CA VAL A 393 19.53 -31.27 14.86
C VAL A 393 19.91 -32.67 15.33
N ALA A 394 20.56 -32.70 16.50
CA ALA A 394 20.85 -33.96 17.20
C ALA A 394 19.57 -34.59 17.75
N VAL A 395 19.42 -35.89 17.51
CA VAL A 395 18.26 -36.63 17.96
C VAL A 395 18.71 -37.95 18.60
N GLU A 396 17.76 -38.59 19.29
CA GLU A 396 17.99 -39.90 19.88
C GLU A 396 17.51 -40.94 18.89
N ARG A 397 18.41 -41.83 18.50
CA ARG A 397 18.02 -42.85 17.55
C ARG A 397 16.81 -43.60 18.08
N GLY A 398 15.90 -43.92 17.18
CA GLY A 398 14.74 -44.74 17.55
C GLY A 398 13.58 -43.93 18.13
N ALA A 399 13.77 -42.64 18.43
CA ALA A 399 12.70 -41.88 19.05
C ALA A 399 11.85 -41.28 17.95
N LYS A 400 10.58 -41.06 18.28
CA LYS A 400 9.64 -40.42 17.41
C LYS A 400 9.65 -38.92 17.71
N TYR A 401 9.54 -38.11 16.65
CA TYR A 401 9.54 -36.66 16.81
C TYR A 401 8.34 -35.99 16.13
N ARG A 402 8.07 -34.78 16.65
CA ARG A 402 7.11 -33.86 16.10
C ARG A 402 7.80 -32.55 15.70
N LEU A 403 7.65 -32.21 14.42
CA LEU A 403 8.22 -31.02 13.81
C LEU A 403 7.08 -30.09 13.45
N THR A 404 7.06 -28.91 14.05
CA THR A 404 6.10 -27.88 13.69
C THR A 404 6.86 -26.63 13.29
N GLY A 405 6.27 -25.86 12.37
CA GLY A 405 6.85 -24.57 12.01
C GLY A 405 5.82 -23.74 11.26
N PHE A 406 6.06 -22.44 11.22
CA PHE A 406 5.11 -21.52 10.63
C PHE A 406 5.75 -20.99 9.36
N LEU A 407 4.99 -21.01 8.27
CA LEU A 407 5.54 -20.48 7.03
C LEU A 407 4.45 -19.85 6.20
N ARG A 408 4.88 -19.05 5.23
CA ARG A 408 4.03 -18.49 4.20
C ARG A 408 4.89 -18.29 2.96
N THR A 409 4.19 -18.10 1.84
CA THR A 409 4.84 -17.98 0.56
C THR A 409 4.27 -16.81 -0.24
N SER A 410 5.03 -16.42 -1.26
CA SER A 410 4.52 -15.63 -2.36
C SER A 410 3.31 -16.31 -2.97
N VAL A 411 2.42 -15.50 -3.53
CA VAL A 411 1.16 -16.01 -4.01
C VAL A 411 1.40 -17.00 -5.17
N ASN A 412 2.48 -16.84 -5.90
CA ASN A 412 2.78 -17.64 -7.09
C ASN A 412 3.56 -18.92 -6.77
N SER A 413 3.77 -19.21 -5.49
CA SER A 413 4.39 -20.47 -5.11
C SER A 413 3.48 -21.64 -5.51
N ASP A 414 4.07 -22.70 -6.05
CA ASP A 414 3.30 -23.85 -6.49
C ASP A 414 3.69 -25.16 -5.82
N ASN A 415 4.89 -25.27 -5.28
CA ASN A 415 5.31 -26.51 -4.64
C ASN A 415 6.43 -26.27 -3.64
N GLY A 416 6.10 -26.50 -2.37
CA GLY A 416 7.07 -26.47 -1.31
C GLY A 416 6.94 -27.67 -0.39
N PHE A 417 7.98 -27.86 0.38
CA PHE A 417 8.02 -28.93 1.34
C PHE A 417 8.55 -28.45 2.67
N PHE A 418 8.05 -29.13 3.71
CA PHE A 418 8.51 -28.92 5.06
C PHE A 418 8.62 -30.28 5.76
N GLY A 419 9.74 -30.50 6.44
CA GLY A 419 9.96 -31.81 7.02
C GLY A 419 11.31 -32.01 7.63
N ALA A 420 11.61 -33.30 7.77
CA ALA A 420 12.91 -33.73 8.24
C ALA A 420 13.51 -34.68 7.21
N ARG A 421 14.83 -34.58 7.04
CA ARG A 421 15.57 -35.44 6.12
C ARG A 421 16.88 -35.88 6.79
N THR A 422 17.56 -36.84 6.16
CA THR A 422 18.91 -37.24 6.59
C THR A 422 19.88 -36.12 6.27
N LEU A 423 21.04 -36.16 6.88
CA LEU A 423 22.09 -35.19 6.58
C LEU A 423 22.57 -35.32 5.13
N ASP A 424 22.30 -36.46 4.49
CA ASP A 424 22.51 -36.67 3.06
C ASP A 424 21.41 -36.12 2.18
N GLY A 425 20.30 -35.68 2.77
CA GLY A 425 19.28 -35.05 1.97
C GLY A 425 18.12 -35.96 1.63
N VAL A 426 18.03 -37.15 2.22
CA VAL A 426 16.94 -38.05 1.90
C VAL A 426 15.77 -37.77 2.86
N PRO A 427 14.57 -37.35 2.38
CA PRO A 427 13.46 -37.10 3.30
C PRO A 427 13.06 -38.29 4.17
N ILE A 428 12.77 -38.00 5.45
CA ILE A 428 12.31 -38.98 6.42
C ILE A 428 10.81 -38.83 6.54
N GLY A 429 10.36 -37.60 6.80
CA GLY A 429 8.94 -37.31 6.82
C GLY A 429 8.79 -35.87 6.36
N GLU A 430 7.83 -35.64 5.50
CA GLU A 430 7.63 -34.27 5.04
C GLU A 430 6.21 -34.09 4.58
N ILE A 431 5.80 -32.80 4.45
CA ILE A 431 4.55 -32.43 3.81
C ILE A 431 4.83 -31.53 2.61
N ASN A 432 3.79 -31.40 1.77
CA ASN A 432 3.84 -30.64 0.53
C ASN A 432 2.80 -29.52 0.59
N PHE A 433 3.25 -28.26 0.48
CA PHE A 433 2.34 -27.12 0.37
C PHE A 433 2.48 -26.48 -1.00
N HIS A 434 1.53 -25.58 -1.34
CA HIS A 434 1.55 -24.96 -2.66
C HIS A 434 1.78 -23.47 -2.45
N SER A 435 0.64 -22.75 -2.30
CA SER A 435 0.64 -21.32 -2.08
C SER A 435 0.03 -21.06 -0.72
N VAL A 436 0.74 -20.31 0.13
CA VAL A 436 0.35 -20.19 1.51
C VAL A 436 0.27 -18.71 1.84
N GLY A 437 -0.94 -18.22 2.13
CA GLY A 437 -1.18 -16.79 2.30
C GLY A 437 -0.88 -16.33 3.71
N ALA A 438 -1.76 -16.71 4.61
CA ALA A 438 -1.55 -16.49 6.03
C ALA A 438 -0.34 -17.28 6.52
N TRP A 439 0.37 -16.75 7.52
CA TRP A 439 1.27 -17.62 8.27
C TRP A 439 0.47 -18.87 8.65
N THR A 440 0.99 -20.06 8.37
CA THR A 440 0.27 -21.32 8.54
C THR A 440 1.24 -22.30 9.18
N ARG A 441 0.78 -22.98 10.23
CA ARG A 441 1.59 -24.00 10.84
C ARG A 441 1.45 -25.31 10.04
N PHE A 442 2.61 -25.94 9.81
CA PHE A 442 2.65 -27.30 9.28
C PHE A 442 3.23 -28.19 10.36
N THR A 443 2.80 -29.46 10.33
CA THR A 443 3.09 -30.42 11.38
C THR A 443 3.47 -31.75 10.74
N VAL A 444 4.60 -32.27 11.15
CA VAL A 444 5.11 -33.52 10.62
C VAL A 444 5.58 -34.37 11.80
N GLU A 445 5.05 -35.60 11.92
CA GLU A 445 5.57 -36.53 12.91
C GLU A 445 6.29 -37.67 12.17
N PHE A 446 7.44 -38.06 12.68
CA PHE A 446 8.27 -39.03 11.99
C PHE A 446 9.09 -39.76 13.03
N ASP A 447 9.60 -40.91 12.61
CA ASP A 447 10.56 -41.67 13.36
C ASP A 447 11.96 -41.22 12.99
N ALA A 448 12.79 -40.86 13.98
CA ALA A 448 14.17 -40.48 13.69
C ALA A 448 14.91 -41.64 13.04
N GLY A 449 14.52 -42.87 13.41
CA GLY A 449 15.16 -44.05 12.85
C GLY A 449 16.55 -44.23 13.42
N ASP A 450 17.40 -44.94 12.65
CA ASP A 450 18.70 -45.37 13.13
C ASP A 450 19.74 -44.32 12.79
N ARG A 451 19.67 -43.17 13.48
CA ARG A 451 20.59 -42.07 13.20
C ARG A 451 20.58 -41.10 14.39
N ASP A 452 21.66 -40.33 14.52
CA ASP A 452 21.86 -39.47 15.68
C ASP A 452 21.59 -38.02 15.30
N ALA A 453 21.21 -37.75 14.03
CA ALA A 453 20.88 -36.37 13.63
C ALA A 453 19.98 -36.39 12.40
N VAL A 454 19.16 -35.35 12.30
CA VAL A 454 18.39 -35.08 11.11
C VAL A 454 18.57 -33.61 10.76
N GLN A 455 18.11 -33.30 9.55
CA GLN A 455 18.04 -31.95 9.04
C GLN A 455 16.57 -31.58 8.99
N VAL A 456 16.16 -30.58 9.78
CA VAL A 456 14.82 -30.02 9.63
C VAL A 456 14.92 -28.94 8.56
N PHE A 457 13.89 -28.84 7.74
CA PHE A 457 13.93 -27.93 6.61
C PHE A 457 12.55 -27.49 6.17
N GLY A 458 12.56 -26.36 5.47
CA GLY A 458 11.43 -25.88 4.70
C GLY A 458 11.96 -25.25 3.41
N GLY A 459 11.27 -25.48 2.31
CA GLY A 459 11.72 -24.91 1.05
C GLY A 459 10.62 -24.84 0.01
N VAL A 460 10.95 -24.15 -1.10
CA VAL A 460 10.11 -24.00 -2.25
C VAL A 460 10.89 -24.36 -3.50
N TRP A 461 10.19 -25.02 -4.42
CA TRP A 461 10.54 -25.02 -5.83
C TRP A 461 10.29 -23.64 -6.44
N THR A 462 11.28 -23.15 -7.22
CA THR A 462 11.26 -21.81 -7.81
C THR A 462 11.41 -21.84 -9.34
N ASN A 463 11.20 -23.03 -9.93
CA ASN A 463 11.24 -23.14 -11.40
C ASN A 463 10.19 -22.27 -12.04
N SER A 464 9.06 -22.04 -11.37
CA SER A 464 7.93 -21.40 -12.02
C SER A 464 8.00 -19.89 -12.02
N GLY A 465 8.88 -19.32 -11.22
CA GLY A 465 8.97 -17.86 -11.20
C GLY A 465 9.68 -17.42 -9.94
N ASP A 466 9.68 -16.10 -9.77
CA ASP A 466 10.26 -15.43 -8.62
C ASP A 466 9.36 -15.74 -7.44
N ILE A 467 9.85 -16.69 -6.63
CA ILE A 467 9.08 -17.25 -5.53
C ILE A 467 9.84 -17.21 -4.22
N TRP A 468 9.11 -16.88 -3.15
CA TRP A 468 9.69 -16.81 -1.83
C TRP A 468 8.85 -17.57 -0.81
N MET A 469 9.56 -17.99 0.23
CA MET A 469 8.98 -18.57 1.43
C MET A 469 9.59 -17.89 2.66
N GLN A 470 8.75 -17.65 3.67
CA GLN A 470 9.23 -17.15 4.95
C GLN A 470 8.95 -18.24 5.98
N LEU A 471 9.78 -18.27 7.03
CA LEU A 471 9.73 -19.31 8.05
C LEU A 471 10.01 -18.76 9.43
N ASP A 472 9.30 -19.29 10.44
CA ASP A 472 9.52 -18.92 11.83
C ASP A 472 9.03 -20.01 12.78
N ASP A 473 9.64 -19.99 13.97
CA ASP A 473 9.18 -20.67 15.17
C ASP A 473 9.13 -22.18 14.96
N VAL A 474 10.21 -22.72 14.42
CA VAL A 474 10.33 -24.13 14.14
C VAL A 474 10.65 -24.88 15.43
N SER A 475 9.95 -26.01 15.62
CA SER A 475 10.10 -26.81 16.83
C SER A 475 10.24 -28.27 16.44
N LEU A 476 11.19 -28.95 17.07
CA LEU A 476 11.31 -30.39 16.99
C LEU A 476 11.29 -30.93 18.42
N THR A 477 10.27 -31.70 18.74
CA THR A 477 10.15 -32.25 20.08
C THR A 477 9.80 -33.74 20.00
N LYS A 478 10.26 -34.44 21.04
CA LYS A 478 10.09 -35.87 21.17
C LYS A 478 8.61 -36.13 21.38
N VAL A 479 8.13 -37.20 20.75
CA VAL A 479 6.76 -37.67 20.93
C VAL A 479 6.79 -38.72 22.05
N ARG A 480 5.81 -38.75 22.95
CA ARG A 480 5.74 -39.80 23.98
C ARG A 480 4.60 -40.77 23.69
N THR B 2 -35.41 -14.71 -12.32
CA THR B 2 -36.61 -13.85 -12.44
C THR B 2 -36.49 -12.65 -11.50
N THR B 3 -37.40 -11.70 -11.70
CA THR B 3 -37.47 -10.49 -10.90
C THR B 3 -38.34 -10.72 -9.66
N SER B 4 -38.72 -11.98 -9.36
CA SER B 4 -39.50 -12.20 -8.15
C SER B 4 -38.73 -11.71 -6.93
N ARG B 5 -39.47 -11.40 -5.88
CA ARG B 5 -38.89 -10.93 -4.63
C ARG B 5 -38.21 -12.11 -3.94
N THR B 6 -37.09 -11.83 -3.25
CA THR B 6 -36.38 -12.86 -2.51
C THR B 6 -36.81 -12.76 -1.05
N PRO B 7 -37.56 -13.74 -0.46
CA PRO B 7 -37.89 -13.64 0.95
C PRO B 7 -36.75 -13.94 1.93
N ALA B 8 -35.74 -14.69 1.45
CA ALA B 8 -34.64 -15.18 2.28
C ALA B 8 -33.65 -14.07 2.65
N THR B 9 -33.01 -14.29 3.81
CA THR B 9 -32.07 -13.39 4.45
C THR B 9 -30.68 -14.02 4.42
N VAL B 10 -29.68 -13.23 4.05
CA VAL B 10 -28.30 -13.68 4.13
C VAL B 10 -27.88 -13.63 5.61
N VAL B 11 -27.33 -14.74 6.12
CA VAL B 11 -26.91 -14.85 7.50
C VAL B 11 -25.39 -14.64 7.67
N GLU B 12 -24.57 -15.22 6.80
CA GLU B 12 -23.12 -15.24 6.96
C GLU B 12 -22.49 -15.76 5.68
N LYS B 13 -21.31 -15.26 5.35
CA LYS B 13 -20.49 -15.92 4.35
C LYS B 13 -19.68 -17.00 5.08
N LEU B 14 -19.82 -18.27 4.66
CA LEU B 14 -19.23 -19.38 5.40
C LEU B 14 -17.79 -19.68 4.97
N THR B 15 -17.47 -19.41 3.71
CA THR B 15 -16.19 -19.77 3.13
C THR B 15 -15.57 -18.57 2.40
N GLY B 16 -14.25 -18.54 2.36
CA GLY B 16 -13.54 -17.67 1.46
C GLY B 16 -13.26 -16.31 2.09
N PRO B 17 -12.86 -15.32 1.25
CA PRO B 17 -12.43 -14.01 1.76
C PRO B 17 -13.54 -13.37 2.55
N ASP B 18 -13.14 -12.85 3.72
CA ASP B 18 -13.96 -12.17 4.72
CA ASP B 18 -14.04 -12.16 4.64
C ASP B 18 -14.90 -13.10 5.49
N ALA B 19 -14.93 -14.40 5.19
CA ALA B 19 -15.80 -15.27 5.98
C ALA B 19 -15.34 -15.31 7.45
N PRO B 20 -16.24 -15.14 8.43
CA PRO B 20 -15.87 -15.33 9.84
C PRO B 20 -15.07 -16.62 10.09
N ASN B 21 -15.49 -17.70 9.42
CA ASN B 21 -14.84 -18.99 9.60
C ASN B 21 -13.35 -18.99 9.24
N ASN B 22 -12.92 -18.10 8.38
CA ASN B 22 -11.52 -18.05 7.95
C ASN B 22 -11.08 -19.45 7.46
N THR B 23 -11.88 -20.00 6.54
CA THR B 23 -11.52 -21.27 5.90
C THR B 23 -10.25 -21.11 5.06
N TRP B 24 -10.04 -19.90 4.52
CA TRP B 24 -8.86 -19.59 3.73
C TRP B 24 -7.58 -19.76 4.59
N GLY B 25 -7.52 -19.07 5.73
CA GLY B 25 -6.32 -19.14 6.54
C GLY B 25 -6.18 -20.51 7.22
N ARG B 26 -7.30 -21.09 7.65
CA ARG B 26 -7.18 -22.31 8.45
C ARG B 26 -6.79 -23.51 7.57
N TRP B 27 -7.34 -23.56 6.35
CA TRP B 27 -7.48 -24.80 5.61
C TRP B 27 -7.25 -24.59 4.11
N ASP B 28 -6.75 -23.40 3.71
CA ASP B 28 -6.60 -23.09 2.29
C ASP B 28 -7.87 -23.37 1.49
N ILE B 29 -9.01 -23.02 2.07
CA ILE B 29 -10.28 -23.06 1.38
C ILE B 29 -10.65 -21.61 1.11
N LYS B 30 -10.21 -21.14 -0.07
CA LYS B 30 -10.35 -19.75 -0.43
C LYS B 30 -11.60 -19.55 -1.25
N ALA B 31 -12.02 -20.57 -2.02
CA ALA B 31 -13.18 -20.47 -2.88
C ALA B 31 -13.70 -21.88 -3.18
N THR B 32 -15.01 -22.05 -3.12
CA THR B 32 -15.59 -23.38 -3.08
C THR B 32 -17.07 -23.26 -3.28
N ASP B 33 -17.77 -24.40 -3.36
CA ASP B 33 -19.22 -24.31 -3.55
C ASP B 33 -19.93 -25.51 -2.94
N LEU B 34 -21.26 -25.36 -2.91
CA LEU B 34 -22.28 -26.32 -2.49
C LEU B 34 -22.53 -26.25 -0.98
N GLY B 35 -21.66 -26.85 -0.14
CA GLY B 35 -21.91 -26.87 1.30
C GLY B 35 -23.09 -27.78 1.64
N ILE B 36 -22.94 -29.06 1.33
CA ILE B 36 -23.95 -30.09 1.52
C ILE B 36 -23.81 -30.64 2.93
N MET B 37 -24.87 -30.58 3.71
CA MET B 37 -24.79 -30.79 5.15
C MET B 37 -25.55 -32.04 5.58
N TRP B 38 -25.04 -32.71 6.62
CA TRP B 38 -25.81 -33.78 7.24
C TRP B 38 -25.34 -33.96 8.68
N ASP B 39 -26.27 -34.53 9.46
CA ASP B 39 -26.07 -34.88 10.86
C ASP B 39 -25.24 -36.14 10.92
N ASP B 40 -24.10 -36.10 11.60
CA ASP B 40 -23.16 -37.22 11.62
C ASP B 40 -23.52 -38.26 12.66
N GLY B 41 -24.62 -38.06 13.40
CA GLY B 41 -25.05 -39.07 14.37
C GLY B 41 -24.42 -38.92 15.76
N ALA B 42 -23.42 -38.02 15.88
CA ALA B 42 -22.60 -37.87 17.06
C ALA B 42 -22.61 -36.41 17.51
N GLY B 43 -23.64 -35.65 17.19
CA GLY B 43 -23.80 -34.28 17.63
C GLY B 43 -23.10 -33.24 16.75
N HIS B 44 -22.76 -33.58 15.51
CA HIS B 44 -22.10 -32.61 14.63
C HIS B 44 -22.79 -32.62 13.27
N VAL B 45 -22.51 -31.55 12.50
CA VAL B 45 -22.92 -31.43 11.11
C VAL B 45 -21.67 -31.51 10.25
N LEU B 46 -21.64 -32.48 9.33
CA LEU B 46 -20.62 -32.51 8.31
C LEU B 46 -21.09 -31.75 7.08
N THR B 47 -20.15 -31.03 6.47
CA THR B 47 -20.43 -30.17 5.34
C THR B 47 -19.40 -30.44 4.25
N ALA B 48 -19.90 -30.82 3.07
CA ALA B 48 -19.08 -31.17 1.91
C ALA B 48 -19.22 -30.12 0.81
N PHE B 49 -18.12 -29.93 0.07
CA PHE B 49 -18.04 -28.93 -0.96
C PHE B 49 -17.53 -29.57 -2.25
N GLY B 50 -17.85 -28.90 -3.35
CA GLY B 50 -17.33 -29.26 -4.66
C GLY B 50 -15.94 -28.68 -4.88
N ASN B 51 -15.70 -28.28 -6.15
CA ASN B 51 -14.38 -27.89 -6.57
C ASN B 51 -13.92 -26.72 -5.70
N THR B 52 -12.72 -26.88 -5.14
CA THR B 52 -12.21 -26.00 -4.12
C THR B 52 -10.84 -25.51 -4.56
N PHE B 53 -10.59 -24.22 -4.32
CA PHE B 53 -9.31 -23.60 -4.66
C PHE B 53 -8.72 -22.92 -3.43
N GLY B 54 -7.40 -22.74 -3.44
CA GLY B 54 -6.67 -22.15 -2.32
C GLY B 54 -6.22 -20.73 -2.62
N ASN B 55 -5.10 -20.41 -1.96
CA ASN B 55 -4.54 -19.08 -1.82
C ASN B 55 -4.47 -18.23 -3.12
N SER B 56 -4.11 -18.82 -4.26
CA SER B 56 -3.87 -18.07 -5.46
C SER B 56 -5.14 -17.72 -6.21
N TRP B 57 -6.29 -18.32 -5.83
CA TRP B 57 -7.55 -17.98 -6.45
C TRP B 57 -7.79 -16.48 -6.34
N THR B 58 -8.30 -15.88 -7.42
CA THR B 58 -8.74 -14.49 -7.38
C THR B 58 -10.22 -14.31 -7.71
N GLY B 59 -10.82 -15.25 -8.45
CA GLY B 59 -12.14 -15.02 -8.97
C GLY B 59 -12.04 -13.96 -10.06
N PRO B 60 -13.18 -13.48 -10.61
CA PRO B 60 -14.52 -13.97 -10.22
C PRO B 60 -14.74 -15.38 -10.74
N GLY B 61 -15.65 -16.12 -10.10
CA GLY B 61 -16.01 -17.45 -10.56
C GLY B 61 -15.05 -18.55 -10.14
N GLY B 62 -15.48 -19.78 -10.43
CA GLY B 62 -14.71 -20.97 -10.14
C GLY B 62 -13.51 -21.02 -11.07
N GLY B 63 -12.61 -21.92 -10.80
CA GLY B 63 -11.33 -21.95 -11.48
C GLY B 63 -10.32 -20.97 -10.89
N ALA B 64 -9.04 -21.33 -11.12
CA ALA B 64 -7.94 -20.66 -10.45
C ALA B 64 -6.70 -20.76 -11.32
N PRO B 65 -5.61 -20.04 -11.00
CA PRO B 65 -4.34 -20.29 -11.69
C PRO B 65 -3.86 -21.73 -11.50
N PRO B 66 -2.85 -22.18 -12.26
CA PRO B 66 -2.31 -23.55 -12.13
C PRO B 66 -1.81 -23.93 -10.74
N ASN B 67 -1.45 -22.94 -9.92
CA ASN B 67 -1.05 -23.22 -8.53
C ASN B 67 -2.21 -23.02 -7.55
N GLY B 68 -3.46 -23.13 -8.02
CA GLY B 68 -4.64 -22.82 -7.23
C GLY B 68 -5.10 -23.89 -6.23
N ASN B 69 -4.27 -24.91 -6.04
CA ASN B 69 -4.52 -26.00 -5.10
C ASN B 69 -5.92 -26.56 -5.35
N TRP B 70 -6.19 -26.92 -6.62
CA TRP B 70 -7.47 -27.47 -7.00
C TRP B 70 -7.73 -28.83 -6.39
N ARG B 71 -8.75 -28.88 -5.51
CA ARG B 71 -9.29 -30.10 -4.98
C ARG B 71 -10.72 -30.28 -5.49
N SER B 72 -11.10 -31.52 -5.85
CA SER B 72 -12.45 -31.80 -6.33
C SER B 72 -13.54 -31.60 -5.26
N ASN B 73 -13.10 -31.68 -4.00
CA ASN B 73 -14.02 -31.62 -2.90
C ASN B 73 -13.20 -31.50 -1.61
N VAL B 74 -13.89 -30.99 -0.57
CA VAL B 74 -13.35 -30.90 0.77
C VAL B 74 -14.49 -31.09 1.75
N LEU B 75 -14.16 -31.28 3.04
CA LEU B 75 -15.12 -31.61 4.06
C LEU B 75 -14.75 -30.90 5.36
N VAL B 76 -15.72 -30.21 5.93
CA VAL B 76 -15.58 -29.59 7.24
C VAL B 76 -16.68 -30.06 8.18
N ARG B 77 -16.48 -29.74 9.47
CA ARG B 77 -17.44 -30.10 10.52
C ARG B 77 -17.89 -28.85 11.25
N SER B 78 -19.11 -28.89 11.82
CA SER B 78 -19.60 -27.87 12.72
C SER B 78 -20.25 -28.53 13.94
N SER B 79 -20.15 -27.88 15.10
CA SER B 79 -20.91 -28.27 16.29
C SER B 79 -21.88 -27.15 16.69
N ASP B 80 -22.14 -26.22 15.78
CA ASP B 80 -22.78 -24.95 16.08
C ASP B 80 -24.30 -25.09 16.00
N GLY B 81 -24.97 -24.89 17.15
CA GLY B 81 -26.42 -24.89 17.26
C GLY B 81 -27.03 -23.50 17.12
N ASP B 82 -26.21 -22.45 17.02
CA ASP B 82 -26.80 -21.12 17.01
C ASP B 82 -26.67 -20.50 15.63
N LEU B 83 -27.55 -20.88 14.70
CA LEU B 83 -27.36 -20.51 13.30
C LEU B 83 -27.70 -19.04 13.03
N ALA B 84 -28.47 -18.38 13.91
CA ALA B 84 -28.84 -16.99 13.69
C ALA B 84 -27.60 -16.12 13.52
N ASP B 85 -26.47 -16.47 14.17
CA ASP B 85 -25.24 -15.69 14.06
C ASP B 85 -24.15 -16.35 13.24
N GLY B 86 -24.51 -17.36 12.43
CA GLY B 86 -23.58 -18.01 11.52
C GLY B 86 -23.39 -19.46 11.91
N MET B 87 -22.49 -20.14 11.19
CA MET B 87 -22.26 -21.55 11.40
C MET B 87 -20.76 -21.76 11.49
N LEU B 88 -20.25 -21.93 12.71
CA LEU B 88 -18.83 -22.06 12.92
C LEU B 88 -18.41 -23.48 12.53
N PHE B 89 -17.38 -23.54 11.71
CA PHE B 89 -16.74 -24.80 11.42
C PHE B 89 -15.65 -25.02 12.46
N ASP B 90 -15.62 -26.24 12.99
CA ASP B 90 -14.69 -26.58 14.07
C ASP B 90 -13.67 -27.64 13.71
N TRP B 91 -13.65 -28.11 12.47
CA TRP B 91 -12.73 -29.15 12.04
C TRP B 91 -12.86 -29.28 10.52
N ALA B 92 -11.79 -29.77 9.91
CA ALA B 92 -11.78 -30.08 8.48
C ALA B 92 -10.91 -31.32 8.28
N ALA B 93 -11.27 -32.13 7.28
CA ALA B 93 -10.43 -33.25 6.90
C ALA B 93 -9.20 -32.71 6.18
N GLN B 94 -8.02 -32.96 6.73
CA GLN B 94 -6.84 -32.25 6.25
C GLN B 94 -5.83 -33.25 5.73
N GLY B 95 -4.86 -32.74 4.98
CA GLY B 95 -3.69 -33.48 4.58
C GLY B 95 -2.93 -32.69 3.54
N PRO B 96 -1.81 -32.02 3.89
CA PRO B 96 -1.28 -32.02 5.25
C PRO B 96 -2.15 -31.19 6.21
N GLN B 97 -1.94 -31.33 7.52
CA GLN B 97 -2.53 -30.41 8.47
C GLN B 97 -2.30 -28.97 8.00
N GLY B 98 -3.36 -28.15 8.08
CA GLY B 98 -3.35 -26.78 7.57
C GLY B 98 -3.95 -26.66 6.17
N VAL B 99 -4.29 -27.79 5.53
CA VAL B 99 -4.82 -27.79 4.18
C VAL B 99 -5.98 -28.81 4.12
N ALA B 100 -7.18 -28.32 3.90
CA ALA B 100 -8.31 -29.23 3.68
C ALA B 100 -8.02 -30.08 2.46
N ARG B 101 -8.15 -31.42 2.57
CA ARG B 101 -7.76 -32.28 1.47
C ARG B 101 -8.97 -32.79 0.68
N GLU B 102 -8.71 -33.23 -0.54
CA GLU B 102 -9.71 -33.92 -1.35
C GLU B 102 -10.03 -35.27 -0.71
N ILE B 103 -11.33 -35.56 -0.48
CA ILE B 103 -11.69 -36.78 0.21
C ILE B 103 -12.18 -37.84 -0.77
N ILE B 104 -12.67 -37.42 -1.95
CA ILE B 104 -13.09 -38.35 -2.99
C ILE B 104 -12.25 -38.06 -4.22
N PRO B 105 -11.27 -38.94 -4.48
CA PRO B 105 -10.32 -38.66 -5.57
C PRO B 105 -10.98 -38.48 -6.92
N SER B 106 -10.28 -37.79 -7.83
CA SER B 106 -10.71 -37.69 -9.23
C SER B 106 -9.48 -37.78 -10.14
N LYS B 107 -9.71 -38.20 -11.38
CA LYS B 107 -8.62 -38.33 -12.34
C LYS B 107 -8.15 -36.97 -12.88
N LYS B 108 -9.06 -35.99 -12.93
CA LYS B 108 -8.82 -34.68 -13.50
C LYS B 108 -8.26 -34.81 -14.93
N ILE B 109 -8.92 -35.66 -15.72
CA ILE B 109 -8.63 -35.78 -17.15
C ILE B 109 -9.91 -35.39 -17.86
N ASN B 110 -9.89 -34.29 -18.61
CA ASN B 110 -11.12 -33.80 -19.21
C ASN B 110 -11.64 -34.77 -20.28
N GLY B 111 -12.96 -34.97 -20.31
CA GLY B 111 -13.59 -35.94 -21.19
C GLY B 111 -13.49 -37.38 -20.71
N VAL B 112 -12.81 -37.62 -19.58
CA VAL B 112 -12.80 -38.93 -18.95
C VAL B 112 -13.46 -38.83 -17.57
N GLU B 113 -12.76 -38.18 -16.63
CA GLU B 113 -13.30 -37.74 -15.35
C GLU B 113 -12.56 -36.46 -14.94
N ILE B 114 -13.18 -35.32 -15.14
CA ILE B 114 -12.54 -34.05 -14.86
C ILE B 114 -12.60 -33.80 -13.34
N THR B 115 -13.64 -34.27 -12.66
CA THR B 115 -13.78 -33.99 -11.24
C THR B 115 -14.82 -34.93 -10.63
N THR B 116 -14.85 -34.99 -9.28
CA THR B 116 -15.85 -35.75 -8.51
C THR B 116 -16.52 -34.79 -7.53
N ILE B 117 -17.82 -34.63 -7.68
CA ILE B 117 -18.54 -33.58 -6.97
C ILE B 117 -19.50 -34.23 -5.96
N PRO B 118 -19.47 -33.83 -4.67
CA PRO B 118 -20.45 -34.35 -3.74
C PRO B 118 -21.85 -33.89 -4.13
N THR B 119 -22.88 -34.72 -3.81
CA THR B 119 -24.26 -34.39 -4.07
C THR B 119 -25.16 -34.36 -2.83
N THR B 120 -24.96 -35.27 -1.89
CA THR B 120 -25.80 -35.41 -0.74
C THR B 120 -25.05 -36.31 0.23
N GLY B 121 -25.37 -36.20 1.52
CA GLY B 121 -24.79 -37.05 2.54
C GLY B 121 -25.82 -37.45 3.61
N ILE B 122 -25.45 -38.50 4.38
CA ILE B 122 -26.26 -38.92 5.48
C ILE B 122 -25.41 -39.81 6.39
N SER B 123 -25.80 -39.97 7.66
CA SER B 123 -25.22 -41.01 8.48
C SER B 123 -26.30 -42.05 8.81
N VAL B 124 -25.84 -43.30 8.93
CA VAL B 124 -26.64 -44.42 9.42
C VAL B 124 -25.77 -45.13 10.45
N GLY B 125 -26.24 -45.20 11.70
CA GLY B 125 -25.42 -45.75 12.77
C GLY B 125 -24.11 -44.98 12.88
N LYS B 126 -22.99 -45.67 12.85
CA LYS B 126 -21.68 -45.01 12.96
C LYS B 126 -20.99 -44.83 11.62
N ARG B 127 -21.71 -44.99 10.51
CA ARG B 127 -21.16 -44.76 9.18
C ARG B 127 -21.73 -43.46 8.58
N GLN B 128 -20.83 -42.69 7.97
CA GLN B 128 -21.18 -41.54 7.14
C GLN B 128 -21.18 -41.99 5.68
N TYR B 129 -22.08 -41.43 4.90
CA TYR B 129 -22.11 -41.72 3.48
C TYR B 129 -22.17 -40.40 2.74
N LEU B 130 -21.42 -40.35 1.63
CA LEU B 130 -21.42 -39.18 0.79
C LEU B 130 -21.65 -39.62 -0.66
N GLY B 131 -22.81 -39.26 -1.18
CA GLY B 131 -23.06 -39.41 -2.61
C GLY B 131 -22.25 -38.41 -3.42
N PHE B 132 -21.86 -38.84 -4.63
CA PHE B 132 -21.14 -37.96 -5.53
C PHE B 132 -21.42 -38.37 -6.98
N MET B 133 -21.13 -37.43 -7.89
CA MET B 133 -21.19 -37.64 -9.31
C MET B 133 -19.77 -37.59 -9.85
N SER B 134 -19.43 -38.59 -10.70
CA SER B 134 -18.21 -38.58 -11.49
C SER B 134 -18.48 -37.67 -12.70
N VAL B 135 -17.81 -36.50 -12.81
CA VAL B 135 -18.10 -35.58 -13.90
C VAL B 135 -17.12 -35.87 -15.04
N LYS B 136 -17.66 -36.15 -16.22
CA LYS B 136 -16.82 -36.45 -17.38
C LYS B 136 -16.34 -35.15 -18.03
N GLN B 137 -17.26 -34.21 -18.24
CA GLN B 137 -16.94 -32.93 -18.86
C GLN B 137 -18.09 -31.98 -18.57
N TRP B 138 -17.76 -30.68 -18.50
CA TRP B 138 -18.68 -29.58 -18.31
C TRP B 138 -19.07 -29.06 -19.70
N GLY B 139 -20.27 -28.49 -19.79
CA GLY B 139 -20.69 -27.75 -20.94
C GLY B 139 -21.04 -26.32 -20.54
N PRO B 140 -21.95 -25.64 -21.27
CA PRO B 140 -22.37 -24.31 -20.86
C PRO B 140 -23.14 -24.35 -19.53
N PRO B 141 -23.40 -23.21 -18.89
CA PRO B 141 -24.07 -23.20 -17.59
C PRO B 141 -25.32 -24.09 -17.50
N GLY B 142 -25.28 -25.03 -16.56
CA GLY B 142 -26.45 -25.86 -16.29
C GLY B 142 -26.34 -27.21 -17.00
N VAL B 143 -25.22 -27.41 -17.71
CA VAL B 143 -25.07 -28.57 -18.58
C VAL B 143 -23.75 -29.24 -18.25
N TRP B 144 -23.81 -30.55 -17.99
CA TRP B 144 -22.62 -31.37 -17.89
C TRP B 144 -22.97 -32.84 -17.98
N ASP B 145 -21.93 -33.64 -18.25
CA ASP B 145 -22.06 -35.08 -18.38
C ASP B 145 -21.37 -35.79 -17.22
N THR B 146 -22.11 -36.71 -16.60
CA THR B 146 -21.57 -37.56 -15.56
C THR B 146 -21.40 -38.99 -16.07
N ASN B 147 -20.37 -39.65 -15.55
CA ASN B 147 -20.11 -41.05 -15.79
C ASN B 147 -21.06 -41.90 -14.96
N PHE B 148 -21.34 -41.47 -13.72
CA PHE B 148 -22.10 -42.25 -12.75
C PHE B 148 -22.29 -41.41 -11.49
N ALA B 149 -23.27 -41.81 -10.70
CA ALA B 149 -23.36 -41.45 -9.28
C ALA B 149 -22.76 -42.57 -8.47
N GLY B 150 -21.95 -42.20 -7.48
CA GLY B 150 -21.31 -43.12 -6.56
C GLY B 150 -21.65 -42.75 -5.11
N ILE B 151 -21.13 -43.57 -4.20
CA ILE B 151 -21.27 -43.34 -2.77
C ILE B 151 -19.93 -43.67 -2.16
N ALA B 152 -19.43 -42.71 -1.38
CA ALA B 152 -18.26 -42.94 -0.55
C ALA B 152 -18.73 -43.07 0.89
N TYR B 153 -17.94 -43.72 1.73
CA TYR B 153 -18.35 -43.85 3.11
C TYR B 153 -17.16 -43.73 4.07
N SER B 154 -17.49 -43.43 5.34
CA SER B 154 -16.51 -43.22 6.37
C SER B 154 -17.00 -43.88 7.66
N ASP B 155 -16.09 -44.61 8.30
CA ASP B 155 -16.39 -45.29 9.55
C ASP B 155 -15.73 -44.59 10.73
N ASP B 156 -15.17 -43.40 10.51
CA ASP B 156 -14.50 -42.68 11.58
C ASP B 156 -14.94 -41.20 11.58
N GLY B 157 -16.23 -40.97 11.35
CA GLY B 157 -16.84 -39.66 11.48
C GLY B 157 -16.40 -38.68 10.40
N GLY B 158 -15.87 -39.19 9.30
CA GLY B 158 -15.46 -38.32 8.23
C GLY B 158 -13.96 -38.09 8.12
N GLY B 159 -13.18 -38.72 9.03
CA GLY B 159 -11.73 -38.61 9.03
C GLY B 159 -11.12 -39.26 7.80
N THR B 160 -11.62 -40.45 7.44
CA THR B 160 -11.12 -41.13 6.26
C THR B 160 -12.30 -41.68 5.47
N TRP B 161 -12.08 -41.81 4.16
CA TRP B 161 -13.13 -42.14 3.21
C TRP B 161 -12.70 -43.24 2.26
N LYS B 162 -13.65 -44.13 1.93
CA LYS B 162 -13.48 -45.13 0.90
C LYS B 162 -14.61 -44.98 -0.12
N VAL B 163 -14.29 -45.17 -1.40
CA VAL B 163 -15.32 -45.14 -2.41
C VAL B 163 -15.87 -46.54 -2.57
N SER B 164 -17.19 -46.68 -2.45
CA SER B 164 -17.82 -47.98 -2.55
C SER B 164 -17.91 -48.42 -4.01
N ASP B 165 -18.38 -49.67 -4.20
CA ASP B 165 -18.55 -50.22 -5.53
C ASP B 165 -19.97 -49.97 -6.03
N THR B 166 -20.79 -49.27 -5.23
CA THR B 166 -22.15 -48.93 -5.62
C THR B 166 -22.23 -47.73 -6.55
N ARG B 167 -22.75 -47.93 -7.76
CA ARG B 167 -22.86 -46.88 -8.77
C ARG B 167 -24.18 -46.97 -9.54
N TRP B 168 -24.73 -45.81 -9.93
CA TRP B 168 -25.72 -45.68 -10.98
C TRP B 168 -25.00 -45.15 -12.22
N GLU B 169 -24.70 -46.08 -13.14
CA GLU B 169 -23.96 -45.77 -14.36
C GLU B 169 -24.86 -44.96 -15.30
N ASN B 170 -24.25 -44.17 -16.18
CA ASN B 170 -24.98 -43.26 -17.06
C ASN B 170 -24.67 -43.57 -18.53
N ALA B 171 -24.94 -44.80 -18.96
CA ALA B 171 -24.59 -45.27 -20.29
C ALA B 171 -25.14 -44.36 -21.40
N ASP B 172 -26.36 -43.84 -21.27
CA ASP B 172 -26.93 -43.05 -22.35
C ASP B 172 -27.07 -41.57 -21.98
N GLY B 173 -26.57 -41.18 -20.79
CA GLY B 173 -26.52 -39.78 -20.43
C GLY B 173 -27.76 -39.28 -19.70
N HIS B 174 -28.85 -40.07 -19.75
CA HIS B 174 -30.13 -39.64 -19.21
C HIS B 174 -30.48 -40.46 -17.96
N ASP B 175 -29.52 -41.10 -17.31
CA ASP B 175 -29.83 -41.77 -16.06
C ASP B 175 -30.49 -40.79 -15.07
N PRO B 176 -31.65 -41.12 -14.49
CA PRO B 176 -32.35 -40.17 -13.63
C PRO B 176 -31.86 -39.98 -12.18
N PHE B 177 -30.74 -40.60 -11.80
CA PHE B 177 -30.27 -40.56 -10.41
C PHE B 177 -28.78 -40.23 -10.32
N GLN B 178 -28.33 -39.36 -11.22
CA GLN B 178 -26.92 -38.98 -11.24
C GLN B 178 -26.60 -38.00 -10.10
N MET B 179 -27.56 -37.13 -9.81
CA MET B 179 -27.39 -36.08 -8.81
C MET B 179 -28.48 -36.30 -7.77
N GLN B 180 -28.07 -36.88 -6.64
CA GLN B 180 -29.00 -37.38 -5.66
C GLN B 180 -29.18 -36.41 -4.48
N ALA B 181 -30.32 -36.57 -3.81
CA ALA B 181 -30.58 -35.90 -2.55
C ALA B 181 -31.22 -36.91 -1.62
N TRP B 182 -30.68 -37.11 -0.42
CA TRP B 182 -31.16 -38.13 0.48
C TRP B 182 -31.88 -37.49 1.67
N VAL B 183 -32.95 -38.14 2.15
CA VAL B 183 -33.63 -37.73 3.35
C VAL B 183 -34.06 -38.99 4.08
N GLN B 184 -33.80 -39.06 5.38
CA GLN B 184 -34.16 -40.26 6.11
C GLN B 184 -35.41 -39.98 6.96
N LYS B 185 -36.36 -40.92 6.96
CA LYS B 185 -37.51 -40.84 7.84
C LYS B 185 -37.97 -42.25 8.18
N GLY B 186 -38.22 -42.50 9.48
CA GLY B 186 -38.28 -43.84 9.98
C GLY B 186 -36.92 -44.46 9.64
N GLY B 187 -36.91 -45.69 9.26
CA GLY B 187 -35.62 -46.28 8.92
C GLY B 187 -35.45 -46.40 7.42
N THR B 188 -36.10 -45.49 6.67
CA THR B 188 -36.05 -45.48 5.22
C THR B 188 -35.34 -44.21 4.72
N ILE B 189 -34.46 -44.38 3.75
CA ILE B 189 -33.89 -43.21 3.10
C ILE B 189 -34.63 -43.05 1.77
N TYR B 190 -35.22 -41.88 1.54
CA TYR B 190 -35.73 -41.55 0.21
C TYR B 190 -34.61 -40.88 -0.57
N VAL B 191 -34.39 -41.38 -1.79
CA VAL B 191 -33.30 -40.96 -2.65
C VAL B 191 -33.89 -40.29 -3.87
N PHE B 192 -33.90 -38.94 -3.82
CA PHE B 192 -34.35 -38.14 -4.92
C PHE B 192 -33.20 -38.05 -5.92
N GLY B 193 -33.51 -37.82 -7.19
CA GLY B 193 -32.47 -37.88 -8.21
C GLY B 193 -32.80 -37.03 -9.42
N THR B 194 -31.78 -36.37 -9.98
CA THR B 194 -31.91 -35.71 -11.25
C THR B 194 -30.89 -36.34 -12.18
N GLN B 195 -31.12 -36.10 -13.49
CA GLN B 195 -30.07 -36.29 -14.47
C GLN B 195 -28.91 -35.34 -14.18
N ASN B 196 -27.78 -35.59 -14.84
CA ASN B 196 -26.69 -34.63 -14.93
C ASN B 196 -27.20 -33.26 -15.41
N GLY B 197 -26.79 -32.19 -14.70
CA GLY B 197 -27.15 -30.83 -15.08
C GLY B 197 -28.53 -30.46 -14.61
N ARG B 198 -29.01 -29.35 -15.14
CA ARG B 198 -30.05 -28.59 -14.48
C ARG B 198 -31.30 -28.42 -15.34
N ASN B 199 -31.51 -29.33 -16.30
CA ASN B 199 -32.60 -29.09 -17.25
C ASN B 199 -33.68 -30.17 -17.22
N GLY B 200 -33.52 -31.18 -16.36
CA GLY B 200 -34.43 -32.31 -16.29
C GLY B 200 -35.29 -32.33 -15.03
N PRO B 201 -36.15 -33.35 -14.88
CA PRO B 201 -37.01 -33.47 -13.70
C PRO B 201 -36.36 -34.33 -12.61
N ALA B 202 -37.03 -34.35 -11.44
CA ALA B 202 -36.59 -35.17 -10.32
C ALA B 202 -37.45 -36.42 -10.23
N SER B 203 -36.78 -37.53 -9.93
CA SER B 203 -37.37 -38.84 -9.66
C SER B 203 -37.10 -39.19 -8.19
N VAL B 204 -37.78 -40.24 -7.67
CA VAL B 204 -37.50 -40.66 -6.31
C VAL B 204 -37.46 -42.17 -6.18
N ALA B 205 -36.52 -42.60 -5.34
CA ALA B 205 -36.28 -43.99 -4.95
C ALA B 205 -36.27 -44.05 -3.42
N LYS B 206 -36.29 -45.26 -2.89
CA LYS B 206 -36.18 -45.45 -1.45
C LYS B 206 -35.40 -46.71 -1.21
N VAL B 207 -34.78 -46.76 -0.04
CA VAL B 207 -34.01 -47.90 0.37
C VAL B 207 -34.00 -47.93 1.89
N PRO B 208 -34.03 -49.12 2.50
CA PRO B 208 -33.92 -49.21 3.95
C PRO B 208 -32.56 -48.62 4.34
N ALA B 209 -32.54 -47.86 5.42
CA ALA B 209 -31.36 -47.04 5.74
C ALA B 209 -30.10 -47.90 5.86
N SER B 210 -30.23 -49.11 6.40
CA SER B 210 -29.09 -49.98 6.57
C SER B 210 -28.62 -50.66 5.27
N LYS B 211 -29.22 -50.37 4.13
CA LYS B 211 -28.90 -51.06 2.91
C LYS B 211 -28.60 -50.07 1.79
N LEU B 212 -28.18 -48.84 2.16
CA LEU B 212 -27.90 -47.79 1.19
C LEU B 212 -26.93 -48.22 0.09
N LEU B 213 -25.96 -49.08 0.42
CA LEU B 213 -24.98 -49.49 -0.56
C LEU B 213 -25.47 -50.65 -1.45
N ASP B 214 -26.68 -51.17 -1.21
CA ASP B 214 -27.13 -52.40 -1.87
C ASP B 214 -28.22 -52.03 -2.86
N LYS B 215 -27.85 -52.01 -4.14
CA LYS B 215 -28.71 -51.50 -5.19
C LYS B 215 -29.96 -52.36 -5.32
N SER B 216 -29.85 -53.64 -4.95
CA SER B 216 -30.99 -54.54 -5.02
C SER B 216 -32.03 -54.24 -3.95
N ALA B 217 -31.70 -53.41 -2.94
CA ALA B 217 -32.67 -53.06 -1.92
C ALA B 217 -33.45 -51.79 -2.30
N PHE B 218 -33.03 -51.12 -3.39
CA PHE B 218 -33.72 -49.93 -3.83
C PHE B 218 -35.05 -50.28 -4.47
N ARG B 219 -36.05 -49.43 -4.20
CA ARG B 219 -37.25 -49.38 -5.01
C ARG B 219 -37.48 -47.99 -5.57
N TYR B 220 -38.12 -47.95 -6.72
CA TYR B 220 -38.20 -46.74 -7.53
C TYR B 220 -39.66 -46.36 -7.74
N TRP B 221 -40.02 -45.11 -7.45
CA TRP B 221 -41.40 -44.70 -7.61
C TRP B 221 -41.72 -44.59 -9.10
N ASN B 222 -42.78 -45.31 -9.55
CA ASN B 222 -43.11 -45.33 -10.98
C ASN B 222 -44.41 -44.59 -11.30
N GLY B 223 -45.01 -43.90 -10.32
CA GLY B 223 -46.26 -43.19 -10.51
C GLY B 223 -47.45 -44.00 -9.96
N THR B 224 -47.24 -45.30 -9.76
CA THR B 224 -48.28 -46.18 -9.23
C THR B 224 -47.83 -46.90 -7.96
N ASP B 225 -46.53 -47.22 -7.86
CA ASP B 225 -46.05 -48.01 -6.76
C ASP B 225 -44.53 -47.87 -6.78
N TRP B 226 -43.89 -48.46 -5.78
CA TRP B 226 -42.45 -48.51 -5.70
C TRP B 226 -41.95 -49.83 -6.30
N SER B 227 -41.25 -49.80 -7.44
CA SER B 227 -40.91 -51.07 -8.08
C SER B 227 -39.41 -51.28 -8.07
N ARG B 228 -38.99 -52.45 -8.58
CA ARG B 228 -37.63 -52.92 -8.44
C ARG B 228 -36.72 -52.35 -9.51
N LYS B 229 -37.28 -51.86 -10.63
CA LYS B 229 -36.42 -51.45 -11.74
C LYS B 229 -36.21 -49.94 -11.80
N GLU B 230 -34.92 -49.55 -11.80
CA GLU B 230 -34.57 -48.14 -11.94
C GLU B 230 -35.23 -47.55 -13.18
N SER B 231 -35.34 -48.34 -14.27
CA SER B 231 -35.93 -47.88 -15.53
C SER B 231 -37.42 -47.58 -15.42
N ASP B 232 -38.09 -48.01 -14.35
CA ASP B 232 -39.50 -47.66 -14.17
C ASP B 232 -39.71 -46.29 -13.53
N ALA B 233 -38.65 -45.66 -13.01
CA ALA B 233 -38.82 -44.42 -12.26
C ALA B 233 -39.40 -43.33 -13.17
N VAL B 234 -40.37 -42.59 -12.65
CA VAL B 234 -41.02 -41.50 -13.36
C VAL B 234 -40.74 -40.24 -12.55
N PRO B 235 -40.76 -39.04 -13.17
CA PRO B 235 -40.61 -37.80 -12.41
C PRO B 235 -41.72 -37.62 -11.38
N VAL B 236 -41.33 -37.09 -10.22
CA VAL B 236 -42.26 -36.63 -9.21
C VAL B 236 -42.34 -35.11 -9.24
N MET B 237 -41.34 -34.45 -9.83
CA MET B 237 -41.32 -33.00 -9.98
C MET B 237 -40.80 -32.66 -11.37
N ASP B 238 -41.49 -31.77 -12.08
CA ASP B 238 -41.16 -31.52 -13.48
C ASP B 238 -39.86 -30.75 -13.66
N ALA B 239 -39.29 -30.93 -14.85
CA ALA B 239 -38.15 -30.15 -15.27
C ALA B 239 -38.56 -28.68 -15.23
N PRO B 240 -37.61 -27.71 -15.13
CA PRO B 240 -36.18 -27.97 -14.91
C PRO B 240 -35.80 -27.91 -13.44
N MET B 241 -34.95 -28.83 -12.99
CA MET B 241 -34.52 -28.94 -11.60
C MET B 241 -33.02 -29.19 -11.60
N SER B 242 -32.38 -28.96 -10.46
CA SER B 242 -30.93 -28.94 -10.38
C SER B 242 -30.49 -29.85 -9.24
N GLU B 243 -29.28 -29.62 -8.75
CA GLU B 243 -28.93 -30.03 -7.40
C GLU B 243 -30.13 -29.80 -6.51
N MET B 244 -30.35 -30.70 -5.52
CA MET B 244 -31.54 -30.65 -4.70
C MET B 244 -31.17 -30.96 -3.26
N SER B 245 -32.07 -30.51 -2.40
CA SER B 245 -32.02 -30.83 -0.99
C SER B 245 -33.43 -31.16 -0.52
N VAL B 246 -33.58 -32.25 0.24
CA VAL B 246 -34.84 -32.58 0.85
C VAL B 246 -34.68 -32.80 2.35
N GLN B 247 -35.63 -32.21 3.11
CA GLN B 247 -35.64 -32.28 4.57
C GLN B 247 -37.04 -32.66 5.02
N TYR B 248 -37.13 -33.56 5.98
CA TYR B 248 -38.40 -33.78 6.64
C TYR B 248 -38.52 -32.79 7.79
N ASP B 249 -39.55 -31.96 7.73
CA ASP B 249 -39.83 -30.91 8.70
C ASP B 249 -40.93 -31.36 9.66
N ALA B 250 -40.54 -31.62 10.91
CA ALA B 250 -41.48 -32.01 11.96
C ALA B 250 -42.47 -30.86 12.25
N TYR B 251 -42.05 -29.60 12.11
CA TYR B 251 -42.90 -28.46 12.44
C TYR B 251 -44.15 -28.46 11.56
N SER B 252 -43.95 -28.63 10.25
CA SER B 252 -45.02 -28.60 9.26
C SER B 252 -45.58 -30.00 8.91
N LYS B 253 -44.91 -31.06 9.37
CA LYS B 253 -45.15 -32.45 9.04
C LYS B 253 -45.12 -32.63 7.52
N ARG B 254 -44.13 -31.96 6.93
CA ARG B 254 -43.93 -32.00 5.48
C ARG B 254 -42.47 -32.22 5.13
N PHE B 255 -42.26 -32.87 3.99
CA PHE B 255 -40.99 -32.83 3.29
C PHE B 255 -40.91 -31.49 2.60
N LEU B 256 -39.72 -30.87 2.74
CA LEU B 256 -39.36 -29.65 2.04
C LEU B 256 -38.29 -29.98 1.02
N MET B 257 -38.43 -29.42 -0.18
CA MET B 257 -37.46 -29.62 -1.24
C MET B 257 -36.95 -28.26 -1.74
N MET B 258 -35.63 -28.13 -1.86
CA MET B 258 -35.06 -26.88 -2.36
C MET B 258 -34.20 -27.19 -3.57
N THR B 259 -34.31 -26.33 -4.61
CA THR B 259 -33.53 -26.52 -5.81
C THR B 259 -33.58 -25.26 -6.65
N LEU B 260 -32.54 -25.07 -7.46
CA LEU B 260 -32.54 -24.08 -8.54
C LEU B 260 -33.39 -24.65 -9.67
N SER B 261 -34.51 -24.00 -9.95
CA SER B 261 -35.41 -24.39 -11.03
C SER B 261 -35.47 -23.25 -12.05
N GLY B 262 -34.73 -23.39 -13.15
CA GLY B 262 -34.62 -22.33 -14.13
C GLY B 262 -33.70 -21.24 -13.59
N GLU B 263 -34.26 -20.11 -13.18
CA GLU B 263 -33.40 -18.99 -12.80
C GLU B 263 -33.30 -18.86 -11.28
N ASP B 264 -34.33 -19.32 -10.55
CA ASP B 264 -34.52 -18.99 -9.14
C ASP B 264 -34.37 -20.27 -8.31
N ILE B 265 -33.89 -20.10 -7.06
CA ILE B 265 -34.00 -21.16 -6.07
C ILE B 265 -35.42 -21.09 -5.50
N ILE B 266 -36.03 -22.27 -5.51
CA ILE B 266 -37.42 -22.44 -5.12
C ILE B 266 -37.52 -23.52 -4.04
N MET B 267 -38.69 -23.56 -3.41
CA MET B 267 -38.99 -24.60 -2.47
C MET B 267 -40.38 -25.16 -2.83
N ARG B 268 -40.50 -26.47 -2.67
CA ARG B 268 -41.76 -27.19 -2.73
C ARG B 268 -41.93 -28.06 -1.50
N THR B 269 -43.19 -28.47 -1.23
CA THR B 269 -43.46 -29.26 -0.05
C THR B 269 -44.37 -30.43 -0.41
N ALA B 270 -44.33 -31.46 0.44
CA ALA B 270 -45.14 -32.64 0.22
C ALA B 270 -45.39 -33.34 1.55
N THR B 271 -46.54 -33.99 1.69
CA THR B 271 -46.77 -34.79 2.89
C THR B 271 -46.22 -36.21 2.72
N ALA B 272 -45.77 -36.57 1.50
CA ALA B 272 -45.16 -37.84 1.22
C ALA B 272 -44.06 -37.65 0.18
N PRO B 273 -42.95 -38.43 0.21
CA PRO B 273 -41.82 -38.20 -0.68
C PRO B 273 -42.22 -38.29 -2.16
N GLU B 274 -43.16 -39.22 -2.47
CA GLU B 274 -43.58 -39.43 -3.85
C GLU B 274 -44.48 -38.29 -4.32
N GLY B 275 -44.89 -37.41 -3.42
CA GLY B 275 -45.75 -36.29 -3.78
C GLY B 275 -47.19 -36.56 -3.37
N PRO B 276 -48.16 -35.70 -3.73
CA PRO B 276 -47.94 -34.58 -4.66
C PRO B 276 -47.19 -33.43 -4.00
N TRP B 277 -46.35 -32.79 -4.80
CA TRP B 277 -45.51 -31.68 -4.39
C TRP B 277 -46.21 -30.36 -4.66
N THR B 278 -46.22 -29.49 -3.67
CA THR B 278 -46.96 -28.24 -3.77
C THR B 278 -46.23 -27.31 -4.73
N PRO B 279 -46.89 -26.27 -5.24
CA PRO B 279 -46.25 -25.42 -6.24
C PRO B 279 -45.03 -24.70 -5.70
N ALA B 280 -44.15 -24.35 -6.62
CA ALA B 280 -42.89 -23.70 -6.29
C ALA B 280 -43.13 -22.37 -5.58
N GLN B 281 -42.38 -22.15 -4.49
CA GLN B 281 -42.34 -20.87 -3.82
C GLN B 281 -40.93 -20.29 -3.98
N THR B 282 -40.83 -19.01 -4.29
CA THR B 282 -39.53 -18.43 -4.52
C THR B 282 -38.78 -18.36 -3.18
N VAL B 283 -37.52 -18.83 -3.20
CA VAL B 283 -36.62 -18.73 -2.06
C VAL B 283 -35.65 -17.57 -2.28
N ALA B 284 -34.96 -17.58 -3.43
CA ALA B 284 -34.08 -16.49 -3.81
C ALA B 284 -34.09 -16.38 -5.34
N SER B 285 -34.22 -15.16 -5.85
CA SER B 285 -34.31 -14.95 -7.28
C SER B 285 -32.94 -14.57 -7.82
N SER B 286 -32.72 -14.89 -9.10
CA SER B 286 -31.52 -14.51 -9.85
C SER B 286 -31.36 -13.00 -9.95
N THR B 287 -32.44 -12.21 -9.89
CA THR B 287 -32.30 -10.76 -9.90
C THR B 287 -31.59 -10.25 -8.63
N ASP B 288 -31.92 -10.81 -7.48
CA ASP B 288 -31.30 -10.42 -6.23
C ASP B 288 -29.97 -11.13 -5.98
N TYR B 289 -29.84 -12.37 -6.44
CA TYR B 289 -28.69 -13.23 -6.19
C TYR B 289 -28.28 -13.79 -7.52
N PRO B 290 -27.59 -13.00 -8.39
CA PRO B 290 -27.17 -13.49 -9.71
C PRO B 290 -26.26 -14.70 -9.63
N ALA B 291 -26.54 -15.67 -10.53
CA ALA B 291 -25.82 -16.91 -10.67
C ALA B 291 -25.75 -17.67 -9.34
N LEU B 292 -26.80 -17.57 -8.54
CA LEU B 292 -26.95 -18.43 -7.38
C LEU B 292 -27.14 -19.89 -7.79
N TYR B 293 -26.79 -20.78 -6.87
CA TYR B 293 -27.02 -22.20 -7.07
C TYR B 293 -26.89 -22.91 -5.75
N GLY B 294 -27.09 -24.22 -5.80
CA GLY B 294 -27.15 -25.04 -4.61
C GLY B 294 -28.45 -24.76 -3.86
N GLY B 295 -28.33 -24.76 -2.54
CA GLY B 295 -29.45 -24.57 -1.66
C GLY B 295 -29.69 -25.87 -0.91
N TYR B 296 -28.98 -26.02 0.23
CA TYR B 296 -29.00 -27.23 1.03
C TYR B 296 -29.47 -26.91 2.43
N PHE B 297 -30.46 -27.66 2.91
CA PHE B 297 -31.01 -27.43 4.22
C PHE B 297 -30.02 -27.84 5.29
N HIS B 298 -30.02 -27.03 6.34
CA HIS B 298 -29.23 -27.38 7.52
C HIS B 298 -30.02 -28.45 8.28
N PRO B 299 -29.37 -29.53 8.71
CA PRO B 299 -30.09 -30.62 9.33
C PRO B 299 -30.70 -30.32 10.69
N TRP B 300 -30.33 -29.23 11.34
CA TRP B 300 -30.86 -28.92 12.65
C TRP B 300 -31.96 -27.86 12.60
N ASN B 301 -32.46 -27.56 11.42
CA ASN B 301 -33.65 -26.74 11.28
C ASN B 301 -34.77 -27.21 12.19
N LYS B 302 -35.44 -26.27 12.83
CA LYS B 302 -36.62 -26.63 13.63
C LYS B 302 -37.48 -25.39 13.90
N ASP B 303 -38.73 -25.64 14.34
CA ASP B 303 -39.64 -24.61 14.79
C ASP B 303 -40.02 -23.63 13.68
N GLY B 304 -39.87 -24.03 12.41
CA GLY B 304 -40.17 -23.15 11.29
C GLY B 304 -39.00 -22.29 10.81
N GLU B 305 -37.87 -22.35 11.49
CA GLU B 305 -36.68 -21.59 11.08
C GLU B 305 -35.85 -22.44 10.14
N ILE B 306 -35.78 -22.02 8.88
CA ILE B 306 -35.18 -22.82 7.81
C ILE B 306 -33.85 -22.19 7.41
N TYR B 307 -32.75 -22.81 7.84
CA TYR B 307 -31.43 -22.36 7.40
C TYR B 307 -30.97 -23.26 6.27
N PHE B 308 -30.25 -22.66 5.34
CA PHE B 308 -29.75 -23.38 4.19
C PHE B 308 -28.50 -22.70 3.63
N THR B 309 -27.67 -23.48 2.94
CA THR B 309 -26.48 -22.94 2.28
C THR B 309 -26.80 -22.63 0.80
N MET B 310 -26.27 -21.51 0.32
CA MET B 310 -26.46 -21.08 -1.07
C MET B 310 -25.10 -20.75 -1.64
N SER B 311 -24.85 -21.12 -2.89
CA SER B 311 -23.61 -20.84 -3.60
C SER B 311 -23.88 -19.70 -4.58
N GLN B 312 -22.82 -19.03 -5.01
CA GLN B 312 -22.99 -17.97 -5.97
C GLN B 312 -21.72 -17.87 -6.80
N TRP B 313 -21.88 -17.84 -8.11
CA TRP B 313 -20.74 -18.01 -9.01
C TRP B 313 -19.64 -16.96 -8.86
N ASN B 314 -19.96 -15.67 -8.97
CA ASN B 314 -18.88 -14.69 -9.06
C ASN B 314 -18.00 -14.69 -7.80
N PRO B 315 -18.54 -14.64 -6.57
CA PRO B 315 -17.68 -14.76 -5.38
C PRO B 315 -17.14 -16.15 -5.09
N TYR B 316 -17.76 -17.14 -5.78
CA TYR B 316 -17.42 -18.56 -5.72
C TYR B 316 -17.18 -18.97 -4.27
N ASN B 317 -18.24 -18.89 -3.49
CA ASN B 317 -18.19 -19.23 -2.09
C ASN B 317 -19.60 -19.45 -1.59
N VAL B 318 -19.74 -19.92 -0.34
CA VAL B 318 -20.98 -20.45 0.17
C VAL B 318 -21.41 -19.56 1.33
N TYR B 319 -22.69 -19.22 1.31
CA TYR B 319 -23.35 -18.37 2.25
C TYR B 319 -24.44 -19.13 3.00
N LEU B 320 -24.54 -18.89 4.32
CA LEU B 320 -25.69 -19.34 5.08
C LEU B 320 -26.82 -18.34 4.88
N MET B 321 -28.02 -18.89 4.65
CA MET B 321 -29.24 -18.14 4.41
C MET B 321 -30.31 -18.66 5.36
N ARG B 322 -31.35 -17.86 5.57
CA ARG B 322 -32.50 -18.33 6.33
C ARG B 322 -33.78 -17.76 5.75
N LEU B 323 -34.85 -18.52 6.04
CA LEU B 323 -36.22 -18.12 5.76
C LEU B 323 -37.07 -18.75 6.87
N ARG B 324 -38.33 -18.36 6.92
CA ARG B 324 -39.27 -18.86 7.90
C ARG B 324 -40.49 -19.48 7.21
N ILE B 325 -41.00 -20.58 7.77
CA ILE B 325 -42.25 -21.14 7.30
C ILE B 325 -43.24 -21.17 8.45
N ASP B 326 -44.53 -21.29 8.08
CA ASP B 326 -45.58 -21.60 9.04
C ASP B 326 -45.78 -23.11 9.05
N ARG B 327 -46.80 -23.54 9.79
CA ARG B 327 -47.08 -24.96 9.93
C ARG B 327 -47.63 -25.63 8.68
N ASP B 328 -47.94 -24.88 7.63
CA ASP B 328 -48.38 -25.46 6.37
C ASP B 328 -47.24 -25.54 5.39
N GLY B 329 -46.06 -25.01 5.76
CA GLY B 329 -44.93 -24.96 4.86
C GLY B 329 -44.96 -23.79 3.88
N ASN B 330 -45.74 -22.75 4.19
CA ASN B 330 -45.73 -21.51 3.46
C ASN B 330 -44.61 -20.61 4.02
N ILE B 331 -43.82 -20.01 3.12
CA ILE B 331 -42.86 -19.00 3.53
C ILE B 331 -43.62 -17.79 4.09
N ILE B 332 -43.25 -17.38 5.30
CA ILE B 332 -43.81 -16.23 5.98
C ILE B 332 -42.68 -15.27 6.36
N ASP B 333 -43.06 -14.09 6.84
CA ASP B 333 -42.13 -13.12 7.42
C ASP B 333 -40.94 -12.91 6.49
N PRO B 334 -41.23 -12.55 5.22
CA PRO B 334 -40.16 -12.37 4.23
C PRO B 334 -39.41 -11.07 4.50
N ASN B 335 -38.18 -11.00 3.99
CA ASN B 335 -37.42 -9.76 3.97
C ASN B 335 -38.29 -8.64 3.38
N LEU B 336 -38.51 -7.58 4.17
CA LEU B 336 -39.35 -6.47 3.74
C LEU B 336 -38.57 -5.42 2.97
N VAL B 337 -37.23 -5.48 3.02
CA VAL B 337 -36.38 -4.58 2.28
C VAL B 337 -36.44 -4.92 0.81
N THR B 338 -36.62 -3.88 -0.01
CA THR B 338 -36.69 -4.04 -1.45
C THR B 338 -35.27 -3.98 -1.99
N ASP B 339 -34.94 -4.83 -2.95
CA ASP B 339 -33.59 -4.73 -3.53
C ASP B 339 -32.52 -4.79 -2.44
N ALA B 340 -32.64 -5.83 -1.62
CA ALA B 340 -31.81 -6.04 -0.45
C ALA B 340 -30.33 -6.11 -0.76
N SER B 341 -29.98 -6.66 -1.92
CA SER B 341 -28.56 -6.86 -2.27
C SER B 341 -28.09 -5.83 -3.29
N PHE B 342 -28.93 -4.80 -3.54
CA PHE B 342 -28.62 -3.69 -4.43
C PHE B 342 -28.42 -4.10 -5.89
N GLU B 343 -28.78 -5.34 -6.27
CA GLU B 343 -28.48 -5.85 -7.60
C GLU B 343 -29.45 -5.34 -8.67
N ARG B 344 -30.64 -4.86 -8.30
CA ARG B 344 -31.70 -4.54 -9.23
C ARG B 344 -31.50 -3.18 -9.91
N SER B 345 -30.65 -2.29 -9.39
CA SER B 345 -30.41 -1.00 -10.02
C SER B 345 -28.91 -0.67 -9.98
N THR B 346 -28.49 0.23 -10.89
CA THR B 346 -27.11 0.70 -10.96
C THR B 346 -27.01 2.14 -10.49
N THR B 347 -28.12 2.78 -10.09
CA THR B 347 -28.09 4.12 -9.50
C THR B 347 -29.09 4.13 -8.36
N LEU B 348 -28.90 5.09 -7.46
CA LEU B 348 -29.78 5.27 -6.32
C LEU B 348 -31.11 5.91 -6.75
N GLY B 349 -32.13 5.70 -5.91
CA GLY B 349 -33.42 6.36 -5.97
C GLY B 349 -33.54 7.46 -4.92
N ASP B 350 -34.71 7.60 -4.29
CA ASP B 350 -34.96 8.67 -3.35
C ASP B 350 -35.41 8.11 -2.01
N GLY B 351 -35.30 6.79 -1.84
CA GLY B 351 -35.61 6.19 -0.56
C GLY B 351 -37.07 5.79 -0.40
N THR B 352 -37.92 6.15 -1.39
CA THR B 352 -39.36 5.87 -1.33
C THR B 352 -39.65 4.80 -2.37
N ASN B 353 -40.83 4.17 -2.23
CA ASN B 353 -41.34 3.25 -3.24
C ASN B 353 -40.39 2.08 -3.44
N GLY B 354 -39.68 1.67 -2.38
CA GLY B 354 -38.84 0.50 -2.45
C GLY B 354 -37.49 0.79 -3.08
N THR B 355 -37.06 2.07 -3.06
CA THR B 355 -35.75 2.43 -3.59
C THR B 355 -34.85 2.84 -2.41
N TRP B 356 -33.56 2.83 -2.72
CA TRP B 356 -32.50 3.29 -1.84
C TRP B 356 -32.18 4.73 -2.17
N ALA B 357 -31.82 5.48 -1.13
CA ALA B 357 -31.26 6.81 -1.24
C ALA B 357 -29.91 6.85 -0.54
N ALA B 358 -29.14 7.90 -0.81
CA ALA B 358 -27.93 8.16 -0.03
C ALA B 358 -27.51 9.60 -0.22
N LYS B 359 -26.71 10.10 0.73
CA LYS B 359 -26.13 11.43 0.67
C LYS B 359 -24.94 11.40 -0.25
N PRO B 360 -24.49 12.57 -0.77
CA PRO B 360 -23.28 12.60 -1.57
C PRO B 360 -22.09 12.24 -0.69
N ASN B 361 -21.03 11.65 -1.24
CA ASN B 361 -20.94 11.04 -2.54
C ASN B 361 -21.28 9.57 -2.38
N SER B 362 -22.19 9.09 -3.23
CA SER B 362 -22.73 7.75 -3.06
C SER B 362 -23.03 7.13 -4.41
N GLY B 363 -23.40 5.85 -4.37
CA GLY B 363 -23.83 5.19 -5.56
C GLY B 363 -23.81 3.70 -5.33
N ILE B 364 -23.95 3.00 -6.45
CA ILE B 364 -23.96 1.56 -6.46
C ILE B 364 -22.67 1.13 -7.13
N ASP B 365 -21.82 0.46 -6.35
CA ASP B 365 -20.63 -0.16 -6.90
C ASP B 365 -21.08 -1.36 -7.68
N ASN B 366 -20.37 -1.58 -8.77
CA ASN B 366 -20.81 -2.56 -9.75
C ASN B 366 -19.56 -3.19 -10.38
N ALA B 367 -19.24 -4.44 -10.00
CA ALA B 367 -18.15 -5.14 -10.66
C ALA B 367 -18.30 -6.63 -10.30
N PRO B 368 -17.71 -7.56 -11.06
CA PRO B 368 -17.89 -8.97 -10.75
C PRO B 368 -17.45 -9.26 -9.29
N ALA B 369 -18.38 -9.74 -8.48
CA ALA B 369 -18.13 -10.09 -7.07
C ALA B 369 -17.72 -8.87 -6.27
N ALA B 370 -18.23 -7.69 -6.63
CA ALA B 370 -18.01 -6.51 -5.79
C ALA B 370 -18.90 -6.49 -4.56
N GLY B 371 -20.07 -7.15 -4.63
CA GLY B 371 -20.96 -7.22 -3.49
C GLY B 371 -20.37 -8.06 -2.36
N PHE B 372 -20.96 -7.96 -1.20
CA PHE B 372 -20.83 -9.02 -0.21
C PHE B 372 -21.30 -10.33 -0.86
N THR B 373 -22.50 -10.23 -1.48
CA THR B 373 -22.95 -11.14 -2.51
C THR B 373 -23.25 -10.34 -3.77
N GLY B 374 -23.16 -11.05 -4.89
CA GLY B 374 -23.45 -10.48 -6.19
C GLY B 374 -22.43 -9.44 -6.64
N ASP B 375 -22.85 -8.60 -7.57
CA ASP B 375 -21.97 -7.66 -8.22
C ASP B 375 -22.16 -6.23 -7.73
N HIS B 376 -23.18 -6.01 -6.90
CA HIS B 376 -23.52 -4.68 -6.43
C HIS B 376 -23.49 -4.57 -4.92
N ARG B 377 -23.09 -3.36 -4.49
CA ARG B 377 -23.17 -2.93 -3.11
C ARG B 377 -23.39 -1.42 -3.12
N ALA B 378 -23.97 -0.88 -2.08
CA ALA B 378 -24.08 0.57 -1.98
C ALA B 378 -22.85 1.12 -1.25
N PHE B 379 -22.53 2.38 -1.55
CA PHE B 379 -21.40 3.04 -0.91
C PHE B 379 -21.80 4.48 -0.63
N VAL B 380 -21.24 5.02 0.45
CA VAL B 380 -21.31 6.46 0.70
C VAL B 380 -19.92 6.93 1.16
N ARG B 381 -19.49 8.12 0.75
CA ARG B 381 -18.13 8.59 1.03
C ARG B 381 -18.10 10.11 1.03
N TYR B 382 -17.59 10.69 2.11
CA TYR B 382 -17.40 12.13 2.15
C TYR B 382 -16.40 12.49 3.26
N ASN B 383 -16.18 13.80 3.45
CA ASN B 383 -15.33 14.31 4.52
C ASN B 383 -15.99 15.50 5.22
N SER B 384 -17.25 15.33 5.59
CA SER B 384 -18.00 16.26 6.42
C SER B 384 -19.39 15.71 6.75
N GLY B 385 -19.71 15.67 8.05
CA GLY B 385 -21.06 15.41 8.50
C GLY B 385 -21.44 13.93 8.43
N TRP B 386 -22.71 13.72 8.77
CA TRP B 386 -23.37 12.41 8.74
C TRP B 386 -23.73 12.03 7.31
N ARG B 387 -23.28 10.84 6.87
CA ARG B 387 -23.44 10.38 5.51
C ARG B 387 -23.98 8.95 5.48
N ASP B 388 -25.18 8.78 4.92
CA ASP B 388 -25.97 7.58 5.11
C ASP B 388 -26.59 7.09 3.79
N ILE B 389 -27.08 5.85 3.87
CA ILE B 389 -27.78 5.10 2.85
C ILE B 389 -29.04 4.58 3.53
N TRP B 390 -30.22 4.77 2.94
CA TRP B 390 -31.44 4.42 3.66
C TRP B 390 -32.56 4.02 2.70
N GLN B 391 -33.56 3.34 3.25
CA GLN B 391 -34.74 2.95 2.49
C GLN B 391 -35.92 2.98 3.45
N ASP B 392 -37.04 3.57 2.99
CA ASP B 392 -38.33 3.46 3.67
C ASP B 392 -38.92 2.06 3.52
N VAL B 393 -39.41 1.50 4.63
CA VAL B 393 -39.98 0.16 4.64
C VAL B 393 -41.28 0.19 5.42
N ALA B 394 -42.31 -0.37 4.79
CA ALA B 394 -43.62 -0.51 5.40
C ALA B 394 -43.58 -1.56 6.50
N VAL B 395 -44.16 -1.21 7.66
CA VAL B 395 -44.21 -2.08 8.81
C VAL B 395 -45.63 -2.15 9.36
N GLU B 396 -45.85 -3.15 10.20
CA GLU B 396 -47.09 -3.33 10.95
C GLU B 396 -46.95 -2.71 12.34
N ARG B 397 -47.85 -1.79 12.67
CA ARG B 397 -47.80 -1.11 13.97
C ARG B 397 -47.73 -2.16 15.06
N GLY B 398 -46.94 -1.88 16.09
CA GLY B 398 -46.90 -2.78 17.23
C GLY B 398 -46.08 -4.05 17.02
N ALA B 399 -45.60 -4.34 15.80
CA ALA B 399 -44.85 -5.57 15.59
C ALA B 399 -43.36 -5.34 15.92
N LYS B 400 -42.61 -6.42 16.19
CA LYS B 400 -41.18 -6.33 16.46
C LYS B 400 -40.44 -6.78 15.20
N TYR B 401 -39.27 -6.21 14.95
CA TYR B 401 -38.52 -6.50 13.73
C TYR B 401 -37.04 -6.70 14.01
N ARG B 402 -36.41 -7.43 13.09
CA ARG B 402 -35.01 -7.79 13.15
C ARG B 402 -34.39 -7.27 11.88
N LEU B 403 -33.42 -6.38 12.05
CA LEU B 403 -32.69 -5.79 10.96
C LEU B 403 -31.27 -6.33 10.99
N THR B 404 -30.83 -6.91 9.86
CA THR B 404 -29.45 -7.34 9.67
C THR B 404 -28.93 -6.81 8.36
N GLY B 405 -27.62 -6.57 8.33
CA GLY B 405 -27.00 -6.12 7.11
C GLY B 405 -25.48 -6.19 7.25
N PHE B 406 -24.84 -6.19 6.08
CA PHE B 406 -23.42 -6.40 5.98
C PHE B 406 -22.78 -5.09 5.56
N LEU B 407 -21.72 -4.69 6.27
CA LEU B 407 -21.08 -3.42 5.94
C LEU B 407 -19.60 -3.50 6.24
N ARG B 408 -18.85 -2.58 5.63
CA ARG B 408 -17.46 -2.35 5.99
C ARG B 408 -17.13 -0.91 5.70
N THR B 409 -15.97 -0.47 6.18
CA THR B 409 -15.60 0.93 6.12
C THR B 409 -14.15 1.06 5.70
N SER B 410 -13.81 2.30 5.33
CA SER B 410 -12.41 2.70 5.24
C SER B 410 -11.79 2.53 6.62
N VAL B 411 -10.47 2.37 6.63
CA VAL B 411 -9.78 2.07 7.89
C VAL B 411 -9.89 3.25 8.83
N ASN B 412 -10.02 4.46 8.27
CA ASN B 412 -10.02 5.69 9.06
C ASN B 412 -11.41 6.04 9.56
N SER B 413 -12.46 5.23 9.30
CA SER B 413 -13.76 5.46 9.92
C SER B 413 -13.68 5.41 11.44
N ASP B 414 -14.44 6.30 12.14
CA ASP B 414 -14.40 6.36 13.59
C ASP B 414 -15.77 6.18 14.23
N ASN B 415 -16.84 6.45 13.50
CA ASN B 415 -18.16 6.38 14.10
C ASN B 415 -19.23 6.33 13.02
N GLY B 416 -19.91 5.18 12.98
CA GLY B 416 -21.06 4.98 12.12
C GLY B 416 -22.16 4.28 12.87
N PHE B 417 -23.34 4.24 12.25
CA PHE B 417 -24.53 3.68 12.84
C PHE B 417 -25.30 2.89 11.79
N PHE B 418 -25.96 1.83 12.25
CA PHE B 418 -26.81 0.98 11.44
C PHE B 418 -28.05 0.72 12.28
N GLY B 419 -29.23 0.87 11.66
CA GLY B 419 -30.43 0.73 12.45
C GLY B 419 -31.69 1.10 11.67
N ALA B 420 -32.74 1.32 12.46
CA ALA B 420 -34.00 1.80 11.96
C ALA B 420 -34.33 3.12 12.65
N ARG B 421 -34.92 4.04 11.86
CA ARG B 421 -35.39 5.29 12.40
C ARG B 421 -36.76 5.63 11.83
N THR B 422 -37.39 6.66 12.39
CA THR B 422 -38.65 7.16 11.88
C THR B 422 -38.38 7.88 10.58
N LEU B 423 -39.44 8.06 9.77
CA LEU B 423 -39.35 8.82 8.54
C LEU B 423 -38.81 10.23 8.81
N ASP B 424 -38.98 10.74 10.03
CA ASP B 424 -38.46 12.06 10.36
C ASP B 424 -37.02 12.00 10.87
N GLY B 425 -36.42 10.80 10.88
CA GLY B 425 -35.00 10.71 11.18
C GLY B 425 -34.68 10.45 12.66
N VAL B 426 -35.66 10.08 13.48
CA VAL B 426 -35.42 9.81 14.89
C VAL B 426 -35.08 8.34 15.08
N PRO B 427 -33.87 7.97 15.59
CA PRO B 427 -33.51 6.56 15.71
C PRO B 427 -34.51 5.81 16.59
N ILE B 428 -34.94 4.62 16.12
CA ILE B 428 -35.77 3.71 16.90
C ILE B 428 -34.90 2.63 17.56
N GLY B 429 -34.07 1.97 16.77
CA GLY B 429 -33.03 1.13 17.32
C GLY B 429 -31.83 1.17 16.39
N GLU B 430 -30.61 1.16 16.96
CA GLU B 430 -29.41 1.23 16.16
C GLU B 430 -28.20 0.71 16.95
N ILE B 431 -27.16 0.36 16.19
CA ILE B 431 -25.88 0.04 16.78
C ILE B 431 -24.85 1.04 16.24
N ASN B 432 -23.72 1.09 16.95
CA ASN B 432 -22.62 2.00 16.70
C ASN B 432 -21.39 1.16 16.36
N PHE B 433 -20.82 1.36 15.17
CA PHE B 433 -19.57 0.75 14.76
C PHE B 433 -18.51 1.85 14.55
N HIS B 434 -17.24 1.44 14.40
CA HIS B 434 -16.14 2.39 14.29
C HIS B 434 -15.43 2.19 12.96
N SER B 435 -14.40 1.32 12.93
CA SER B 435 -13.68 0.95 11.73
C SER B 435 -13.94 -0.54 11.48
N VAL B 436 -14.40 -0.91 10.29
CA VAL B 436 -14.92 -2.25 9.99
C VAL B 436 -14.16 -2.75 8.77
N GLY B 437 -13.23 -3.70 9.02
CA GLY B 437 -12.32 -4.13 7.97
C GLY B 437 -12.94 -5.17 7.07
N ALA B 438 -13.17 -6.37 7.61
CA ALA B 438 -13.90 -7.39 6.88
C ALA B 438 -15.35 -6.93 6.74
N TRP B 439 -16.02 -7.35 5.67
CA TRP B 439 -17.47 -7.34 5.69
C TRP B 439 -17.95 -7.98 7.00
N THR B 440 -18.81 -7.27 7.72
CA THR B 440 -19.28 -7.68 9.00
C THR B 440 -20.79 -7.47 9.10
N ARG B 441 -21.50 -8.49 9.59
CA ARG B 441 -22.92 -8.37 9.82
C ARG B 441 -23.21 -7.65 11.13
N PHE B 442 -24.15 -6.72 11.08
CA PHE B 442 -24.71 -6.07 12.25
C PHE B 442 -26.18 -6.44 12.32
N THR B 443 -26.68 -6.47 13.56
CA THR B 443 -27.98 -6.98 13.91
C THR B 443 -28.65 -6.05 14.90
N VAL B 444 -29.90 -5.65 14.63
CA VAL B 444 -30.65 -4.75 15.48
C VAL B 444 -32.07 -5.30 15.56
N GLU B 445 -32.61 -5.47 16.77
CA GLU B 445 -34.03 -5.78 16.94
C GLU B 445 -34.72 -4.60 17.61
N PHE B 446 -35.93 -4.27 17.14
CA PHE B 446 -36.61 -3.11 17.65
C PHE B 446 -38.12 -3.30 17.51
N ASP B 447 -38.85 -2.53 18.30
CA ASP B 447 -40.31 -2.43 18.22
C ASP B 447 -40.67 -1.34 17.21
N ALA B 448 -41.54 -1.64 16.26
CA ALA B 448 -41.94 -0.62 15.31
C ALA B 448 -42.74 0.49 16.01
N GLY B 449 -43.44 0.10 17.07
CA GLY B 449 -44.28 1.00 17.84
C GLY B 449 -45.50 1.44 17.02
N ASP B 450 -46.05 2.62 17.34
CA ASP B 450 -47.29 3.03 16.71
C ASP B 450 -47.00 3.68 15.36
N ARG B 451 -46.46 2.93 14.39
CA ARG B 451 -46.26 3.51 13.08
C ARG B 451 -46.27 2.44 12.00
N ASP B 452 -46.42 2.85 10.73
CA ASP B 452 -46.46 1.82 9.72
C ASP B 452 -45.41 2.05 8.63
N ALA B 453 -44.41 2.89 8.92
CA ALA B 453 -43.18 2.87 8.13
C ALA B 453 -41.99 3.24 9.01
N VAL B 454 -40.84 2.66 8.69
CA VAL B 454 -39.58 3.08 9.25
C VAL B 454 -38.59 3.27 8.11
N GLN B 455 -37.46 3.89 8.41
CA GLN B 455 -36.35 3.97 7.49
C GLN B 455 -35.22 3.10 8.01
N VAL B 456 -34.82 2.10 7.22
CA VAL B 456 -33.65 1.30 7.56
C VAL B 456 -32.46 2.05 7.00
N PHE B 457 -31.36 2.09 7.75
CA PHE B 457 -30.21 2.86 7.29
C PHE B 457 -28.90 2.28 7.79
N GLY B 458 -27.86 2.68 7.06
CA GLY B 458 -26.51 2.65 7.56
C GLY B 458 -25.79 3.91 7.14
N GLY B 459 -24.85 4.37 7.98
CA GLY B 459 -24.02 5.50 7.62
C GLY B 459 -22.81 5.72 8.52
N VAL B 460 -22.00 6.71 8.12
CA VAL B 460 -20.77 7.05 8.82
C VAL B 460 -20.76 8.56 9.05
N TRP B 461 -20.30 8.98 10.23
CA TRP B 461 -19.85 10.35 10.44
C TRP B 461 -18.55 10.55 9.70
N THR B 462 -18.37 11.69 9.03
CA THR B 462 -17.24 11.86 8.14
C THR B 462 -16.45 13.13 8.42
N ASN B 463 -16.59 13.71 9.62
CA ASN B 463 -15.79 14.88 9.98
C ASN B 463 -14.30 14.57 10.12
N SER B 464 -13.91 13.33 10.44
CA SER B 464 -12.53 13.06 10.82
C SER B 464 -11.66 12.84 9.60
N GLY B 465 -12.26 12.63 8.42
CA GLY B 465 -11.46 12.40 7.25
C GLY B 465 -12.29 11.89 6.08
N ASP B 466 -11.59 11.56 5.00
CA ASP B 466 -12.18 10.95 3.82
C ASP B 466 -12.56 9.50 4.16
N ILE B 467 -13.82 9.31 4.52
CA ILE B 467 -14.32 8.05 5.05
C ILE B 467 -15.43 7.53 4.14
N TRP B 468 -15.43 6.21 3.95
CA TRP B 468 -16.45 5.51 3.21
C TRP B 468 -16.96 4.31 3.98
N MET B 469 -18.22 3.97 3.65
CA MET B 469 -18.87 2.77 4.11
C MET B 469 -19.49 2.10 2.87
N GLN B 470 -19.42 0.75 2.83
CA GLN B 470 -20.12 -0.05 1.84
C GLN B 470 -21.16 -0.92 2.57
N LEU B 471 -22.27 -1.22 1.87
CA LEU B 471 -23.42 -1.89 2.47
C LEU B 471 -24.01 -2.89 1.49
N ASP B 472 -24.43 -4.03 2.03
CA ASP B 472 -25.04 -5.07 1.20
C ASP B 472 -25.95 -5.94 2.05
N ASP B 473 -26.95 -6.58 1.38
CA ASP B 473 -27.74 -7.71 1.88
C ASP B 473 -28.47 -7.34 3.15
N VAL B 474 -29.21 -6.24 3.05
CA VAL B 474 -29.89 -5.73 4.23
C VAL B 474 -31.25 -6.45 4.33
N SER B 475 -31.63 -6.85 5.53
CA SER B 475 -32.86 -7.59 5.75
C SER B 475 -33.61 -7.05 6.95
N LEU B 476 -34.94 -6.86 6.80
CA LEU B 476 -35.82 -6.56 7.92
C LEU B 476 -36.95 -7.59 7.90
N THR B 477 -37.11 -8.35 8.99
CA THR B 477 -38.06 -9.43 9.07
C THR B 477 -38.73 -9.32 10.43
N LYS B 478 -39.99 -9.74 10.45
CA LYS B 478 -40.77 -9.75 11.67
C LYS B 478 -40.14 -10.72 12.66
N VAL B 479 -40.16 -10.34 13.92
CA VAL B 479 -39.78 -11.23 15.00
C VAL B 479 -41.02 -11.95 15.54
N ARG B 480 -40.83 -13.23 15.81
CA ARG B 480 -41.79 -14.10 16.47
C ARG B 480 -41.23 -14.50 17.85
N THR C 2 32.52 -8.86 -12.17
CA THR C 2 33.68 -9.31 -11.36
C THR C 2 33.63 -8.55 -10.03
N THR C 3 34.53 -8.92 -9.11
CA THR C 3 34.66 -8.27 -7.82
C THR C 3 35.66 -7.11 -7.91
N SER C 4 36.05 -6.67 -9.12
CA SER C 4 36.97 -5.56 -9.26
C SER C 4 36.37 -4.31 -8.62
N ARG C 5 37.24 -3.42 -8.16
CA ARG C 5 36.82 -2.16 -7.57
C ARG C 5 36.21 -1.29 -8.67
N THR C 6 35.22 -0.49 -8.27
CA THR C 6 34.59 0.47 -9.15
C THR C 6 35.13 1.87 -8.88
N PRO C 7 35.92 2.46 -9.82
CA PRO C 7 36.42 3.82 -9.62
C PRO C 7 35.37 4.91 -9.78
N ALA C 8 34.29 4.63 -10.54
CA ALA C 8 33.27 5.62 -10.90
C ALA C 8 32.38 5.93 -9.71
N THR C 9 31.85 7.16 -9.75
CA THR C 9 30.99 7.73 -8.72
C THR C 9 29.63 7.94 -9.34
N VAL C 10 28.57 7.63 -8.58
CA VAL C 10 27.21 7.99 -8.94
C VAL C 10 26.94 9.47 -8.68
N VAL C 11 26.43 10.14 -9.73
CA VAL C 11 26.23 11.58 -9.66
C VAL C 11 24.75 11.87 -9.46
N GLU C 12 23.87 11.18 -10.20
CA GLU C 12 22.45 11.49 -10.14
C GLU C 12 21.68 10.34 -10.78
N LYS C 13 20.47 10.09 -10.28
CA LYS C 13 19.52 9.25 -11.00
C LYS C 13 18.75 10.16 -11.97
N LEU C 14 18.85 9.87 -13.28
CA LEU C 14 18.36 10.82 -14.27
C LEU C 14 16.87 10.62 -14.56
N THR C 15 16.40 9.39 -14.45
CA THR C 15 15.05 9.03 -14.87
C THR C 15 14.41 8.20 -13.78
N GLY C 16 13.08 8.25 -13.74
CA GLY C 16 12.31 7.32 -12.93
C GLY C 16 12.14 7.78 -11.48
N PRO C 17 11.65 6.87 -10.61
CA PRO C 17 11.31 7.23 -9.23
C PRO C 17 12.49 7.88 -8.52
N ASP C 18 12.20 9.02 -7.85
CA ASP C 18 13.18 9.75 -7.04
CA ASP C 18 13.09 9.85 -7.06
C ASP C 18 14.10 10.63 -7.90
N ALA C 19 14.10 10.46 -9.25
CA ALA C 19 14.95 11.27 -10.08
C ALA C 19 14.65 12.76 -9.86
N PRO C 20 15.65 13.61 -9.58
CA PRO C 20 15.42 15.05 -9.53
C PRO C 20 14.73 15.59 -10.79
N ASN C 21 15.04 15.00 -11.97
CA ASN C 21 14.45 15.44 -13.21
C ASN C 21 12.93 15.28 -13.25
N ASN C 22 12.39 14.34 -12.46
CA ASN C 22 10.94 14.10 -12.47
C ASN C 22 10.47 13.81 -13.91
N THR C 23 11.11 12.83 -14.56
CA THR C 23 10.69 12.39 -15.87
C THR C 23 9.34 11.68 -15.80
N TRP C 24 9.07 11.02 -14.66
CA TRP C 24 7.83 10.31 -14.47
C TRP C 24 6.66 11.30 -14.50
N GLY C 25 6.74 12.35 -13.65
CA GLY C 25 5.69 13.36 -13.55
C GLY C 25 5.53 14.18 -14.83
N ARG C 26 6.64 14.62 -15.37
CA ARG C 26 6.66 15.54 -16.52
C ARG C 26 6.20 14.86 -17.79
N TRP C 27 6.66 13.61 -18.02
CA TRP C 27 6.62 13.00 -19.34
C TRP C 27 6.20 11.52 -19.36
N ASP C 28 5.79 10.97 -18.21
CA ASP C 28 5.44 9.58 -18.09
C ASP C 28 6.60 8.67 -18.49
N ILE C 29 7.82 9.11 -18.19
CA ILE C 29 8.98 8.26 -18.27
C ILE C 29 9.28 7.77 -16.86
N LYS C 30 8.74 6.61 -16.53
CA LYS C 30 8.90 6.06 -15.19
C LYS C 30 10.04 5.07 -15.15
N ALA C 31 10.33 4.40 -16.29
CA ALA C 31 11.39 3.43 -16.30
C ALA C 31 11.89 3.30 -17.74
N THR C 32 13.22 3.34 -17.90
CA THR C 32 13.82 3.43 -19.22
C THR C 32 15.28 3.02 -19.12
N ASP C 33 15.95 2.95 -20.27
CA ASP C 33 17.36 2.67 -20.28
C ASP C 33 18.10 3.38 -21.41
N LEU C 34 19.43 3.27 -21.32
CA LEU C 34 20.44 3.69 -22.26
C LEU C 34 20.89 5.13 -21.99
N GLY C 35 20.12 6.13 -22.43
CA GLY C 35 20.57 7.50 -22.26
C GLY C 35 21.77 7.82 -23.14
N ILE C 36 21.51 7.66 -24.45
CA ILE C 36 22.49 7.92 -25.50
C ILE C 36 22.49 9.42 -25.82
N MET C 37 23.65 10.06 -25.68
CA MET C 37 23.74 11.50 -25.70
C MET C 37 24.53 12.01 -26.91
N TRP C 38 24.09 13.15 -27.44
CA TRP C 38 24.93 13.87 -28.38
C TRP C 38 24.64 15.37 -28.36
N ASP C 39 25.65 16.13 -28.80
CA ASP C 39 25.56 17.57 -28.98
C ASP C 39 24.72 17.90 -30.23
N ASP C 40 23.66 18.69 -30.06
CA ASP C 40 22.75 18.95 -31.18
C ASP C 40 23.24 20.09 -32.08
N GLY C 41 24.42 20.66 -31.78
CA GLY C 41 24.99 21.71 -32.58
C GLY C 41 24.42 23.10 -32.27
N ALA C 42 23.45 23.20 -31.35
CA ALA C 42 22.78 24.44 -31.04
C ALA C 42 22.77 24.69 -29.54
N GLY C 43 23.78 24.15 -28.84
CA GLY C 43 23.96 24.45 -27.42
C GLY C 43 23.25 23.47 -26.47
N HIS C 44 22.66 22.39 -27.01
CA HIS C 44 21.96 21.40 -26.19
C HIS C 44 22.53 19.99 -26.38
N VAL C 45 22.19 19.11 -25.42
CA VAL C 45 22.47 17.68 -25.54
C VAL C 45 21.15 16.96 -25.65
N LEU C 46 21.01 16.18 -26.71
CA LEU C 46 19.87 15.28 -26.88
C LEU C 46 20.25 13.91 -26.32
N THR C 47 19.29 13.28 -25.66
CA THR C 47 19.47 12.02 -24.97
C THR C 47 18.32 11.11 -25.35
N ALA C 48 18.69 9.99 -26.00
CA ALA C 48 17.73 9.00 -26.42
C ALA C 48 17.74 7.76 -25.51
N PHE C 49 16.60 7.10 -25.38
CA PHE C 49 16.43 5.96 -24.49
C PHE C 49 15.79 4.82 -25.28
N GLY C 50 15.90 3.60 -24.73
CA GLY C 50 15.26 2.40 -25.27
C GLY C 50 13.86 2.17 -24.72
N ASN C 51 13.49 0.90 -24.49
CA ASN C 51 12.13 0.58 -24.10
C ASN C 51 11.80 1.37 -22.84
N THR C 52 10.68 2.07 -22.87
CA THR C 52 10.30 3.04 -21.85
C THR C 52 8.86 2.73 -21.41
N PHE C 53 8.65 2.80 -20.09
CA PHE C 53 7.36 2.53 -19.47
C PHE C 53 6.94 3.71 -18.60
N GLY C 54 5.65 3.82 -18.42
CA GLY C 54 4.99 4.88 -17.71
C GLY C 54 4.55 4.45 -16.32
N ASN C 55 3.56 5.18 -15.83
CA ASN C 55 3.12 5.23 -14.46
C ASN C 55 2.87 3.87 -13.82
N SER C 56 2.34 2.88 -14.58
CA SER C 56 1.96 1.60 -13.98
C SER C 56 3.15 0.67 -13.78
N TRP C 57 4.33 1.00 -14.33
CA TRP C 57 5.52 0.19 -14.09
C TRP C 57 5.80 0.07 -12.60
N THR C 58 6.23 -1.12 -12.16
CA THR C 58 6.66 -1.30 -10.77
C THR C 58 8.10 -1.78 -10.68
N GLY C 59 8.59 -2.47 -11.71
CA GLY C 59 9.85 -3.17 -11.61
C GLY C 59 9.70 -4.34 -10.64
N PRO C 60 10.79 -5.06 -10.33
CA PRO C 60 12.11 -4.76 -10.86
C PRO C 60 12.26 -5.17 -12.32
N GLY C 61 13.21 -4.54 -13.00
CA GLY C 61 13.56 -4.89 -14.35
C GLY C 61 12.69 -4.18 -15.38
N GLY C 62 13.02 -4.41 -16.65
CA GLY C 62 12.22 -3.86 -17.75
C GLY C 62 10.90 -4.61 -17.86
N GLY C 63 9.97 -4.14 -18.66
CA GLY C 63 8.66 -4.75 -18.68
C GLY C 63 7.74 -4.18 -17.60
N ALA C 64 6.45 -4.31 -17.89
CA ALA C 64 5.43 -3.58 -17.19
C ALA C 64 4.12 -4.29 -17.45
N PRO C 65 3.08 -3.88 -16.71
CA PRO C 65 1.74 -4.38 -16.95
C PRO C 65 1.31 -3.92 -18.33
N PRO C 66 0.24 -4.55 -18.86
CA PRO C 66 -0.31 -4.19 -20.16
C PRO C 66 -0.66 -2.72 -20.35
N ASN C 67 -0.93 -1.97 -19.28
CA ASN C 67 -1.22 -0.54 -19.36
C ASN C 67 0.02 0.32 -19.06
N GLY C 68 1.21 -0.27 -19.26
CA GLY C 68 2.49 0.35 -18.94
C GLY C 68 2.98 1.41 -19.91
N ASN C 69 2.17 1.81 -20.90
CA ASN C 69 2.55 2.87 -21.83
C ASN C 69 3.93 2.58 -22.44
N TRP C 70 4.09 1.37 -22.97
CA TRP C 70 5.37 0.93 -23.54
C TRP C 70 5.66 1.68 -24.84
N ARG C 71 6.76 2.43 -24.88
CA ARG C 71 7.27 3.08 -26.08
C ARG C 71 8.64 2.46 -26.34
N SER C 72 8.98 2.15 -27.60
CA SER C 72 10.29 1.58 -27.94
C SER C 72 11.45 2.52 -27.63
N ASN C 73 11.15 3.81 -27.56
CA ASN C 73 12.19 4.82 -27.41
C ASN C 73 11.55 6.14 -27.02
N VAL C 74 12.33 7.02 -26.37
CA VAL C 74 11.92 8.38 -26.10
C VAL C 74 13.15 9.26 -26.19
N LEU C 75 12.90 10.58 -26.23
CA LEU C 75 13.97 11.53 -26.45
C LEU C 75 13.77 12.76 -25.55
N VAL C 76 14.86 13.16 -24.88
CA VAL C 76 14.82 14.35 -24.04
C VAL C 76 15.99 15.25 -24.41
N ARG C 77 15.94 16.49 -23.92
CA ARG C 77 16.99 17.45 -24.15
C ARG C 77 17.48 18.02 -22.83
N SER C 78 18.74 18.49 -22.82
CA SER C 78 19.36 19.21 -21.71
C SER C 78 20.14 20.40 -22.25
N SER C 79 20.13 21.49 -21.47
CA SER C 79 21.00 22.64 -21.69
C SER C 79 22.04 22.76 -20.59
N ASP C 80 22.24 21.71 -19.79
CA ASP C 80 22.95 21.79 -18.53
C ASP C 80 24.45 21.55 -18.70
N GLY C 81 25.24 22.54 -18.27
CA GLY C 81 26.70 22.51 -18.35
C GLY C 81 27.34 22.18 -17.01
N ASP C 82 26.51 22.01 -15.98
CA ASP C 82 27.03 21.79 -14.63
C ASP C 82 26.76 20.34 -14.23
N LEU C 83 27.54 19.41 -14.76
CA LEU C 83 27.25 18.00 -14.60
C LEU C 83 27.57 17.48 -13.20
N ALA C 84 28.39 18.19 -12.42
CA ALA C 84 28.70 17.74 -11.06
C ALA C 84 27.45 17.62 -10.19
N ASP C 85 26.43 18.43 -10.46
CA ASP C 85 25.22 18.37 -9.65
C ASP C 85 24.04 17.77 -10.41
N GLY C 86 24.32 17.04 -11.50
CA GLY C 86 23.29 16.33 -12.23
C GLY C 86 23.21 16.88 -13.66
N MET C 87 22.21 16.38 -14.39
CA MET C 87 21.94 16.75 -15.74
C MET C 87 20.46 17.05 -15.87
N LEU C 88 20.10 18.34 -15.84
CA LEU C 88 18.71 18.71 -15.98
C LEU C 88 18.21 18.57 -17.41
N PHE C 89 17.10 17.86 -17.54
CA PHE C 89 16.41 17.74 -18.81
C PHE C 89 15.41 18.89 -18.89
N ASP C 90 15.44 19.63 -20.01
CA ASP C 90 14.65 20.85 -20.14
C ASP C 90 13.63 20.75 -21.26
N TRP C 91 13.48 19.55 -21.83
CA TRP C 91 12.52 19.33 -22.88
C TRP C 91 12.45 17.84 -23.21
N ALA C 92 11.31 17.41 -23.72
CA ALA C 92 11.15 16.06 -24.27
C ALA C 92 10.26 16.12 -25.51
N ALA C 93 10.50 15.20 -26.43
CA ALA C 93 9.58 15.06 -27.56
C ALA C 93 8.30 14.42 -27.05
N GLN C 94 7.17 15.12 -27.17
CA GLN C 94 5.93 14.65 -26.58
C GLN C 94 4.83 14.39 -27.60
N GLY C 95 3.78 13.69 -27.14
CA GLY C 95 2.65 13.36 -27.98
C GLY C 95 1.80 12.30 -27.31
N PRO C 96 0.72 12.67 -26.58
CA PRO C 96 0.32 14.07 -26.38
C PRO C 96 1.26 14.84 -25.43
N GLN C 97 1.08 16.16 -25.36
CA GLN C 97 1.81 16.98 -24.39
C GLN C 97 1.53 16.43 -22.99
N GLY C 98 2.61 16.24 -22.24
CA GLY C 98 2.52 15.57 -20.95
C GLY C 98 3.08 14.16 -21.03
N VAL C 99 3.36 13.65 -22.25
CA VAL C 99 3.77 12.25 -22.45
C VAL C 99 4.89 12.19 -23.45
N ALA C 100 6.07 11.71 -23.02
CA ALA C 100 7.17 11.58 -23.96
C ALA C 100 6.72 10.57 -24.99
N ARG C 101 6.93 10.82 -26.30
CA ARG C 101 6.42 9.87 -27.28
CA ARG C 101 6.42 9.87 -27.28
C ARG C 101 7.56 9.05 -27.89
N GLU C 102 7.18 7.93 -28.48
CA GLU C 102 8.08 7.12 -29.26
C GLU C 102 8.43 7.88 -30.53
N ILE C 103 9.71 8.00 -30.87
CA ILE C 103 10.10 8.80 -32.01
C ILE C 103 10.42 7.89 -33.21
N ILE C 104 10.82 6.63 -32.96
CA ILE C 104 11.15 5.70 -34.03
C ILE C 104 10.19 4.54 -33.89
N PRO C 105 9.19 4.47 -34.80
CA PRO C 105 8.14 3.45 -34.69
C PRO C 105 8.70 2.03 -34.74
N SER C 106 7.95 1.11 -34.13
CA SER C 106 8.23 -0.31 -34.20
C SER C 106 6.91 -1.06 -34.37
N LYS C 107 6.96 -2.26 -34.94
CA LYS C 107 5.74 -3.04 -35.17
C LYS C 107 5.26 -3.73 -33.90
N LYS C 108 6.19 -4.03 -32.99
CA LYS C 108 5.87 -4.70 -31.73
C LYS C 108 5.23 -6.07 -32.02
N ILE C 109 5.83 -6.78 -32.97
CA ILE C 109 5.45 -8.14 -33.31
C ILE C 109 6.64 -9.04 -33.00
N ASN C 110 6.48 -9.90 -31.99
CA ASN C 110 7.56 -10.77 -31.60
C ASN C 110 7.96 -11.67 -32.78
N GLY C 111 9.26 -11.78 -33.02
CA GLY C 111 9.80 -12.58 -34.08
C GLY C 111 9.76 -11.91 -35.45
N VAL C 112 9.19 -10.70 -35.55
CA VAL C 112 9.26 -9.88 -36.75
C VAL C 112 10.03 -8.60 -36.43
N GLU C 113 9.39 -7.69 -35.66
CA GLU C 113 10.08 -6.55 -35.08
C GLU C 113 9.44 -6.22 -33.74
N ILE C 114 10.04 -6.72 -32.67
CA ILE C 114 9.48 -6.53 -31.34
C ILE C 114 9.69 -5.08 -30.88
N THR C 115 10.79 -4.45 -31.29
CA THR C 115 11.06 -3.09 -30.83
C THR C 115 12.15 -2.48 -31.69
N THR C 116 12.32 -1.16 -31.56
CA THR C 116 13.37 -0.38 -32.18
C THR C 116 14.13 0.37 -31.09
N ILE C 117 15.44 0.14 -31.00
CA ILE C 117 16.23 0.64 -29.89
C ILE C 117 17.30 1.56 -30.42
N PRO C 118 17.43 2.82 -29.95
CA PRO C 118 18.53 3.69 -30.34
C PRO C 118 19.88 3.14 -29.90
N THR C 119 20.95 3.46 -30.66
CA THR C 119 22.28 2.94 -30.42
C THR C 119 23.29 4.06 -30.20
N THR C 120 23.12 5.14 -30.96
CA THR C 120 24.10 6.21 -31.02
C THR C 120 23.48 7.37 -31.80
N GLY C 121 23.94 8.58 -31.54
CA GLY C 121 23.44 9.75 -32.23
C GLY C 121 24.54 10.79 -32.47
N ILE C 122 24.25 11.68 -33.42
CA ILE C 122 25.20 12.77 -33.68
C ILE C 122 24.44 13.88 -34.43
N SER C 123 25.03 15.08 -34.45
CA SER C 123 24.49 16.13 -35.30
C SER C 123 25.56 16.54 -36.30
N VAL C 124 25.09 16.87 -37.53
CA VAL C 124 25.93 17.47 -38.58
C VAL C 124 25.13 18.63 -39.16
N GLY C 125 25.69 19.83 -39.10
CA GLY C 125 24.94 20.99 -39.55
C GLY C 125 23.70 21.13 -38.70
N LYS C 126 22.57 21.37 -39.35
CA LYS C 126 21.29 21.50 -38.68
C LYS C 126 20.51 20.19 -38.65
N ARG C 127 21.16 19.04 -38.91
CA ARG C 127 20.45 17.77 -38.85
C ARG C 127 20.93 16.90 -37.68
N GLN C 128 19.93 16.35 -36.98
CA GLN C 128 20.19 15.34 -35.97
C GLN C 128 20.06 13.96 -36.62
N TYR C 129 20.98 13.07 -36.24
CA TYR C 129 20.91 11.67 -36.63
C TYR C 129 20.92 10.76 -35.40
N LEU C 130 20.01 9.77 -35.43
CA LEU C 130 19.89 8.73 -34.43
C LEU C 130 19.95 7.36 -35.10
N GLY C 131 21.08 6.69 -34.88
CA GLY C 131 21.23 5.28 -35.20
C GLY C 131 20.28 4.43 -34.34
N PHE C 132 19.80 3.34 -34.90
CA PHE C 132 18.99 2.43 -34.10
C PHE C 132 19.07 1.02 -34.65
N MET C 133 18.62 0.04 -33.83
CA MET C 133 18.59 -1.34 -34.28
C MET C 133 17.14 -1.83 -34.23
N SER C 134 16.69 -2.50 -35.30
CA SER C 134 15.39 -3.17 -35.37
C SER C 134 15.56 -4.54 -34.74
N VAL C 135 14.90 -4.79 -33.62
CA VAL C 135 15.12 -6.01 -32.85
C VAL C 135 13.99 -6.96 -33.22
N LYS C 136 14.39 -8.12 -33.75
CA LYS C 136 13.47 -9.15 -34.18
C LYS C 136 12.91 -9.90 -32.97
N GLN C 137 13.83 -10.31 -32.10
CA GLN C 137 13.44 -11.00 -30.87
C GLN C 137 14.63 -10.99 -29.89
N TRP C 138 14.34 -11.28 -28.62
CA TRP C 138 15.36 -11.32 -27.58
C TRP C 138 15.64 -12.76 -27.16
N GLY C 139 16.87 -13.04 -26.75
CA GLY C 139 17.21 -14.31 -26.14
C GLY C 139 17.48 -14.15 -24.64
N PRO C 140 18.30 -15.05 -24.08
CA PRO C 140 18.81 -14.88 -22.73
C PRO C 140 19.65 -13.60 -22.62
N PRO C 141 20.01 -13.17 -21.38
CA PRO C 141 20.80 -11.96 -21.19
C PRO C 141 22.00 -11.86 -22.12
N GLY C 142 22.10 -10.72 -22.82
CA GLY C 142 23.22 -10.47 -23.72
C GLY C 142 22.98 -11.05 -25.12
N VAL C 143 21.83 -11.71 -25.34
CA VAL C 143 21.53 -12.30 -26.64
C VAL C 143 20.26 -11.73 -27.23
N TRP C 144 20.37 -11.25 -28.49
CA TRP C 144 19.21 -10.88 -29.25
C TRP C 144 19.54 -10.81 -30.74
N ASP C 145 18.48 -10.81 -31.53
CA ASP C 145 18.57 -10.84 -32.99
C ASP C 145 17.99 -9.54 -33.52
N THR C 146 18.78 -8.85 -34.36
CA THR C 146 18.31 -7.64 -35.02
C THR C 146 18.10 -7.92 -36.51
N ASN C 147 17.15 -7.20 -37.10
CA ASN C 147 16.84 -7.26 -38.53
C ASN C 147 17.82 -6.41 -39.31
N PHE C 148 18.20 -5.27 -38.71
CA PHE C 148 19.08 -4.32 -39.36
C PHE C 148 19.40 -3.19 -38.38
N ALA C 149 20.45 -2.42 -38.71
CA ALA C 149 20.72 -1.10 -38.16
C ALA C 149 20.24 -0.05 -39.16
N GLY C 150 19.49 0.94 -38.65
CA GLY C 150 19.04 2.07 -39.45
C GLY C 150 19.51 3.39 -38.85
N ILE C 151 19.05 4.46 -39.50
CA ILE C 151 19.31 5.83 -39.09
C ILE C 151 18.04 6.63 -39.33
N ALA C 152 17.53 7.25 -38.25
CA ALA C 152 16.51 8.28 -38.30
C ALA C 152 17.18 9.65 -38.24
N TYR C 153 16.49 10.66 -38.75
CA TYR C 153 17.04 12.01 -38.71
C TYR C 153 15.93 13.01 -38.44
N SER C 154 16.36 14.18 -37.95
CA SER C 154 15.49 15.28 -37.58
C SER C 154 16.09 16.57 -38.08
N ASP C 155 15.25 17.42 -38.68
CA ASP C 155 15.76 18.71 -39.13
C ASP C 155 15.23 19.84 -38.28
N ASP C 156 14.63 19.53 -37.13
CA ASP C 156 14.12 20.56 -36.24
C ASP C 156 14.54 20.28 -34.81
N GLY C 157 15.79 19.87 -34.63
CA GLY C 157 16.40 19.70 -33.31
C GLY C 157 15.83 18.54 -32.48
N GLY C 158 15.16 17.60 -33.15
CA GLY C 158 14.62 16.40 -32.52
C GLY C 158 13.14 16.51 -32.22
N GLY C 159 12.50 17.59 -32.69
CA GLY C 159 11.06 17.72 -32.60
C GLY C 159 10.35 16.62 -33.40
N THR C 160 10.81 16.37 -34.62
CA THR C 160 10.17 15.39 -35.49
C THR C 160 11.24 14.56 -36.18
N TRP C 161 10.90 13.31 -36.49
CA TRP C 161 11.89 12.35 -36.96
C TRP C 161 11.37 11.60 -38.18
N LYS C 162 12.31 11.29 -39.08
CA LYS C 162 12.03 10.40 -40.18
C LYS C 162 13.06 9.29 -40.20
N VAL C 163 12.60 8.09 -40.53
CA VAL C 163 13.47 6.95 -40.71
C VAL C 163 13.99 6.96 -42.13
N SER C 164 15.31 7.03 -42.26
CA SER C 164 15.98 7.05 -43.55
C SER C 164 15.90 5.68 -44.21
N ASP C 165 16.26 5.63 -45.51
CA ASP C 165 16.43 4.36 -46.20
C ASP C 165 17.80 3.76 -45.99
N THR C 166 18.66 4.37 -45.14
CA THR C 166 19.96 3.81 -44.88
C THR C 166 19.90 2.72 -43.81
N ARG C 167 20.21 1.48 -44.22
CA ARG C 167 20.21 0.31 -43.35
C ARG C 167 21.47 -0.53 -43.56
N TRP C 168 21.97 -1.15 -42.48
CA TRP C 168 22.82 -2.32 -42.57
C TRP C 168 22.02 -3.59 -42.23
N GLU C 169 21.77 -4.41 -43.26
CA GLU C 169 20.92 -5.58 -43.11
C GLU C 169 21.69 -6.67 -42.37
N ASN C 170 20.99 -7.63 -41.79
CA ASN C 170 21.66 -8.64 -41.01
C ASN C 170 21.26 -10.01 -41.54
N ALA C 171 21.72 -10.28 -42.76
CA ALA C 171 21.36 -11.45 -43.56
C ALA C 171 21.42 -12.71 -42.71
N ASP C 172 22.61 -12.96 -42.15
CA ASP C 172 22.95 -14.20 -41.48
C ASP C 172 23.04 -14.03 -39.96
N GLY C 173 22.62 -12.88 -39.41
CA GLY C 173 22.64 -12.69 -37.97
C GLY C 173 24.00 -12.24 -37.41
N HIS C 174 25.06 -12.29 -38.23
CA HIS C 174 26.40 -11.90 -37.77
C HIS C 174 26.90 -10.60 -38.38
N ASP C 175 26.04 -9.75 -38.90
CA ASP C 175 26.47 -8.49 -39.45
C ASP C 175 27.20 -7.70 -38.36
N PRO C 176 28.41 -7.14 -38.64
CA PRO C 176 29.23 -6.49 -37.62
C PRO C 176 28.95 -5.01 -37.28
N PHE C 177 27.88 -4.42 -37.85
CA PHE C 177 27.51 -3.03 -37.58
C PHE C 177 26.03 -2.92 -37.23
N GLN C 178 25.51 -3.90 -36.47
CA GLN C 178 24.12 -3.84 -36.04
C GLN C 178 23.95 -2.80 -34.92
N MET C 179 24.93 -2.73 -34.03
CA MET C 179 24.85 -1.83 -32.87
C MET C 179 26.04 -0.88 -32.98
N GLN C 180 25.75 0.34 -33.37
CA GLN C 180 26.80 1.29 -33.70
C GLN C 180 27.11 2.27 -32.57
N ALA C 181 28.32 2.85 -32.69
CA ALA C 181 28.75 4.00 -31.90
C ALA C 181 29.47 4.99 -32.81
N TRP C 182 28.99 6.23 -32.87
CA TRP C 182 29.55 7.29 -33.71
C TRP C 182 30.36 8.29 -32.90
N VAL C 183 31.50 8.68 -33.48
CA VAL C 183 32.34 9.75 -32.96
C VAL C 183 32.88 10.55 -34.13
N GLN C 184 32.81 11.88 -34.00
CA GLN C 184 33.36 12.81 -34.99
C GLN C 184 34.72 13.36 -34.52
N LYS C 185 35.66 13.35 -35.46
CA LYS C 185 36.98 13.93 -35.33
C LYS C 185 37.28 14.64 -36.67
N GLY C 186 37.48 15.96 -36.61
CA GLY C 186 37.59 16.77 -37.82
C GLY C 186 36.31 16.68 -38.66
N GLY C 187 36.50 16.44 -39.97
CA GLY C 187 35.39 16.32 -40.91
C GLY C 187 34.88 14.89 -41.07
N THR C 188 35.40 13.94 -40.26
CA THR C 188 35.13 12.51 -40.40
C THR C 188 34.34 11.96 -39.20
N ILE C 189 33.29 11.16 -39.49
CA ILE C 189 32.67 10.35 -38.46
C ILE C 189 33.21 8.93 -38.54
N TYR C 190 33.67 8.44 -37.38
CA TYR C 190 34.05 7.06 -37.18
C TYR C 190 32.83 6.32 -36.66
N VAL C 191 32.52 5.18 -37.30
CA VAL C 191 31.36 4.37 -36.99
C VAL C 191 31.88 3.03 -36.50
N PHE C 192 31.85 2.84 -35.18
CA PHE C 192 32.15 1.56 -34.57
C PHE C 192 30.91 0.69 -34.66
N GLY C 193 31.09 -0.62 -34.65
CA GLY C 193 29.91 -1.49 -34.66
C GLY C 193 30.15 -2.83 -34.00
N THR C 194 29.06 -3.44 -33.52
CA THR C 194 29.10 -4.78 -33.02
C THR C 194 27.95 -5.50 -33.69
N GLN C 195 28.02 -6.82 -33.69
CA GLN C 195 26.87 -7.68 -33.92
C GLN C 195 25.79 -7.40 -32.90
N ASN C 196 24.59 -7.89 -33.20
CA ASN C 196 23.51 -7.94 -32.25
C ASN C 196 23.99 -8.65 -30.99
N GLY C 197 23.58 -8.14 -29.82
CA GLY C 197 23.97 -8.79 -28.58
C GLY C 197 25.42 -8.50 -28.16
N ARG C 198 25.89 -9.20 -27.12
CA ARG C 198 27.03 -8.77 -26.32
C ARG C 198 28.19 -9.75 -26.29
N ASN C 199 28.36 -10.55 -27.36
CA ASN C 199 29.26 -11.69 -27.32
C ASN C 199 30.31 -11.66 -28.43
N GLY C 200 30.21 -10.69 -29.32
CA GLY C 200 31.15 -10.56 -30.39
C GLY C 200 32.05 -9.34 -30.22
N PRO C 201 32.92 -9.13 -31.22
CA PRO C 201 33.88 -8.03 -31.24
C PRO C 201 33.35 -6.76 -31.91
N ALA C 202 34.19 -5.72 -31.83
CA ALA C 202 33.87 -4.45 -32.44
C ALA C 202 34.72 -4.23 -33.69
N SER C 203 34.07 -3.66 -34.71
CA SER C 203 34.67 -3.29 -35.99
C SER C 203 34.59 -1.79 -36.15
N VAL C 204 35.22 -1.24 -37.18
CA VAL C 204 35.11 0.19 -37.40
C VAL C 204 35.13 0.62 -38.88
N ALA C 205 34.35 1.68 -39.14
CA ALA C 205 34.20 2.29 -40.45
C ALA C 205 34.32 3.79 -40.28
N LYS C 206 34.43 4.51 -41.40
CA LYS C 206 34.49 5.95 -41.35
C LYS C 206 33.75 6.51 -42.55
N VAL C 207 33.28 7.74 -42.39
CA VAL C 207 32.50 8.39 -43.41
C VAL C 207 32.72 9.88 -43.22
N PRO C 208 32.80 10.64 -44.32
CA PRO C 208 32.69 12.09 -44.22
C PRO C 208 31.41 12.47 -43.49
N ALA C 209 31.53 13.47 -42.62
CA ALA C 209 30.45 13.82 -41.72
C ALA C 209 29.20 14.21 -42.50
N SER C 210 29.37 14.84 -43.67
CA SER C 210 28.20 15.26 -44.41
C SER C 210 27.61 14.12 -45.24
N LYS C 211 28.13 12.89 -45.12
CA LYS C 211 27.67 11.82 -45.98
C LYS C 211 27.18 10.60 -45.19
N LEU C 212 26.66 10.82 -43.97
CA LEU C 212 26.48 9.73 -43.03
C LEU C 212 25.37 8.80 -43.52
N LEU C 213 24.38 9.34 -44.23
CA LEU C 213 23.31 8.54 -44.80
C LEU C 213 23.74 7.82 -46.09
N ASP C 214 24.97 8.06 -46.58
CA ASP C 214 25.34 7.55 -47.90
C ASP C 214 26.28 6.36 -47.73
N LYS C 215 25.74 5.14 -47.79
CA LYS C 215 26.55 3.98 -47.49
C LYS C 215 27.73 3.83 -48.45
N SER C 216 27.64 4.41 -49.66
CA SER C 216 28.72 4.29 -50.63
C SER C 216 29.89 5.22 -50.25
N ALA C 217 29.65 6.19 -49.35
CA ALA C 217 30.72 7.07 -48.89
C ALA C 217 31.44 6.45 -47.69
N PHE C 218 30.96 5.30 -47.18
CA PHE C 218 31.58 4.65 -46.04
C PHE C 218 32.83 3.89 -46.47
N ARG C 219 33.85 3.87 -45.59
CA ARG C 219 34.96 2.95 -45.72
C ARG C 219 35.13 2.16 -44.43
N TYR C 220 35.71 0.95 -44.55
CA TYR C 220 35.74 -0.05 -43.50
C TYR C 220 37.16 -0.49 -43.23
N TRP C 221 37.58 -0.43 -41.95
CA TRP C 221 38.93 -0.81 -41.59
C TRP C 221 39.12 -2.32 -41.78
N ASN C 222 40.16 -2.71 -42.55
CA ASN C 222 40.30 -4.09 -42.97
C ASN C 222 41.62 -4.69 -42.47
N GLY C 223 42.39 -3.92 -41.69
CA GLY C 223 43.65 -4.39 -41.14
C GLY C 223 44.83 -3.60 -41.68
N THR C 224 44.67 -3.03 -42.89
CA THR C 224 45.75 -2.32 -43.54
C THR C 224 45.28 -0.92 -43.89
N ASP C 225 44.07 -0.81 -44.43
CA ASP C 225 43.51 0.51 -44.64
C ASP C 225 41.99 0.40 -44.69
N TRP C 226 41.35 1.39 -45.30
CA TRP C 226 39.92 1.53 -45.22
C TRP C 226 39.31 1.19 -46.58
N SER C 227 38.63 0.04 -46.67
CA SER C 227 38.12 -0.51 -47.92
C SER C 227 36.66 -0.11 -48.11
N ARG C 228 36.10 -0.32 -49.31
CA ARG C 228 34.76 0.19 -49.60
C ARG C 228 33.71 -0.84 -49.21
N LYS C 229 34.12 -2.07 -48.87
CA LYS C 229 33.17 -3.13 -48.55
C LYS C 229 33.09 -3.34 -47.05
N GLU C 230 31.85 -3.36 -46.54
CA GLU C 230 31.56 -3.73 -45.16
C GLU C 230 32.12 -5.11 -44.86
N SER C 231 32.08 -6.01 -45.85
CA SER C 231 32.49 -7.38 -45.61
C SER C 231 34.03 -7.49 -45.45
N ASP C 232 34.77 -6.41 -45.69
CA ASP C 232 36.21 -6.36 -45.45
C ASP C 232 36.57 -5.97 -44.00
N ALA C 233 35.57 -5.54 -43.22
CA ALA C 233 35.81 -5.01 -41.89
C ALA C 233 36.36 -6.12 -41.02
N VAL C 234 37.47 -5.85 -40.32
CA VAL C 234 38.05 -6.77 -39.37
C VAL C 234 37.88 -6.19 -37.97
N PRO C 235 37.78 -7.06 -36.94
CA PRO C 235 37.67 -6.59 -35.56
C PRO C 235 38.86 -5.74 -35.09
N VAL C 236 38.59 -4.58 -34.48
CA VAL C 236 39.65 -3.79 -33.87
C VAL C 236 39.67 -3.96 -32.34
N MET C 237 38.62 -4.54 -31.73
CA MET C 237 38.66 -4.90 -30.32
C MET C 237 38.00 -6.25 -30.14
N ASP C 238 38.59 -7.11 -29.32
CA ASP C 238 38.14 -8.47 -29.27
C ASP C 238 36.79 -8.58 -28.55
N ALA C 239 36.14 -9.70 -28.82
CA ALA C 239 34.96 -10.10 -28.09
C ALA C 239 35.36 -10.35 -26.63
N PRO C 240 34.43 -10.32 -25.65
CA PRO C 240 33.05 -9.87 -25.85
C PRO C 240 32.84 -8.36 -25.58
N MET C 241 32.01 -7.74 -26.43
CA MET C 241 31.69 -6.32 -26.34
C MET C 241 30.19 -6.14 -26.52
N SER C 242 29.69 -4.98 -26.09
CA SER C 242 28.26 -4.74 -26.03
C SER C 242 27.96 -3.47 -26.82
N GLU C 243 26.79 -2.87 -26.55
CA GLU C 243 26.57 -1.45 -26.75
C GLU C 243 27.84 -0.69 -26.40
N MET C 244 28.16 0.33 -27.18
CA MET C 244 29.42 1.02 -27.06
C MET C 244 29.22 2.52 -27.17
N SER C 245 30.22 3.25 -26.67
CA SER C 245 30.25 4.69 -26.77
C SER C 245 31.70 5.02 -27.02
N VAL C 246 31.94 5.94 -27.97
CA VAL C 246 33.27 6.38 -28.28
C VAL C 246 33.28 7.90 -28.26
N GLN C 247 34.31 8.46 -27.62
CA GLN C 247 34.43 9.90 -27.50
C GLN C 247 35.86 10.29 -27.81
N TYR C 248 36.04 11.30 -28.64
CA TYR C 248 37.37 11.84 -28.80
C TYR C 248 37.64 12.88 -27.71
N ASP C 249 38.70 12.66 -26.93
CA ASP C 249 39.08 13.43 -25.77
C ASP C 249 40.29 14.29 -26.10
N ALA C 250 40.08 15.60 -26.23
CA ALA C 250 41.16 16.51 -26.55
C ALA C 250 42.14 16.56 -25.39
N TYR C 251 41.66 16.31 -24.17
CA TYR C 251 42.51 16.33 -22.99
C TYR C 251 43.62 15.29 -23.10
N SER C 252 43.30 14.02 -23.41
CA SER C 252 44.34 13.01 -23.55
C SER C 252 44.75 12.79 -25.02
N LYS C 253 44.09 13.50 -25.95
CA LYS C 253 44.24 13.31 -27.39
C LYS C 253 44.13 11.82 -27.72
N ARG C 254 43.09 11.20 -27.15
CA ARG C 254 42.84 9.81 -27.41
C ARG C 254 41.34 9.64 -27.62
N PHE C 255 40.98 8.63 -28.40
CA PHE C 255 39.63 8.09 -28.36
C PHE C 255 39.47 7.26 -27.10
N LEU C 256 38.30 7.44 -26.46
CA LEU C 256 37.90 6.65 -25.33
C LEU C 256 36.73 5.78 -25.76
N MET C 257 36.72 4.54 -25.31
CA MET C 257 35.63 3.65 -25.64
C MET C 257 35.14 3.02 -24.35
N MET C 258 33.80 3.05 -24.16
CA MET C 258 33.16 2.43 -23.02
C MET C 258 32.17 1.37 -23.52
N THR C 259 32.19 0.22 -22.85
CA THR C 259 31.33 -0.92 -23.10
C THR C 259 31.28 -1.88 -21.91
N LEU C 260 30.15 -2.56 -21.77
CA LEU C 260 30.05 -3.77 -20.96
C LEU C 260 30.82 -4.88 -21.71
N SER C 261 31.89 -5.38 -21.09
CA SER C 261 32.65 -6.49 -21.66
C SER C 261 32.61 -7.66 -20.70
N GLY C 262 31.73 -8.63 -20.98
CA GLY C 262 31.50 -9.70 -20.03
C GLY C 262 30.64 -9.22 -18.87
N GLU C 263 31.23 -9.09 -17.69
CA GLU C 263 30.48 -8.74 -16.49
C GLU C 263 30.48 -7.24 -16.21
N ASP C 264 31.62 -6.58 -16.50
CA ASP C 264 31.90 -5.23 -16.04
C ASP C 264 31.87 -4.25 -17.22
N ILE C 265 31.54 -2.98 -16.92
CA ILE C 265 31.72 -1.92 -17.89
C ILE C 265 33.17 -1.52 -17.82
N ILE C 266 33.82 -1.45 -18.99
CA ILE C 266 35.22 -1.13 -19.10
C ILE C 266 35.42 0.06 -20.03
N MET C 267 36.64 0.59 -19.95
CA MET C 267 37.08 1.60 -20.90
C MET C 267 38.39 1.16 -21.55
N ARG C 268 38.52 1.45 -22.85
CA ARG C 268 39.79 1.34 -23.56
C ARG C 268 40.11 2.66 -24.25
N THR C 269 41.38 2.87 -24.67
CA THR C 269 41.77 4.10 -25.31
C THR C 269 42.65 3.80 -26.52
N ALA C 270 42.64 4.73 -27.47
CA ALA C 270 43.49 4.63 -28.66
C ALA C 270 43.80 6.01 -29.21
N THR C 271 44.97 6.12 -29.87
CA THR C 271 45.30 7.35 -30.57
C THR C 271 44.68 7.36 -31.96
N ALA C 272 44.29 6.18 -32.46
CA ALA C 272 43.62 6.09 -33.74
C ALA C 272 42.43 5.14 -33.59
N PRO C 273 41.32 5.41 -34.30
CA PRO C 273 40.07 4.65 -34.16
C PRO C 273 40.26 3.16 -34.43
N GLU C 274 41.17 2.85 -35.38
CA GLU C 274 41.47 1.48 -35.73
C GLU C 274 42.39 0.85 -34.68
N GLY C 275 42.91 1.64 -33.74
CA GLY C 275 43.71 1.05 -32.68
C GLY C 275 45.19 1.20 -32.99
N PRO C 276 46.10 0.50 -32.27
CA PRO C 276 45.73 -0.41 -31.18
C PRO C 276 44.97 0.23 -30.02
N TRP C 277 44.11 -0.57 -29.39
CA TRP C 277 43.34 -0.15 -28.23
C TRP C 277 44.03 -0.63 -26.95
N THR C 278 44.27 0.28 -26.01
CA THR C 278 44.86 -0.06 -24.73
C THR C 278 44.01 -1.07 -23.97
N PRO C 279 44.62 -1.79 -23.01
CA PRO C 279 43.91 -2.80 -22.23
C PRO C 279 42.73 -2.20 -21.46
N ALA C 280 41.68 -3.00 -21.33
CA ALA C 280 40.48 -2.64 -20.61
C ALA C 280 40.82 -2.15 -19.20
N GLN C 281 40.22 -1.02 -18.81
CA GLN C 281 40.26 -0.54 -17.44
C GLN C 281 38.84 -0.63 -16.88
N THR C 282 38.72 -1.14 -15.66
CA THR C 282 37.41 -1.26 -15.01
C THR C 282 36.79 0.12 -14.80
N VAL C 283 35.56 0.28 -15.28
CA VAL C 283 34.81 1.51 -15.05
C VAL C 283 33.84 1.29 -13.90
N ALA C 284 33.06 0.20 -13.99
CA ALA C 284 32.12 -0.21 -12.96
C ALA C 284 31.98 -1.73 -13.02
N SER C 285 32.03 -2.35 -11.84
CA SER C 285 31.98 -3.81 -11.77
C SER C 285 30.56 -4.27 -11.52
N SER C 286 30.26 -5.50 -11.95
CA SER C 286 28.96 -6.10 -11.67
C SER C 286 28.77 -6.36 -10.18
N THR C 287 29.87 -6.46 -9.42
CA THR C 287 29.71 -6.69 -7.99
C THR C 287 29.10 -5.45 -7.32
N ASP C 288 29.64 -4.28 -7.66
CA ASP C 288 29.13 -3.02 -7.11
C ASP C 288 27.86 -2.53 -7.78
N TYR C 289 27.74 -2.72 -9.10
CA TYR C 289 26.59 -2.28 -9.87
C TYR C 289 25.98 -3.48 -10.59
N PRO C 290 25.26 -4.39 -9.89
CA PRO C 290 24.75 -5.60 -10.55
C PRO C 290 23.80 -5.27 -11.69
N ALA C 291 23.95 -6.06 -12.76
CA ALA C 291 23.16 -5.97 -13.98
C ALA C 291 23.23 -4.57 -14.57
N LEU C 292 24.41 -3.97 -14.49
CA LEU C 292 24.63 -2.70 -15.15
C LEU C 292 24.76 -2.95 -16.65
N TYR C 293 24.54 -1.90 -17.41
CA TYR C 293 24.73 -1.94 -18.84
C TYR C 293 24.74 -0.53 -19.42
N GLY C 294 24.90 -0.46 -20.75
CA GLY C 294 25.08 0.81 -21.43
C GLY C 294 26.45 1.37 -21.05
N GLY C 295 26.49 2.67 -20.80
CA GLY C 295 27.74 3.40 -20.64
C GLY C 295 27.98 4.31 -21.84
N TYR C 296 27.40 5.52 -21.83
CA TYR C 296 27.51 6.47 -22.93
C TYR C 296 28.17 7.74 -22.44
N PHE C 297 29.16 8.24 -23.16
CA PHE C 297 29.88 9.45 -22.73
C PHE C 297 29.04 10.70 -22.96
N HIS C 298 29.09 11.64 -22.00
CA HIS C 298 28.44 12.93 -22.18
C HIS C 298 29.32 13.76 -23.11
N PRO C 299 28.74 14.38 -24.14
CA PRO C 299 29.55 15.04 -25.16
C PRO C 299 30.26 16.27 -24.67
N TRP C 300 29.95 16.77 -23.47
CA TRP C 300 30.61 17.99 -23.01
C TRP C 300 31.72 17.69 -22.02
N ASN C 301 32.21 16.45 -21.97
CA ASN C 301 33.32 16.09 -21.12
C ASN C 301 34.54 16.89 -21.54
N LYS C 302 35.31 17.33 -20.53
CA LYS C 302 36.54 18.08 -20.76
C LYS C 302 37.41 18.02 -19.52
N ASP C 303 38.70 18.33 -19.74
CA ASP C 303 39.69 18.48 -18.70
C ASP C 303 39.84 17.19 -17.89
N GLY C 304 39.55 16.04 -18.48
CA GLY C 304 39.73 14.78 -17.76
C GLY C 304 38.51 14.34 -16.96
N GLU C 305 37.45 15.16 -16.92
CA GLU C 305 36.27 14.82 -16.12
C GLU C 305 35.28 14.12 -17.03
N ILE C 306 35.12 12.82 -16.82
CA ILE C 306 34.38 11.98 -17.75
C ILE C 306 33.05 11.58 -17.12
N TYR C 307 31.99 12.23 -17.57
CA TYR C 307 30.63 11.89 -17.20
C TYR C 307 30.05 10.89 -18.20
N PHE C 308 29.17 10.02 -17.75
CA PHE C 308 28.61 9.02 -18.63
C PHE C 308 27.31 8.54 -18.03
N THR C 309 26.46 8.06 -18.90
CA THR C 309 25.22 7.47 -18.42
C THR C 309 25.37 5.95 -18.29
N MET C 310 24.82 5.40 -17.22
CA MET C 310 24.87 3.99 -16.93
C MET C 310 23.44 3.51 -16.66
N SER C 311 23.13 2.35 -17.21
CA SER C 311 21.82 1.72 -17.02
C SER C 311 21.93 0.57 -15.99
N GLN C 312 20.82 0.17 -15.37
CA GLN C 312 20.88 -0.91 -14.39
C GLN C 312 19.54 -1.61 -14.38
N TRP C 313 19.56 -2.93 -14.57
CA TRP C 313 18.34 -3.66 -14.84
C TRP C 313 17.28 -3.52 -13.76
N ASN C 314 17.59 -3.86 -12.50
CA ASN C 314 16.56 -3.95 -11.47
C ASN C 314 15.83 -2.62 -11.29
N PRO C 315 16.50 -1.47 -11.11
CA PRO C 315 15.79 -0.19 -11.05
C PRO C 315 15.27 0.32 -12.39
N TYR C 316 15.73 -0.31 -13.47
CA TYR C 316 15.37 -0.02 -14.86
C TYR C 316 15.28 1.48 -15.07
N ASN C 317 16.44 2.15 -14.94
CA ASN C 317 16.48 3.59 -15.05
C ASN C 317 17.92 3.97 -15.25
N VAL C 318 18.16 5.21 -15.64
CA VAL C 318 19.50 5.66 -16.02
C VAL C 318 20.09 6.62 -15.00
N TYR C 319 21.38 6.40 -14.73
CA TYR C 319 22.17 7.15 -13.77
C TYR C 319 23.32 7.86 -14.48
N LEU C 320 23.50 9.11 -14.10
CA LEU C 320 24.70 9.85 -14.41
C LEU C 320 25.80 9.42 -13.49
N MET C 321 26.96 9.14 -14.11
CA MET C 321 28.15 8.66 -13.45
C MET C 321 29.31 9.57 -13.79
N ARG C 322 30.36 9.49 -13.00
CA ARG C 322 31.57 10.19 -13.38
C ARG C 322 32.84 9.44 -12.99
N LEU C 323 33.88 9.65 -13.79
CA LEU C 323 35.22 9.24 -13.41
C LEU C 323 36.19 10.31 -13.92
N ARG C 324 37.45 10.12 -13.58
CA ARG C 324 38.48 11.04 -14.01
C ARG C 324 39.60 10.27 -14.72
N ILE C 325 40.19 10.92 -15.72
CA ILE C 325 41.37 10.35 -16.36
C ILE C 325 42.50 11.37 -16.28
N ASP C 326 43.73 10.86 -16.43
CA ASP C 326 44.89 11.72 -16.62
C ASP C 326 45.11 11.91 -18.12
N ARG C 327 46.19 12.59 -18.47
CA ARG C 327 46.44 12.98 -19.85
C ARG C 327 46.85 11.78 -20.72
N ASP C 328 47.10 10.60 -20.14
CA ASP C 328 47.31 9.37 -20.90
C ASP C 328 46.06 8.51 -21.01
N GLY C 329 44.92 8.99 -20.46
CA GLY C 329 43.67 8.25 -20.50
C GLY C 329 43.58 7.14 -19.44
N ASN C 330 44.47 7.19 -18.46
CA ASN C 330 44.39 6.27 -17.34
C ASN C 330 43.35 6.79 -16.35
N ILE C 331 42.51 5.89 -15.82
CA ILE C 331 41.58 6.26 -14.77
C ILE C 331 42.37 6.59 -13.50
N ILE C 332 42.10 7.78 -12.95
CA ILE C 332 42.70 8.26 -11.72
C ILE C 332 41.63 8.72 -10.70
N ASP C 333 42.13 8.91 -9.48
CA ASP C 333 41.36 9.49 -8.39
C ASP C 333 40.03 8.74 -8.25
N PRO C 334 40.13 7.43 -8.02
CA PRO C 334 38.95 6.59 -7.93
C PRO C 334 38.20 6.91 -6.65
N ASN C 335 36.96 6.47 -6.59
CA ASN C 335 36.23 6.38 -5.33
C ASN C 335 37.06 5.59 -4.32
N LEU C 336 37.38 6.23 -3.19
CA LEU C 336 38.19 5.62 -2.16
C LEU C 336 37.35 4.84 -1.17
N VAL C 337 36.02 5.02 -1.23
CA VAL C 337 35.09 4.26 -0.38
C VAL C 337 34.99 2.84 -0.91
N THR C 338 35.19 1.88 0.01
CA THR C 338 35.06 0.45 -0.27
C THR C 338 33.59 0.07 -0.19
N ASP C 339 33.15 -0.76 -1.14
CA ASP C 339 31.78 -1.25 -1.13
C ASP C 339 30.82 -0.07 -1.12
N ALA C 340 31.01 0.85 -2.08
CA ALA C 340 30.32 2.13 -2.08
C ALA C 340 28.81 2.01 -2.14
N SER C 341 28.32 0.97 -2.84
CA SER C 341 26.90 0.73 -3.05
C SER C 341 26.37 -0.34 -2.10
N PHE C 342 27.17 -0.77 -1.13
CA PHE C 342 26.79 -1.76 -0.10
C PHE C 342 26.44 -3.12 -0.70
N GLU C 343 26.78 -3.36 -1.99
CA GLU C 343 26.30 -4.54 -2.66
C GLU C 343 27.14 -5.76 -2.27
N ARG C 344 28.32 -5.52 -1.71
CA ARG C 344 29.26 -6.62 -1.52
C ARG C 344 28.97 -7.46 -0.28
N SER C 345 28.19 -6.96 0.67
CA SER C 345 27.91 -7.70 1.89
C SER C 345 26.45 -7.53 2.23
N THR C 346 25.96 -8.44 3.07
CA THR C 346 24.61 -8.37 3.58
C THR C 346 24.62 -8.02 5.05
N THR C 347 25.81 -7.80 5.62
CA THR C 347 25.92 -7.32 6.98
C THR C 347 27.00 -6.25 7.02
N LEU C 348 26.95 -5.48 8.10
CA LEU C 348 28.00 -4.53 8.41
C LEU C 348 29.20 -5.22 9.01
N GLY C 349 30.35 -4.56 8.90
CA GLY C 349 31.58 -4.95 9.57
C GLY C 349 31.83 -4.01 10.75
N ASP C 350 33.10 -3.63 10.95
CA ASP C 350 33.53 -2.84 12.11
C ASP C 350 34.09 -1.47 11.70
N GLY C 351 34.05 -1.13 10.42
CA GLY C 351 34.39 0.23 9.98
C GLY C 351 35.83 0.35 9.50
N THR C 352 36.61 -0.66 9.84
CA THR C 352 38.01 -0.76 9.45
C THR C 352 38.13 -1.68 8.25
N ASN C 353 39.27 -1.49 7.55
CA ASN C 353 39.75 -2.44 6.59
C ASN C 353 38.84 -2.42 5.37
N GLY C 354 38.22 -1.26 5.11
CA GLY C 354 37.32 -1.11 3.98
C GLY C 354 35.92 -1.64 4.30
N THR C 355 35.56 -1.70 5.60
CA THR C 355 34.23 -2.13 5.95
C THR C 355 33.42 -0.96 6.52
N TRP C 356 32.11 -1.07 6.36
CA TRP C 356 31.15 -0.19 7.00
C TRP C 356 30.83 -0.65 8.42
N ALA C 357 30.54 0.32 9.29
CA ALA C 357 30.06 0.06 10.63
C ALA C 357 28.86 0.97 10.88
N ALA C 358 28.09 0.63 11.90
CA ALA C 358 26.93 1.45 12.25
C ALA C 358 26.53 1.16 13.69
N LYS C 359 25.87 2.14 14.28
CA LYS C 359 25.30 1.96 15.59
C LYS C 359 24.07 1.07 15.47
N PRO C 360 23.61 0.50 16.61
CA PRO C 360 22.30 -0.16 16.63
C PRO C 360 21.20 0.85 16.35
N ASN C 361 20.09 0.46 15.71
CA ASN C 361 19.92 -0.78 14.99
C ASN C 361 20.21 -0.49 13.51
N SER C 362 20.95 -1.38 12.85
CA SER C 362 21.42 -1.09 11.52
C SER C 362 21.61 -2.38 10.77
N GLY C 363 21.80 -2.27 9.47
CA GLY C 363 22.10 -3.41 8.65
C GLY C 363 22.01 -3.00 7.19
N ILE C 364 21.90 -4.00 6.32
CA ILE C 364 21.85 -3.78 4.88
C ILE C 364 20.47 -4.24 4.46
N ASP C 365 19.63 -3.37 3.88
CA ASP C 365 18.43 -3.82 3.22
C ASP C 365 18.85 -4.42 1.88
N ASN C 366 18.20 -5.54 1.54
CA ASN C 366 18.63 -6.33 0.39
C ASN C 366 17.37 -6.86 -0.29
N ALA C 367 17.06 -6.34 -1.47
CA ALA C 367 15.98 -6.87 -2.28
C ALA C 367 16.11 -6.25 -3.66
N PRO C 368 15.36 -6.75 -4.66
CA PRO C 368 15.53 -6.26 -6.04
C PRO C 368 15.19 -4.77 -6.12
N ALA C 369 16.19 -4.00 -6.53
CA ALA C 369 16.11 -2.55 -6.64
C ALA C 369 15.80 -1.89 -5.30
N ALA C 370 16.23 -2.50 -4.18
CA ALA C 370 16.11 -1.82 -2.89
C ALA C 370 17.13 -0.67 -2.74
N GLY C 371 18.24 -0.72 -3.45
CA GLY C 371 19.24 0.32 -3.34
C GLY C 371 18.76 1.59 -4.03
N PHE C 372 19.51 2.69 -3.79
CA PHE C 372 19.41 3.82 -4.70
C PHE C 372 19.81 3.34 -6.08
N THR C 373 20.88 2.57 -6.08
CA THR C 373 21.26 1.69 -7.19
C THR C 373 21.47 0.30 -6.62
N GLY C 374 21.25 -0.70 -7.45
CA GLY C 374 21.46 -2.08 -7.04
C GLY C 374 20.39 -2.58 -6.05
N ASP C 375 20.75 -3.65 -5.35
CA ASP C 375 19.82 -4.38 -4.50
C ASP C 375 20.08 -4.08 -3.02
N HIS C 376 21.17 -3.38 -2.70
CA HIS C 376 21.52 -3.13 -1.32
C HIS C 376 21.62 -1.64 -1.00
N ARG C 377 21.22 -1.30 0.25
CA ARG C 377 21.42 0.00 0.86
C ARG C 377 21.66 -0.28 2.34
N ALA C 378 22.30 0.67 3.02
CA ALA C 378 22.46 0.59 4.47
C ALA C 378 21.31 1.36 5.11
N PHE C 379 20.98 0.97 6.34
CA PHE C 379 20.10 1.76 7.18
C PHE C 379 20.63 1.81 8.62
N VAL C 380 20.17 2.83 9.32
CA VAL C 380 20.30 2.90 10.76
C VAL C 380 18.99 3.44 11.30
N ARG C 381 18.56 2.91 12.45
CA ARG C 381 17.24 3.22 12.97
C ARG C 381 17.26 3.08 14.48
N TYR C 382 16.76 4.09 15.22
CA TYR C 382 16.64 3.93 16.67
C TYR C 382 15.72 5.03 17.18
N ASN C 383 15.57 5.13 18.51
CA ASN C 383 14.66 6.08 19.11
C ASN C 383 15.31 6.74 20.33
N SER C 384 16.63 6.86 20.30
CA SER C 384 17.39 7.60 21.26
C SER C 384 18.81 7.81 20.77
N GLY C 385 19.30 9.05 20.81
CA GLY C 385 20.71 9.30 20.64
C GLY C 385 21.10 9.42 19.15
N TRP C 386 22.40 9.61 18.96
CA TRP C 386 23.02 9.77 17.66
C TRP C 386 23.21 8.41 17.05
N ARG C 387 22.74 8.22 15.81
CA ARG C 387 22.80 6.92 15.19
C ARG C 387 23.33 7.06 13.76
N ASP C 388 24.52 6.46 13.51
CA ASP C 388 25.23 6.71 12.28
C ASP C 388 25.81 5.42 11.68
N ILE C 389 26.16 5.57 10.38
CA ILE C 389 26.85 4.62 9.54
C ILE C 389 28.20 5.26 9.13
N TRP C 390 29.30 4.53 9.19
CA TRP C 390 30.59 5.12 8.79
C TRP C 390 31.55 4.10 8.20
N GLN C 391 32.61 4.66 7.59
CA GLN C 391 33.73 3.86 7.15
C GLN C 391 35.00 4.69 7.30
N ASP C 392 36.06 4.05 7.77
CA ASP C 392 37.39 4.64 7.75
C ASP C 392 37.97 4.59 6.32
N VAL C 393 38.54 5.69 5.87
CA VAL C 393 39.08 5.81 4.54
C VAL C 393 40.44 6.50 4.63
N ALA C 394 41.46 5.87 4.01
CA ALA C 394 42.80 6.42 3.89
C ALA C 394 42.79 7.59 2.90
N VAL C 395 43.49 8.70 3.27
CA VAL C 395 43.59 9.88 2.44
C VAL C 395 45.04 10.37 2.48
N GLU C 396 45.32 11.29 1.56
CA GLU C 396 46.63 11.88 1.41
C GLU C 396 46.61 13.23 2.13
N ARG C 397 47.65 13.46 2.94
CA ARG C 397 47.84 14.72 3.61
C ARG C 397 47.84 15.90 2.65
N GLY C 398 47.15 16.98 3.05
CA GLY C 398 47.05 18.23 2.31
C GLY C 398 46.14 18.17 1.10
N ALA C 399 45.59 16.99 0.77
CA ALA C 399 44.70 16.89 -0.37
C ALA C 399 43.28 17.37 0.01
N LYS C 400 42.55 17.84 -1.00
CA LYS C 400 41.15 18.20 -0.83
C LYS C 400 40.29 17.05 -1.35
N TYR C 401 39.13 16.85 -0.73
CA TYR C 401 38.29 15.73 -1.09
C TYR C 401 36.85 16.19 -1.25
N ARG C 402 36.14 15.43 -2.09
CA ARG C 402 34.73 15.61 -2.34
C ARG C 402 34.01 14.32 -1.96
N LEU C 403 33.10 14.45 -0.99
CA LEU C 403 32.27 13.39 -0.48
C LEU C 403 30.85 13.60 -0.98
N THR C 404 30.31 12.59 -1.67
CA THR C 404 28.91 12.62 -2.08
C THR C 404 28.27 11.31 -1.65
N GLY C 405 26.97 11.35 -1.41
CA GLY C 405 26.25 10.14 -1.04
C GLY C 405 24.78 10.41 -1.13
N PHE C 406 24.02 9.34 -1.32
CA PHE C 406 22.58 9.44 -1.42
C PHE C 406 21.95 8.93 -0.14
N LEU C 407 20.99 9.69 0.37
CA LEU C 407 20.32 9.25 1.58
C LEU C 407 18.88 9.72 1.58
N ARG C 408 18.10 9.07 2.44
CA ARG C 408 16.76 9.52 2.76
C ARG C 408 16.40 9.09 4.19
N THR C 409 15.34 9.68 4.73
CA THR C 409 14.99 9.47 6.13
C THR C 409 13.50 9.19 6.27
N SER C 410 13.15 8.71 7.47
CA SER C 410 11.78 8.70 7.89
C SER C 410 11.27 10.14 7.90
N VAL C 411 9.97 10.33 7.71
CA VAL C 411 9.43 11.68 7.64
C VAL C 411 9.62 12.46 8.97
N ASN C 412 9.69 11.73 10.10
CA ASN C 412 9.78 12.31 11.43
C ASN C 412 11.22 12.68 11.81
N SER C 413 12.21 12.46 10.94
CA SER C 413 13.59 12.83 11.18
C SER C 413 13.67 14.34 11.36
N ASP C 414 14.54 14.80 12.25
CA ASP C 414 14.63 16.24 12.47
C ASP C 414 16.05 16.77 12.36
N ASN C 415 17.08 15.94 12.56
CA ASN C 415 18.44 16.44 12.49
C ASN C 415 19.41 15.30 12.21
N GLY C 416 19.97 15.33 11.00
CA GLY C 416 21.02 14.42 10.61
C GLY C 416 22.24 15.17 10.06
N PHE C 417 23.33 14.43 9.92
CA PHE C 417 24.56 14.95 9.37
C PHE C 417 25.18 13.90 8.45
N PHE C 418 25.88 14.42 7.44
CA PHE C 418 26.65 13.70 6.45
C PHE C 418 27.95 14.44 6.28
N GLY C 419 29.07 13.71 6.35
CA GLY C 419 30.33 14.36 6.13
C GLY C 419 31.51 13.47 6.46
N ALA C 420 32.64 14.12 6.73
CA ALA C 420 33.88 13.45 7.06
C ALA C 420 34.32 13.98 8.42
N ARG C 421 34.80 13.05 9.24
CA ARG C 421 35.28 13.41 10.57
C ARG C 421 36.59 12.70 10.81
N THR C 422 37.27 13.13 11.86
CA THR C 422 38.52 12.45 12.24
C THR C 422 38.17 11.07 12.77
N LEU C 423 39.20 10.21 12.89
CA LEU C 423 38.95 8.91 13.48
CA LEU C 423 39.06 8.90 13.52
C LEU C 423 38.64 9.04 14.98
N ASP C 424 38.85 10.24 15.57
CA ASP C 424 38.47 10.48 16.96
C ASP C 424 37.02 10.95 17.04
N GLY C 425 36.36 11.13 15.89
CA GLY C 425 34.96 11.51 15.84
C GLY C 425 34.69 13.01 15.72
N VAL C 426 35.73 13.80 15.40
CA VAL C 426 35.56 15.23 15.30
C VAL C 426 35.23 15.65 13.87
N PRO C 427 34.10 16.34 13.58
CA PRO C 427 33.80 16.73 12.20
C PRO C 427 34.87 17.60 11.56
N ILE C 428 35.24 17.26 10.30
CA ILE C 428 36.12 18.05 9.48
C ILE C 428 35.29 18.91 8.55
N GLY C 429 34.32 18.28 7.87
CA GLY C 429 33.38 19.03 7.06
C GLY C 429 32.10 18.21 7.04
N GLU C 430 30.97 18.87 7.16
CA GLU C 430 29.71 18.14 7.23
C GLU C 430 28.53 19.06 6.87
N ILE C 431 27.41 18.43 6.47
CA ILE C 431 26.16 19.12 6.28
C ILE C 431 25.10 18.56 7.22
N ASN C 432 24.05 19.37 7.40
CA ASN C 432 22.95 19.10 8.29
C ASN C 432 21.68 19.03 7.44
N PHE C 433 20.99 17.88 7.51
CA PHE C 433 19.67 17.71 6.90
C PHE C 433 18.65 17.41 7.99
N HIS C 434 17.39 17.48 7.64
CA HIS C 434 16.32 17.36 8.63
C HIS C 434 15.47 16.14 8.25
N SER C 435 14.49 16.34 7.37
CA SER C 435 13.63 15.27 6.88
C SER C 435 13.84 15.17 5.37
N VAL C 436 14.21 13.98 4.89
CA VAL C 436 14.60 13.79 3.50
C VAL C 436 13.72 12.72 2.83
N GLY C 437 12.86 13.15 1.89
CA GLY C 437 11.79 12.28 1.38
C GLY C 437 12.29 11.40 0.23
N ALA C 438 12.52 12.03 -0.89
CA ALA C 438 13.22 11.35 -1.97
C ALA C 438 14.66 11.03 -1.59
N TRP C 439 15.22 9.99 -2.19
CA TRP C 439 16.67 9.82 -2.16
C TRP C 439 17.26 11.12 -2.66
N THR C 440 18.20 11.66 -1.89
CA THR C 440 18.77 12.96 -2.15
C THR C 440 20.27 12.85 -1.99
N ARG C 441 20.97 13.49 -2.93
CA ARG C 441 22.43 13.53 -2.85
C ARG C 441 22.87 14.72 -2.00
N PHE C 442 23.80 14.45 -1.07
CA PHE C 442 24.51 15.48 -0.32
C PHE C 442 25.97 15.47 -0.73
N THR C 443 26.59 16.67 -0.67
CA THR C 443 27.91 16.89 -1.21
C THR C 443 28.67 17.70 -0.15
N VAL C 444 29.84 17.20 0.25
CA VAL C 444 30.73 17.91 1.18
C VAL C 444 32.13 17.92 0.59
N GLU C 445 32.77 19.09 0.60
CA GLU C 445 34.17 19.17 0.20
C GLU C 445 34.95 19.69 1.40
N PHE C 446 36.14 19.13 1.60
CA PHE C 446 36.94 19.47 2.77
C PHE C 446 38.42 19.22 2.43
N ASP C 447 39.31 19.89 3.17
CA ASP C 447 40.74 19.60 3.08
C ASP C 447 41.08 18.58 4.16
N ALA C 448 41.75 17.51 3.76
CA ALA C 448 42.18 16.49 4.69
C ALA C 448 43.08 17.09 5.78
N GLY C 449 43.88 18.10 5.41
CA GLY C 449 44.82 18.72 6.34
C GLY C 449 45.93 17.73 6.67
N ASP C 450 46.41 17.79 7.93
CA ASP C 450 47.55 17.01 8.35
C ASP C 450 47.07 15.69 8.93
N ARG C 451 46.48 14.85 8.06
CA ARG C 451 45.80 13.61 8.44
C ARG C 451 45.91 12.64 7.29
N ASP C 452 46.07 11.34 7.58
CA ASP C 452 46.08 10.34 6.51
C ASP C 452 44.88 9.38 6.61
N ALA C 453 43.89 9.76 7.40
CA ALA C 453 42.64 9.00 7.40
C ALA C 453 41.50 9.89 7.89
N VAL C 454 40.32 9.60 7.34
CA VAL C 454 39.08 10.20 7.82
C VAL C 454 38.04 9.09 7.93
N GLN C 455 36.96 9.43 8.62
CA GLN C 455 35.76 8.62 8.69
C GLN C 455 34.65 9.34 7.94
N VAL C 456 34.17 8.72 6.85
CA VAL C 456 33.00 9.20 6.16
C VAL C 456 31.77 8.65 6.89
N PHE C 457 30.75 9.47 7.02
CA PHE C 457 29.61 9.04 7.80
C PHE C 457 28.35 9.77 7.35
N GLY C 458 27.26 9.10 7.65
CA GLY C 458 25.95 9.72 7.69
C GLY C 458 25.19 9.21 8.91
N GLY C 459 24.37 10.06 9.52
CA GLY C 459 23.64 9.63 10.67
C GLY C 459 22.47 10.57 10.97
N VAL C 460 21.60 10.11 11.92
CA VAL C 460 20.48 10.89 12.37
C VAL C 460 20.49 10.90 13.89
N TRP C 461 20.10 12.05 14.44
CA TRP C 461 19.62 12.09 15.82
C TRP C 461 18.27 11.42 15.94
N THR C 462 18.13 10.57 16.98
CA THR C 462 16.88 9.81 17.15
C THR C 462 16.23 10.07 18.51
N ASN C 463 16.51 11.21 19.13
CA ASN C 463 15.87 11.55 20.40
C ASN C 463 14.37 11.81 20.22
N SER C 464 13.96 12.30 19.05
CA SER C 464 12.59 12.76 18.86
C SER C 464 11.60 11.64 18.58
N GLY C 465 12.09 10.44 18.28
CA GLY C 465 11.22 9.33 18.00
C GLY C 465 11.96 8.22 17.26
N ASP C 466 11.17 7.24 16.84
CA ASP C 466 11.63 6.15 16.01
C ASP C 466 11.92 6.71 14.62
N ILE C 467 13.22 6.90 14.33
CA ILE C 467 13.69 7.56 13.13
C ILE C 467 14.73 6.67 12.44
N TRP C 468 14.69 6.69 11.10
CA TRP C 468 15.64 5.92 10.33
C TRP C 468 16.20 6.79 9.21
N MET C 469 17.38 6.37 8.77
CA MET C 469 18.04 6.88 7.59
C MET C 469 18.52 5.70 6.75
N GLN C 470 18.40 5.84 5.43
CA GLN C 470 18.99 4.89 4.50
C GLN C 470 20.07 5.62 3.67
N LEU C 471 21.08 4.86 3.24
CA LEU C 471 22.28 5.41 2.64
C LEU C 471 22.73 4.50 1.50
N ASP C 472 23.21 5.12 0.41
CA ASP C 472 23.78 4.36 -0.71
C ASP C 472 24.75 5.23 -1.53
N ASP C 473 25.65 4.56 -2.29
CA ASP C 473 26.50 5.13 -3.33
C ASP C 473 27.39 6.28 -2.85
N VAL C 474 28.09 6.01 -1.76
CA VAL C 474 28.93 6.97 -1.08
C VAL C 474 30.24 7.00 -1.83
N SER C 475 30.69 8.22 -2.14
CA SER C 475 31.92 8.40 -2.89
C SER C 475 32.79 9.46 -2.22
N LEU C 476 34.06 9.13 -2.05
CA LEU C 476 35.10 10.08 -1.65
C LEU C 476 36.16 10.07 -2.75
N THR C 477 36.31 11.22 -3.40
CA THR C 477 37.27 11.36 -4.47
C THR C 477 38.11 12.60 -4.20
N LYS C 478 39.37 12.50 -4.58
CA LYS C 478 40.25 13.64 -4.41
C LYS C 478 39.82 14.70 -5.40
N VAL C 479 39.95 15.95 -4.98
CA VAL C 479 39.68 17.09 -5.85
C VAL C 479 40.96 17.46 -6.61
N ARG C 480 40.86 17.58 -7.95
CA ARG C 480 42.01 17.82 -8.82
C ARG C 480 41.69 18.92 -9.84
N THR D 2 -15.36 36.96 -4.40
CA THR D 2 -16.68 37.17 -5.03
C THR D 2 -16.96 35.98 -5.95
N THR D 3 -18.18 35.98 -6.50
CA THR D 3 -18.64 34.96 -7.42
C THR D 3 -18.35 35.37 -8.84
N SER D 4 -17.58 36.47 -9.04
CA SER D 4 -17.19 36.86 -10.38
C SER D 4 -16.52 35.69 -11.09
N ARG D 5 -16.70 35.67 -12.41
CA ARG D 5 -16.01 34.70 -13.23
C ARG D 5 -14.52 35.01 -13.25
N THR D 6 -13.78 33.92 -13.42
CA THR D 6 -12.34 33.96 -13.45
C THR D 6 -11.94 33.77 -14.90
N PRO D 7 -11.35 34.79 -15.56
CA PRO D 7 -10.91 34.61 -16.94
C PRO D 7 -9.62 33.82 -17.08
N ALA D 8 -8.80 33.84 -16.02
CA ALA D 8 -7.45 33.34 -16.07
C ALA D 8 -7.40 31.80 -16.03
N THR D 9 -6.31 31.28 -16.58
CA THR D 9 -6.17 29.85 -16.86
C THR D 9 -5.01 29.34 -16.01
N VAL D 10 -5.17 28.17 -15.38
CA VAL D 10 -4.05 27.54 -14.69
C VAL D 10 -3.12 26.89 -15.72
N VAL D 11 -1.83 27.19 -15.63
CA VAL D 11 -0.84 26.65 -16.55
C VAL D 11 -0.03 25.48 -15.93
N GLU D 12 0.34 25.58 -14.67
CA GLU D 12 1.28 24.64 -14.06
C GLU D 12 1.32 24.92 -12.57
N LYS D 13 1.42 23.85 -11.77
CA LYS D 13 1.85 24.00 -10.40
C LYS D 13 3.36 24.05 -10.35
N LEU D 14 3.92 25.13 -9.81
CA LEU D 14 5.36 25.35 -9.92
C LEU D 14 6.15 24.72 -8.78
N THR D 15 5.54 24.57 -7.60
CA THR D 15 6.23 24.17 -6.39
C THR D 15 5.39 23.10 -5.70
N GLY D 16 6.04 22.18 -4.98
CA GLY D 16 5.30 21.35 -4.07
C GLY D 16 4.86 20.02 -4.69
N PRO D 17 4.04 19.24 -3.99
CA PRO D 17 3.60 17.91 -4.49
C PRO D 17 2.96 17.99 -5.88
N ASP D 18 3.44 17.10 -6.78
CA ASP D 18 3.02 16.93 -8.17
CA ASP D 18 2.94 16.97 -8.15
C ASP D 18 3.52 18.01 -9.11
N ALA D 19 4.27 19.03 -8.63
CA ALA D 19 4.81 20.05 -9.50
C ALA D 19 5.76 19.36 -10.47
N PRO D 20 5.64 19.58 -11.78
CA PRO D 20 6.65 19.13 -12.73
C PRO D 20 8.08 19.51 -12.31
N ASN D 21 8.28 20.71 -11.77
CA ASN D 21 9.61 21.15 -11.35
C ASN D 21 10.27 20.31 -10.25
N ASN D 22 9.47 19.55 -9.49
CA ASN D 22 9.98 18.72 -8.42
C ASN D 22 10.86 19.56 -7.50
N THR D 23 10.32 20.67 -6.98
CA THR D 23 11.08 21.48 -6.04
C THR D 23 11.30 20.73 -4.73
N TRP D 24 10.38 19.81 -4.41
CA TRP D 24 10.42 19.05 -3.17
C TRP D 24 11.64 18.11 -3.17
N GLY D 25 11.73 17.30 -4.24
CA GLY D 25 12.85 16.37 -4.42
C GLY D 25 14.19 17.04 -4.60
N ARG D 26 14.21 18.13 -5.40
CA ARG D 26 15.46 18.77 -5.76
C ARG D 26 16.02 19.59 -4.61
N TRP D 27 15.13 20.30 -3.91
CA TRP D 27 15.57 21.38 -3.03
C TRP D 27 14.85 21.39 -1.68
N ASP D 28 14.04 20.36 -1.38
CA ASP D 28 13.24 20.34 -0.18
C ASP D 28 12.34 21.59 -0.09
N ILE D 29 11.84 22.05 -1.23
CA ILE D 29 10.74 23.02 -1.27
C ILE D 29 9.43 22.26 -1.49
N LYS D 30 8.79 21.90 -0.38
CA LYS D 30 7.57 21.12 -0.43
C LYS D 30 6.36 22.04 -0.45
N ALA D 31 6.47 23.21 0.18
CA ALA D 31 5.32 24.10 0.30
C ALA D 31 5.85 25.50 0.57
N THR D 32 5.30 26.47 -0.15
CA THR D 32 5.86 27.81 -0.18
C THR D 32 4.83 28.72 -0.83
N ASP D 33 5.20 30.00 -0.94
CA ASP D 33 4.31 31.00 -1.51
C ASP D 33 5.06 32.17 -2.14
N LEU D 34 4.25 32.99 -2.81
CA LEU D 34 4.62 34.22 -3.49
C LEU D 34 5.16 33.93 -4.91
N GLY D 35 6.45 33.65 -5.09
CA GLY D 35 6.94 33.50 -6.46
C GLY D 35 7.10 34.85 -7.17
N ILE D 36 7.88 35.70 -6.53
CA ILE D 36 8.16 37.06 -6.96
C ILE D 36 9.33 37.03 -7.97
N MET D 37 9.04 37.46 -9.20
CA MET D 37 9.92 37.24 -10.32
C MET D 37 10.50 38.57 -10.81
N TRP D 38 11.77 38.51 -11.21
CA TRP D 38 12.42 39.58 -11.97
C TRP D 38 13.50 39.04 -12.93
N ASP D 39 13.79 39.87 -13.94
CA ASP D 39 14.83 39.60 -14.92
C ASP D 39 16.19 39.97 -14.31
N ASP D 40 17.14 39.02 -14.32
CA ASP D 40 18.40 39.24 -13.65
C ASP D 40 19.41 40.03 -14.50
N GLY D 41 19.01 40.40 -15.72
CA GLY D 41 19.87 41.16 -16.62
C GLY D 41 20.80 40.28 -17.45
N ALA D 42 20.82 38.97 -17.17
CA ALA D 42 21.77 38.02 -17.75
C ALA D 42 21.05 36.86 -18.42
N GLY D 43 19.78 37.03 -18.77
CA GLY D 43 19.03 36.04 -19.52
C GLY D 43 18.25 35.06 -18.65
N HIS D 44 18.06 35.39 -17.37
CA HIS D 44 17.34 34.50 -16.46
C HIS D 44 16.29 35.29 -15.68
N VAL D 45 15.37 34.52 -15.09
CA VAL D 45 14.37 35.04 -14.17
C VAL D 45 14.66 34.46 -12.79
N LEU D 46 14.83 35.36 -11.82
CA LEU D 46 14.95 34.97 -10.42
C LEU D 46 13.57 35.05 -9.78
N THR D 47 13.25 34.07 -8.90
CA THR D 47 11.93 33.94 -8.34
C THR D 47 12.08 33.69 -6.86
N ALA D 48 11.58 34.61 -6.06
CA ALA D 48 11.70 34.54 -4.61
C ALA D 48 10.37 34.14 -3.97
N PHE D 49 10.51 33.41 -2.86
CA PHE D 49 9.39 32.86 -2.10
C PHE D 49 9.43 33.32 -0.65
N GLY D 50 8.26 33.23 -0.02
CA GLY D 50 8.13 33.49 1.39
C GLY D 50 8.38 32.25 2.25
N ASN D 51 7.62 32.12 3.33
CA ASN D 51 7.86 31.04 4.26
C ASN D 51 7.74 29.71 3.52
N THR D 52 8.77 28.86 3.70
CA THR D 52 8.98 27.67 2.90
C THR D 52 9.20 26.48 3.81
N PHE D 53 8.50 25.38 3.53
CA PHE D 53 8.62 24.18 4.33
C PHE D 53 9.08 23.02 3.46
N GLY D 54 9.74 22.06 4.13
CA GLY D 54 10.31 20.88 3.52
C GLY D 54 9.45 19.64 3.71
N ASN D 55 10.13 18.48 3.57
CA ASN D 55 9.54 17.17 3.45
C ASN D 55 8.39 16.86 4.41
N SER D 56 8.46 17.34 5.65
CA SER D 56 7.46 16.88 6.63
C SER D 56 6.16 17.69 6.58
N TRP D 57 6.12 18.77 5.80
CA TRP D 57 4.88 19.52 5.60
C TRP D 57 3.78 18.59 5.09
N THR D 58 2.57 18.71 5.65
CA THR D 58 1.41 17.94 5.22
C THR D 58 0.34 18.89 4.65
N GLY D 59 0.25 20.10 5.18
CA GLY D 59 -0.90 20.96 4.90
C GLY D 59 -2.14 20.42 5.61
N PRO D 60 -3.34 20.99 5.38
CA PRO D 60 -3.51 22.12 4.45
C PRO D 60 -2.90 23.39 5.04
N GLY D 61 -2.53 24.35 4.20
CA GLY D 61 -2.08 25.66 4.66
C GLY D 61 -0.59 25.73 4.99
N GLY D 62 -0.14 26.95 5.34
CA GLY D 62 1.23 27.24 5.71
C GLY D 62 1.48 26.67 7.11
N GLY D 63 2.69 26.65 7.58
CA GLY D 63 2.94 25.93 8.82
C GLY D 63 3.23 24.46 8.60
N ALA D 64 4.07 23.93 9.47
CA ALA D 64 4.57 22.58 9.30
C ALA D 64 4.88 22.06 10.68
N PRO D 65 5.15 20.76 10.84
CA PRO D 65 5.60 20.26 12.15
C PRO D 65 6.96 20.87 12.51
N PRO D 66 7.46 20.66 13.74
CA PRO D 66 8.73 21.22 14.17
C PRO D 66 9.94 20.86 13.31
N ASN D 67 9.90 19.69 12.65
CA ASN D 67 10.95 19.25 11.75
C ASN D 67 10.66 19.67 10.31
N GLY D 68 9.82 20.69 10.09
CA GLY D 68 9.42 21.06 8.74
C GLY D 68 10.42 21.90 7.93
N ASN D 69 11.66 22.11 8.42
CA ASN D 69 12.70 22.86 7.71
C ASN D 69 12.17 24.20 7.23
N TRP D 70 11.64 24.95 8.18
CA TRP D 70 11.10 26.27 7.95
C TRP D 70 12.22 27.27 7.61
N ARG D 71 12.13 27.82 6.39
CA ARG D 71 12.97 28.89 5.92
C ARG D 71 12.04 30.07 5.69
N SER D 72 12.50 31.27 6.05
CA SER D 72 11.68 32.46 5.84
C SER D 72 11.47 32.80 4.38
N ASN D 73 12.38 32.35 3.51
CA ASN D 73 12.41 32.66 2.09
C ASN D 73 13.38 31.69 1.40
N VAL D 74 13.24 31.53 0.08
CA VAL D 74 14.13 30.78 -0.79
C VAL D 74 14.08 31.46 -2.16
N LEU D 75 15.02 31.08 -3.02
CA LEU D 75 15.23 31.72 -4.30
C LEU D 75 15.61 30.68 -5.35
N VAL D 76 14.94 30.73 -6.49
CA VAL D 76 15.14 29.82 -7.62
C VAL D 76 15.32 30.65 -8.87
N ARG D 77 15.93 30.02 -9.89
CA ARG D 77 16.17 30.64 -11.18
C ARG D 77 15.48 29.84 -12.28
N SER D 78 15.14 30.55 -13.35
CA SER D 78 14.61 30.00 -14.58
C SER D 78 15.26 30.65 -15.80
N SER D 79 15.46 29.84 -16.84
CA SER D 79 15.86 30.31 -18.16
C SER D 79 14.74 30.05 -19.15
N ASP D 80 13.54 29.74 -18.69
CA ASP D 80 12.53 29.15 -19.55
C ASP D 80 11.76 30.27 -20.25
N GLY D 81 11.81 30.26 -21.60
CA GLY D 81 11.14 31.27 -22.41
C GLY D 81 9.80 30.79 -22.93
N ASP D 82 9.46 29.50 -22.76
CA ASP D 82 8.17 29.01 -23.24
C ASP D 82 7.19 28.75 -22.08
N LEU D 83 6.40 29.77 -21.73
CA LEU D 83 5.65 29.66 -20.49
C LEU D 83 4.35 28.88 -20.68
N ALA D 84 3.90 28.67 -21.94
CA ALA D 84 2.63 27.99 -22.20
C ALA D 84 2.64 26.57 -21.64
N ASP D 85 3.82 25.98 -21.48
CA ASP D 85 3.91 24.62 -20.98
C ASP D 85 4.56 24.60 -19.58
N GLY D 86 4.58 25.74 -18.89
CA GLY D 86 5.18 25.80 -17.57
C GLY D 86 6.42 26.67 -17.50
N MET D 87 7.00 26.73 -16.31
CA MET D 87 8.19 27.49 -16.09
C MET D 87 9.16 26.59 -15.33
N LEU D 88 10.17 26.12 -16.07
CA LEU D 88 11.16 25.22 -15.51
C LEU D 88 12.14 26.03 -14.68
N PHE D 89 12.33 25.62 -13.41
CA PHE D 89 13.39 26.17 -12.60
C PHE D 89 14.67 25.34 -12.83
N ASP D 90 15.80 26.03 -13.00
CA ASP D 90 17.05 25.40 -13.43
C ASP D 90 18.14 25.54 -12.38
N TRP D 91 17.87 26.24 -11.27
CA TRP D 91 18.85 26.52 -10.24
C TRP D 91 18.11 27.03 -9.00
N ALA D 92 18.72 26.79 -7.84
CA ALA D 92 18.26 27.32 -6.56
C ALA D 92 19.49 27.68 -5.72
N ALA D 93 19.33 28.74 -4.92
CA ALA D 93 20.31 29.02 -3.90
C ALA D 93 20.17 27.98 -2.80
N GLN D 94 21.26 27.25 -2.57
CA GLN D 94 21.27 26.07 -1.73
C GLN D 94 22.25 26.21 -0.60
N GLY D 95 22.05 25.40 0.43
CA GLY D 95 22.95 25.36 1.55
C GLY D 95 22.31 24.55 2.67
N PRO D 96 22.57 23.24 2.78
CA PRO D 96 23.53 22.51 1.93
C PRO D 96 22.97 22.25 0.54
N GLN D 97 23.84 21.80 -0.39
CA GLN D 97 23.38 21.34 -1.67
C GLN D 97 22.33 20.24 -1.49
N GLY D 98 21.25 20.35 -2.26
CA GLY D 98 20.07 19.53 -2.10
C GLY D 98 18.97 20.20 -1.29
N VAL D 99 19.26 21.39 -0.71
CA VAL D 99 18.28 22.11 0.10
C VAL D 99 18.34 23.59 -0.25
N ALA D 100 17.23 24.16 -0.73
CA ALA D 100 17.17 25.59 -0.94
C ALA D 100 17.30 26.25 0.43
N ARG D 101 18.20 27.23 0.52
CA ARG D 101 18.45 27.89 1.79
C ARG D 101 17.71 29.24 1.87
N GLU D 102 17.56 29.69 3.10
CA GLU D 102 17.08 31.03 3.41
C GLU D 102 18.12 32.06 2.97
N ILE D 103 17.74 33.06 2.16
CA ILE D 103 18.71 34.05 1.69
C ILE D 103 18.63 35.36 2.48
N ILE D 104 17.48 35.67 3.10
CA ILE D 104 17.39 36.83 3.99
C ILE D 104 17.09 36.32 5.39
N PRO D 105 18.06 36.33 6.32
CA PRO D 105 17.87 35.74 7.64
C PRO D 105 16.76 36.43 8.42
N SER D 106 16.18 35.68 9.36
CA SER D 106 15.20 36.20 10.28
C SER D 106 15.50 35.63 11.66
N LYS D 107 15.15 36.43 12.68
CA LYS D 107 15.32 36.05 14.07
C LYS D 107 14.39 34.90 14.46
N LYS D 108 13.19 34.85 13.89
CA LYS D 108 12.19 33.84 14.23
C LYS D 108 11.83 33.94 15.70
N ILE D 109 11.72 35.18 16.21
CA ILE D 109 11.17 35.42 17.54
C ILE D 109 9.83 36.15 17.39
N ASN D 110 8.73 35.53 17.83
CA ASN D 110 7.42 36.11 17.64
C ASN D 110 7.31 37.40 18.45
N GLY D 111 6.79 38.49 17.86
CA GLY D 111 6.69 39.77 18.56
C GLY D 111 7.91 40.66 18.44
N VAL D 112 8.97 40.11 17.85
CA VAL D 112 10.17 40.86 17.57
C VAL D 112 10.36 40.82 16.05
N GLU D 113 10.70 39.63 15.51
CA GLU D 113 10.79 39.43 14.07
C GLU D 113 10.58 37.94 13.83
N ILE D 114 9.33 37.58 13.49
CA ILE D 114 8.94 36.20 13.29
C ILE D 114 9.46 35.67 11.95
N THR D 115 9.58 36.54 10.95
CA THR D 115 10.06 36.11 9.65
C THR D 115 10.42 37.33 8.80
N THR D 116 11.04 37.06 7.64
CA THR D 116 11.39 38.07 6.67
C THR D 116 10.87 37.59 5.33
N ILE D 117 10.05 38.40 4.67
CA ILE D 117 9.33 37.99 3.49
C ILE D 117 9.68 38.92 2.35
N PRO D 118 10.15 38.36 1.24
CA PRO D 118 10.42 39.17 0.06
C PRO D 118 9.12 39.78 -0.43
N THR D 119 9.27 40.89 -1.16
CA THR D 119 8.11 41.61 -1.65
C THR D 119 8.22 41.88 -3.14
N THR D 120 9.44 42.20 -3.59
CA THR D 120 9.64 42.59 -4.97
C THR D 120 11.15 42.56 -5.26
N GLY D 121 11.51 42.42 -6.53
CA GLY D 121 12.91 42.39 -6.94
C GLY D 121 13.11 43.06 -8.29
N ILE D 122 14.36 43.46 -8.53
CA ILE D 122 14.76 44.01 -9.81
C ILE D 122 16.29 43.90 -9.92
N SER D 123 16.79 43.96 -11.14
CA SER D 123 18.22 44.09 -11.35
C SER D 123 18.49 45.43 -12.02
N VAL D 124 19.58 46.08 -11.61
CA VAL D 124 20.08 47.24 -12.34
C VAL D 124 21.57 46.96 -12.54
N GLY D 125 22.01 47.04 -13.79
CA GLY D 125 23.40 46.73 -14.08
C GLY D 125 23.73 45.29 -13.69
N LYS D 126 24.80 45.10 -12.90
CA LYS D 126 25.19 43.77 -12.47
C LYS D 126 24.72 43.49 -11.05
N ARG D 127 23.70 44.20 -10.57
CA ARG D 127 23.27 44.03 -9.19
C ARG D 127 21.81 43.55 -9.17
N GLN D 128 21.56 42.58 -8.29
CA GLN D 128 20.20 42.15 -8.00
C GLN D 128 19.77 42.83 -6.71
N TYR D 129 18.52 43.26 -6.67
CA TYR D 129 17.93 43.80 -5.44
C TYR D 129 16.63 43.04 -5.12
N LEU D 130 16.45 42.73 -3.84
CA LEU D 130 15.26 42.06 -3.34
C LEU D 130 14.74 42.89 -2.16
N GLY D 131 13.60 43.55 -2.37
CA GLY D 131 12.94 44.16 -1.23
C GLY D 131 12.31 43.09 -0.37
N PHE D 132 12.19 43.40 0.90
CA PHE D 132 11.57 42.47 1.82
C PHE D 132 10.93 43.25 2.96
N MET D 133 10.07 42.57 3.69
CA MET D 133 9.56 43.13 4.93
C MET D 133 9.96 42.26 6.11
N SER D 134 10.33 42.90 7.20
CA SER D 134 10.56 42.28 8.49
C SER D 134 9.22 42.23 9.22
N VAL D 135 8.73 41.00 9.41
CA VAL D 135 7.43 40.78 10.04
C VAL D 135 7.61 40.55 11.53
N LYS D 136 6.96 41.39 12.34
CA LYS D 136 7.06 41.29 13.80
C LYS D 136 6.14 40.19 14.33
N GLN D 137 4.91 40.17 13.84
CA GLN D 137 3.90 39.21 14.21
C GLN D 137 2.77 39.25 13.21
N TRP D 138 2.01 38.15 13.13
CA TRP D 138 0.87 38.01 12.24
C TRP D 138 -0.40 38.20 13.06
N GLY D 139 -1.46 38.66 12.40
CA GLY D 139 -2.78 38.68 12.99
C GLY D 139 -3.72 37.72 12.27
N PRO D 140 -5.04 37.99 12.32
CA PRO D 140 -6.00 37.27 11.49
C PRO D 140 -5.68 37.44 10.00
N PRO D 141 -6.35 36.70 9.11
CA PRO D 141 -6.06 36.76 7.67
C PRO D 141 -6.05 38.19 7.13
N GLY D 142 -4.95 38.57 6.45
CA GLY D 142 -4.82 39.87 5.82
C GLY D 142 -4.21 40.90 6.76
N VAL D 143 -3.92 40.51 8.01
CA VAL D 143 -3.45 41.43 9.02
C VAL D 143 -2.08 41.00 9.54
N TRP D 144 -1.12 41.94 9.53
CA TRP D 144 0.16 41.67 10.18
C TRP D 144 0.96 42.96 10.38
N ASP D 145 1.95 42.90 11.28
CA ASP D 145 2.78 44.04 11.64
C ASP D 145 4.20 43.82 11.17
N THR D 146 4.71 44.83 10.42
CA THR D 146 6.08 44.82 9.96
C THR D 146 6.89 45.84 10.77
N ASN D 147 8.15 45.49 11.01
CA ASN D 147 9.07 46.41 11.65
C ASN D 147 9.53 47.44 10.64
N PHE D 148 9.76 47.00 9.39
CA PHE D 148 10.34 47.83 8.36
C PHE D 148 10.30 47.08 7.04
N ALA D 149 10.44 47.84 5.97
CA ALA D 149 10.79 47.32 4.67
C ALA D 149 12.29 47.55 4.47
N GLY D 150 12.99 46.54 3.95
CA GLY D 150 14.41 46.62 3.68
C GLY D 150 14.70 46.26 2.23
N ILE D 151 15.99 46.21 1.90
CA ILE D 151 16.41 45.80 0.57
C ILE D 151 17.69 44.99 0.75
N ALA D 152 17.68 43.78 0.19
CA ALA D 152 18.88 42.96 0.09
C ALA D 152 19.41 43.10 -1.34
N TYR D 153 20.71 42.83 -1.53
CA TYR D 153 21.26 42.90 -2.86
C TYR D 153 22.32 41.81 -3.03
N SER D 154 22.53 41.45 -4.28
CA SER D 154 23.50 40.42 -4.62
C SER D 154 24.27 40.86 -5.87
N ASP D 155 25.60 40.75 -5.80
CA ASP D 155 26.45 41.08 -6.93
C ASP D 155 26.91 39.84 -7.72
N ASP D 156 26.32 38.66 -7.49
CA ASP D 156 26.71 37.45 -8.21
C ASP D 156 25.48 36.70 -8.70
N GLY D 157 24.47 37.45 -9.16
CA GLY D 157 23.30 36.90 -9.83
C GLY D 157 22.37 36.09 -8.92
N GLY D 158 22.44 36.37 -7.62
CA GLY D 158 21.59 35.76 -6.63
C GLY D 158 22.25 34.63 -5.85
N GLY D 159 23.55 34.38 -6.06
CA GLY D 159 24.21 33.30 -5.35
C GLY D 159 24.37 33.62 -3.88
N THR D 160 24.76 34.88 -3.60
CA THR D 160 24.92 35.35 -2.24
C THR D 160 24.26 36.72 -2.08
N TRP D 161 23.92 37.03 -0.82
CA TRP D 161 23.03 38.15 -0.52
C TRP D 161 23.52 38.88 0.72
N LYS D 162 23.40 40.20 0.67
CA LYS D 162 23.65 41.03 1.82
C LYS D 162 22.45 41.95 2.02
N VAL D 163 22.17 42.21 3.28
CA VAL D 163 21.08 43.14 3.60
C VAL D 163 21.68 44.53 3.67
N SER D 164 21.17 45.46 2.84
CA SER D 164 21.56 46.86 2.91
C SER D 164 21.08 47.52 4.19
N ASP D 165 21.56 48.75 4.41
CA ASP D 165 21.13 49.60 5.50
C ASP D 165 19.91 50.44 5.08
N THR D 166 19.43 50.29 3.84
CA THR D 166 18.26 51.04 3.40
C THR D 166 17.00 50.45 4.02
N ARG D 167 16.30 51.24 4.85
CA ARG D 167 15.05 50.77 5.46
C ARG D 167 13.97 51.86 5.46
N TRP D 168 12.69 51.46 5.36
CA TRP D 168 11.55 52.30 5.71
C TRP D 168 10.99 51.77 7.01
N GLU D 169 11.22 52.49 8.09
CA GLU D 169 10.82 52.05 9.42
C GLU D 169 9.30 52.26 9.54
N ASN D 170 8.69 51.44 10.38
CA ASN D 170 7.25 51.47 10.57
C ASN D 170 6.97 51.84 12.01
N ALA D 171 7.45 53.01 12.43
CA ALA D 171 7.41 53.35 13.85
C ALA D 171 5.96 53.39 14.36
N ASP D 172 5.00 53.86 13.56
CA ASP D 172 3.63 53.95 14.06
C ASP D 172 2.73 52.87 13.48
N GLY D 173 3.28 51.96 12.66
CA GLY D 173 2.50 50.84 12.17
C GLY D 173 1.87 51.12 10.81
N HIS D 174 1.85 52.40 10.40
CA HIS D 174 1.08 52.80 9.24
C HIS D 174 2.00 53.29 8.14
N ASP D 175 3.31 53.00 8.22
CA ASP D 175 4.19 53.38 7.11
C ASP D 175 3.64 52.83 5.79
N PRO D 176 3.53 53.70 4.76
CA PRO D 176 2.93 53.31 3.49
C PRO D 176 3.77 52.55 2.47
N PHE D 177 5.03 52.28 2.79
CA PHE D 177 5.91 51.62 1.82
C PHE D 177 6.51 50.37 2.47
N GLN D 178 5.67 49.63 3.22
CA GLN D 178 6.18 48.45 3.89
C GLN D 178 6.31 47.28 2.91
N MET D 179 5.34 47.16 2.01
CA MET D 179 5.27 46.08 1.05
C MET D 179 5.29 46.72 -0.33
N GLN D 180 6.45 46.63 -0.98
CA GLN D 180 6.76 47.37 -2.18
C GLN D 180 6.60 46.51 -3.41
N ALA D 181 6.47 47.21 -4.53
CA ALA D 181 6.50 46.59 -5.84
C ALA D 181 7.23 47.56 -6.79
N TRP D 182 8.28 47.05 -7.46
CA TRP D 182 9.18 47.88 -8.25
C TRP D 182 8.92 47.62 -9.72
N VAL D 183 8.94 48.70 -10.51
CA VAL D 183 8.90 48.58 -11.96
C VAL D 183 9.82 49.65 -12.53
N GLN D 184 10.60 49.29 -13.57
CA GLN D 184 11.52 50.26 -14.13
C GLN D 184 11.03 50.67 -15.51
N LYS D 185 11.18 51.95 -15.85
CA LYS D 185 10.83 52.43 -17.18
C LYS D 185 11.78 53.55 -17.53
N GLY D 186 12.55 53.40 -18.61
CA GLY D 186 13.70 54.28 -18.79
C GLY D 186 14.65 54.15 -17.61
N GLY D 187 15.22 55.26 -17.14
CA GLY D 187 16.19 55.23 -16.06
C GLY D 187 15.58 55.49 -14.68
N THR D 188 14.23 55.28 -14.59
CA THR D 188 13.49 55.50 -13.35
C THR D 188 12.89 54.19 -12.85
N ILE D 189 13.06 53.94 -11.55
CA ILE D 189 12.29 52.90 -10.88
C ILE D 189 11.15 53.59 -10.14
N TYR D 190 9.91 53.15 -10.45
CA TYR D 190 8.73 53.46 -9.65
C TYR D 190 8.53 52.39 -8.57
N VAL D 191 8.42 52.87 -7.33
CA VAL D 191 8.31 52.06 -6.15
C VAL D 191 6.92 52.28 -5.57
N PHE D 192 6.04 51.31 -5.85
CA PHE D 192 4.75 51.23 -5.23
C PHE D 192 4.87 50.59 -3.86
N GLY D 193 3.93 50.92 -2.97
CA GLY D 193 4.00 50.39 -1.64
C GLY D 193 2.63 50.36 -0.99
N THR D 194 2.46 49.38 -0.11
CA THR D 194 1.35 49.36 0.80
C THR D 194 1.90 49.35 2.20
N GLN D 195 0.99 49.64 3.12
CA GLN D 195 1.20 49.31 4.51
C GLN D 195 1.29 47.80 4.68
N ASN D 196 1.75 47.41 5.87
CA ASN D 196 1.66 46.04 6.34
C ASN D 196 0.23 45.53 6.20
N GLY D 197 0.08 44.34 5.61
CA GLY D 197 -1.22 43.73 5.48
C GLY D 197 -2.00 44.22 4.26
N ARG D 198 -3.27 43.81 4.20
CA ARG D 198 -4.02 43.74 2.99
C ARG D 198 -5.27 44.64 3.05
N ASN D 199 -5.27 45.62 3.97
CA ASN D 199 -6.48 46.43 4.17
C ASN D 199 -6.31 47.92 3.83
N GLY D 200 -5.17 48.28 3.26
CA GLY D 200 -4.82 49.67 3.04
C GLY D 200 -4.61 49.94 1.57
N PRO D 201 -4.33 51.22 1.24
CA PRO D 201 -4.10 51.62 -0.15
C PRO D 201 -2.64 51.47 -0.58
N ALA D 202 -2.41 51.58 -1.88
CA ALA D 202 -1.04 51.69 -2.37
C ALA D 202 -0.69 53.16 -2.58
N SER D 203 0.59 53.49 -2.37
CA SER D 203 1.21 54.77 -2.64
C SER D 203 2.31 54.57 -3.71
N VAL D 204 2.87 55.65 -4.28
CA VAL D 204 3.92 55.43 -5.27
C VAL D 204 5.00 56.50 -5.10
N ALA D 205 6.25 56.04 -5.27
CA ALA D 205 7.45 56.85 -5.22
C ALA D 205 8.26 56.59 -6.49
N LYS D 206 9.29 57.42 -6.73
CA LYS D 206 10.17 57.23 -7.89
C LYS D 206 11.60 57.61 -7.54
N VAL D 207 12.57 56.90 -8.15
CA VAL D 207 13.97 56.98 -7.78
C VAL D 207 14.73 56.67 -9.07
N PRO D 208 15.82 57.41 -9.40
CA PRO D 208 16.68 56.97 -10.50
C PRO D 208 17.12 55.54 -10.27
N ALA D 209 17.10 54.73 -11.33
CA ALA D 209 17.42 53.31 -11.23
C ALA D 209 18.74 53.06 -10.48
N SER D 210 19.76 53.89 -10.71
CA SER D 210 21.07 53.68 -10.12
C SER D 210 21.13 54.16 -8.68
N LYS D 211 19.99 54.62 -8.11
CA LYS D 211 20.00 55.14 -6.75
C LYS D 211 18.93 54.49 -5.86
N LEU D 212 18.57 53.25 -6.16
CA LEU D 212 17.52 52.53 -5.41
C LEU D 212 17.80 52.50 -3.91
N LEU D 213 19.09 52.43 -3.52
CA LEU D 213 19.39 52.25 -2.11
C LEU D 213 19.40 53.58 -1.37
N ASP D 214 19.26 54.69 -2.09
CA ASP D 214 19.46 55.99 -1.47
C ASP D 214 18.12 56.67 -1.21
N LYS D 215 17.66 56.69 0.05
CA LYS D 215 16.33 57.20 0.37
C LYS D 215 16.18 58.67 0.02
N SER D 216 17.30 59.42 0.09
CA SER D 216 17.29 60.85 -0.21
C SER D 216 16.96 61.11 -1.69
N ALA D 217 17.14 60.11 -2.59
CA ALA D 217 16.90 60.29 -4.01
C ALA D 217 15.44 60.02 -4.39
N PHE D 218 14.65 59.55 -3.41
CA PHE D 218 13.27 59.18 -3.68
C PHE D 218 12.41 60.44 -3.69
N ARG D 219 11.40 60.42 -4.56
CA ARG D 219 10.32 61.40 -4.54
C ARG D 219 8.97 60.66 -4.50
N TYR D 220 8.00 61.28 -3.81
CA TYR D 220 6.73 60.63 -3.47
C TYR D 220 5.56 61.38 -4.09
N TRP D 221 4.68 60.67 -4.80
CA TRP D 221 3.55 61.29 -5.45
C TRP D 221 2.54 61.82 -4.42
N ASN D 222 2.16 63.10 -4.55
CA ASN D 222 1.30 63.75 -3.56
C ASN D 222 -0.08 64.07 -4.13
N GLY D 223 -0.39 63.53 -5.32
CA GLY D 223 -1.63 63.73 -6.04
C GLY D 223 -1.51 64.79 -7.13
N THR D 224 -0.44 65.57 -7.06
CA THR D 224 -0.18 66.58 -8.09
C THR D 224 1.26 66.55 -8.60
N ASP D 225 2.24 66.47 -7.70
CA ASP D 225 3.59 66.24 -8.18
C ASP D 225 4.32 65.35 -7.16
N TRP D 226 5.66 65.41 -7.15
CA TRP D 226 6.48 64.43 -6.44
C TRP D 226 7.32 65.14 -5.40
N SER D 227 7.10 64.81 -4.13
CA SER D 227 7.65 65.55 -3.03
CA SER D 227 7.63 65.53 -2.99
C SER D 227 8.84 64.79 -2.46
N ARG D 228 9.75 65.52 -1.81
CA ARG D 228 10.87 64.89 -1.15
C ARG D 228 10.42 64.16 0.12
N LYS D 229 9.19 64.38 0.62
CA LYS D 229 8.81 63.85 1.92
C LYS D 229 7.90 62.64 1.74
N GLU D 230 8.25 61.52 2.38
CA GLU D 230 7.43 60.31 2.30
C GLU D 230 6.04 60.62 2.85
N SER D 231 5.98 61.49 3.86
CA SER D 231 4.72 61.79 4.51
C SER D 231 3.78 62.62 3.63
N ASP D 232 4.19 63.05 2.41
CA ASP D 232 3.30 63.74 1.48
C ASP D 232 2.63 62.75 0.55
N ALA D 233 3.02 61.46 0.59
CA ALA D 233 2.43 60.52 -0.36
C ALA D 233 0.93 60.38 -0.09
N VAL D 234 0.18 60.26 -1.18
CA VAL D 234 -1.25 59.99 -1.09
C VAL D 234 -1.56 58.70 -1.83
N PRO D 235 -2.68 58.03 -1.55
CA PRO D 235 -3.05 56.81 -2.29
C PRO D 235 -3.17 57.07 -3.78
N VAL D 236 -2.49 56.21 -4.56
CA VAL D 236 -2.73 56.12 -5.99
C VAL D 236 -3.68 54.98 -6.31
N MET D 237 -3.78 54.00 -5.40
CA MET D 237 -4.74 52.92 -5.60
C MET D 237 -5.43 52.71 -4.26
N ASP D 238 -6.74 52.65 -4.29
CA ASP D 238 -7.54 52.66 -3.09
C ASP D 238 -7.33 51.37 -2.29
N ALA D 239 -7.60 51.45 -0.99
CA ALA D 239 -7.77 50.30 -0.12
C ALA D 239 -9.05 49.53 -0.52
N PRO D 240 -9.17 48.20 -0.21
CA PRO D 240 -8.11 47.36 0.32
C PRO D 240 -7.30 46.74 -0.82
N MET D 241 -5.99 46.75 -0.64
CA MET D 241 -5.06 46.12 -1.57
C MET D 241 -3.95 45.45 -0.78
N SER D 242 -3.21 44.56 -1.46
CA SER D 242 -2.31 43.62 -0.78
C SER D 242 -0.89 43.74 -1.35
N GLU D 243 -0.12 42.67 -1.14
CA GLU D 243 1.03 42.40 -2.01
C GLU D 243 0.64 42.78 -3.43
N MET D 244 1.61 43.31 -4.18
CA MET D 244 1.27 43.69 -5.52
C MET D 244 2.46 43.59 -6.45
N SER D 245 2.11 43.73 -7.71
CA SER D 245 3.05 43.55 -8.80
C SER D 245 2.69 44.56 -9.87
N VAL D 246 3.70 45.24 -10.41
CA VAL D 246 3.48 46.19 -11.50
C VAL D 246 4.50 45.95 -12.61
N GLN D 247 3.97 45.87 -13.82
CA GLN D 247 4.78 45.62 -15.00
C GLN D 247 4.48 46.68 -16.05
N TYR D 248 5.53 47.12 -16.76
CA TYR D 248 5.33 47.99 -17.90
C TYR D 248 5.16 47.12 -19.13
N ASP D 249 4.00 47.20 -19.75
CA ASP D 249 3.67 46.40 -20.89
C ASP D 249 3.79 47.23 -22.19
N ALA D 250 4.77 46.89 -23.03
CA ALA D 250 5.01 47.61 -24.28
C ALA D 250 3.92 47.31 -25.30
N TYR D 251 3.32 46.13 -25.24
CA TYR D 251 2.22 45.80 -26.12
C TYR D 251 1.05 46.79 -26.05
N SER D 252 0.70 47.20 -24.81
CA SER D 252 -0.40 48.13 -24.57
C SER D 252 0.09 49.56 -24.30
N LYS D 253 1.40 49.72 -24.01
CA LYS D 253 2.00 50.97 -23.59
C LYS D 253 1.36 51.45 -22.29
N ARG D 254 1.15 50.53 -21.37
CA ARG D 254 0.54 50.84 -20.09
C ARG D 254 1.23 50.05 -18.99
N PHE D 255 1.20 50.62 -17.79
CA PHE D 255 1.46 49.88 -16.56
C PHE D 255 0.28 48.97 -16.24
N LEU D 256 0.59 47.74 -15.85
CA LEU D 256 -0.40 46.77 -15.42
C LEU D 256 -0.08 46.54 -13.95
N MET D 257 -1.11 46.44 -13.11
CA MET D 257 -0.93 46.19 -11.69
C MET D 257 -1.83 45.01 -11.33
N MET D 258 -1.28 44.07 -10.56
CA MET D 258 -2.05 42.93 -10.08
C MET D 258 -1.93 42.89 -8.56
N THR D 259 -3.05 42.58 -7.91
CA THR D 259 -3.11 42.51 -6.44
C THR D 259 -4.38 41.79 -6.04
N LEU D 260 -4.36 41.19 -4.84
CA LEU D 260 -5.58 40.78 -4.15
C LEU D 260 -6.21 42.04 -3.55
N SER D 261 -7.45 42.31 -3.96
CA SER D 261 -8.20 43.44 -3.47
C SER D 261 -9.50 42.93 -2.86
N GLY D 262 -9.51 42.79 -1.53
CA GLY D 262 -10.68 42.23 -0.88
C GLY D 262 -10.66 40.71 -1.03
N GLU D 263 -11.57 40.16 -1.84
CA GLU D 263 -11.67 38.73 -2.06
C GLU D 263 -10.88 38.24 -3.28
N ASP D 264 -10.85 39.03 -4.37
CA ASP D 264 -10.41 38.57 -5.66
C ASP D 264 -9.05 39.18 -6.04
N ILE D 265 -8.31 38.44 -6.89
CA ILE D 265 -7.15 39.00 -7.57
C ILE D 265 -7.67 39.77 -8.79
N ILE D 266 -7.20 41.03 -8.85
CA ILE D 266 -7.66 41.99 -9.86
C ILE D 266 -6.42 42.51 -10.60
N MET D 267 -6.69 43.12 -11.78
CA MET D 267 -5.68 43.86 -12.50
C MET D 267 -6.27 45.22 -12.89
N ARG D 268 -5.42 46.22 -12.89
CA ARG D 268 -5.75 47.57 -13.32
C ARG D 268 -4.65 48.03 -14.27
N THR D 269 -4.93 49.08 -15.08
CA THR D 269 -3.96 49.61 -16.03
C THR D 269 -3.88 51.16 -15.95
N ALA D 270 -2.74 51.72 -16.35
CA ALA D 270 -2.54 53.17 -16.35
C ALA D 270 -1.45 53.54 -17.36
N THR D 271 -1.54 54.76 -17.93
CA THR D 271 -0.54 55.18 -18.89
C THR D 271 0.61 55.83 -18.13
N ALA D 272 0.43 56.13 -16.85
CA ALA D 272 1.49 56.65 -16.00
C ALA D 272 1.39 55.97 -14.64
N PRO D 273 2.51 55.81 -13.89
CA PRO D 273 2.47 55.11 -12.59
C PRO D 273 1.52 55.78 -11.58
N GLU D 274 1.42 57.13 -11.62
CA GLU D 274 0.62 57.87 -10.65
C GLU D 274 -0.86 57.77 -11.00
N GLY D 275 -1.18 57.17 -12.15
CA GLY D 275 -2.53 57.01 -12.61
C GLY D 275 -2.86 57.98 -13.73
N PRO D 276 -4.13 58.12 -14.13
CA PRO D 276 -5.25 57.45 -13.44
C PRO D 276 -5.26 55.94 -13.72
N TRP D 277 -5.71 55.17 -12.74
CA TRP D 277 -5.76 53.71 -12.86
C TRP D 277 -7.16 53.28 -13.28
N THR D 278 -7.25 52.50 -14.36
CA THR D 278 -8.52 52.02 -14.86
C THR D 278 -9.15 51.06 -13.85
N PRO D 279 -10.50 50.84 -13.95
CA PRO D 279 -11.22 50.00 -13.00
C PRO D 279 -10.70 48.56 -12.92
N ALA D 280 -10.74 48.04 -11.69
CA ALA D 280 -10.34 46.67 -11.40
C ALA D 280 -11.01 45.72 -12.38
N GLN D 281 -10.23 44.80 -12.98
CA GLN D 281 -10.76 43.72 -13.78
C GLN D 281 -10.50 42.41 -13.00
N THR D 282 -11.48 41.50 -12.94
CA THR D 282 -11.29 40.27 -12.20
C THR D 282 -10.24 39.44 -12.92
N VAL D 283 -9.16 39.03 -12.22
CA VAL D 283 -8.21 38.06 -12.73
C VAL D 283 -8.61 36.64 -12.27
N ALA D 284 -8.84 36.49 -10.96
CA ALA D 284 -9.23 35.24 -10.33
C ALA D 284 -10.07 35.56 -9.10
N SER D 285 -11.24 34.91 -9.01
CA SER D 285 -12.14 35.14 -7.91
C SER D 285 -11.89 34.13 -6.78
N SER D 286 -12.28 34.55 -5.58
CA SER D 286 -12.19 33.71 -4.39
C SER D 286 -13.15 32.52 -4.51
N THR D 287 -14.20 32.66 -5.31
CA THR D 287 -15.12 31.54 -5.52
C THR D 287 -14.43 30.41 -6.29
N ASP D 288 -13.70 30.72 -7.37
CA ASP D 288 -13.03 29.69 -8.14
C ASP D 288 -11.71 29.27 -7.50
N TYR D 289 -10.99 30.20 -6.83
CA TYR D 289 -9.65 29.98 -6.28
C TYR D 289 -9.66 30.41 -4.83
N PRO D 290 -10.32 29.67 -3.94
CA PRO D 290 -10.42 30.11 -2.55
C PRO D 290 -9.05 30.28 -1.91
N ALA D 291 -8.95 31.36 -1.11
CA ALA D 291 -7.79 31.72 -0.33
C ALA D 291 -6.56 31.85 -1.26
N LEU D 292 -6.81 32.39 -2.46
CA LEU D 292 -5.76 32.81 -3.35
C LEU D 292 -5.12 34.07 -2.80
N TYR D 293 -3.86 34.29 -3.17
CA TYR D 293 -3.15 35.51 -2.84
C TYR D 293 -1.90 35.62 -3.71
N GLY D 294 -1.17 36.70 -3.52
CA GLY D 294 -0.09 37.02 -4.45
C GLY D 294 -0.62 37.51 -5.81
N GLY D 295 0.00 37.06 -6.91
CA GLY D 295 -0.24 37.58 -8.25
C GLY D 295 0.94 38.45 -8.71
N TYR D 296 1.97 37.83 -9.29
CA TYR D 296 3.19 38.52 -9.69
C TYR D 296 3.40 38.27 -11.17
N PHE D 297 3.66 39.35 -11.91
CA PHE D 297 3.87 39.24 -13.35
C PHE D 297 5.22 38.60 -13.67
N HIS D 298 5.19 37.68 -14.65
CA HIS D 298 6.42 37.16 -15.24
C HIS D 298 7.10 38.26 -16.06
N PRO D 299 8.39 38.56 -15.83
CA PRO D 299 9.01 39.67 -16.51
C PRO D 299 9.10 39.51 -18.04
N TRP D 300 8.97 38.27 -18.56
CA TRP D 300 9.10 38.08 -19.99
C TRP D 300 7.76 38.13 -20.71
N ASN D 301 6.71 38.65 -20.07
CA ASN D 301 5.42 38.79 -20.71
C ASN D 301 5.60 39.65 -21.97
N LYS D 302 4.94 39.28 -23.05
CA LYS D 302 5.00 40.08 -24.28
C LYS D 302 3.78 39.73 -25.13
N ASP D 303 3.46 40.66 -26.06
CA ASP D 303 2.51 40.40 -27.13
C ASP D 303 1.11 40.16 -26.61
N GLY D 304 0.77 40.70 -25.43
CA GLY D 304 -0.58 40.49 -24.91
C GLY D 304 -0.74 39.24 -24.03
N GLU D 305 0.32 38.43 -23.91
CA GLU D 305 0.28 37.18 -23.15
C GLU D 305 0.81 37.46 -21.75
N ILE D 306 -0.08 37.37 -20.74
CA ILE D 306 0.21 37.81 -19.40
C ILE D 306 0.23 36.58 -18.49
N TYR D 307 1.45 36.17 -18.15
CA TYR D 307 1.69 35.08 -17.22
C TYR D 307 1.95 35.70 -15.86
N PHE D 308 1.59 34.96 -14.82
CA PHE D 308 1.78 35.43 -13.46
C PHE D 308 1.77 34.23 -12.52
N THR D 309 2.32 34.47 -11.37
CA THR D 309 2.29 33.47 -10.29
C THR D 309 1.22 33.78 -9.26
N MET D 310 0.49 32.72 -8.88
CA MET D 310 -0.60 32.84 -7.95
C MET D 310 -0.39 31.82 -6.82
N SER D 311 -0.58 32.28 -5.58
CA SER D 311 -0.46 31.47 -4.39
C SER D 311 -1.86 31.07 -3.93
N GLN D 312 -1.95 29.95 -3.19
CA GLN D 312 -3.25 29.52 -2.68
C GLN D 312 -3.09 28.77 -1.36
N TRP D 313 -3.83 29.20 -0.33
CA TRP D 313 -3.49 28.82 1.02
C TRP D 313 -3.50 27.31 1.24
N ASN D 314 -4.62 26.65 0.96
CA ASN D 314 -4.76 25.25 1.37
C ASN D 314 -3.66 24.36 0.77
N PRO D 315 -3.34 24.39 -0.53
CA PRO D 315 -2.21 23.61 -1.07
C PRO D 315 -0.84 24.23 -0.78
N TYR D 316 -0.86 25.44 -0.22
CA TYR D 316 0.28 26.25 0.16
C TYR D 316 1.43 26.07 -0.84
N ASN D 317 1.19 26.49 -2.09
CA ASN D 317 2.17 26.36 -3.14
C ASN D 317 1.75 27.34 -4.25
N VAL D 318 2.61 27.43 -5.25
CA VAL D 318 2.60 28.50 -6.22
C VAL D 318 2.31 27.90 -7.59
N TYR D 319 1.38 28.54 -8.30
CA TYR D 319 0.91 28.12 -9.61
C TYR D 319 1.20 29.21 -10.63
N LEU D 320 1.63 28.77 -11.79
CA LEU D 320 1.68 29.61 -12.97
C LEU D 320 0.31 29.71 -13.61
N MET D 321 -0.08 30.97 -13.92
CA MET D 321 -1.39 31.31 -14.43
C MET D 321 -1.15 32.15 -15.69
N ARG D 322 -2.17 32.28 -16.54
CA ARG D 322 -2.06 33.13 -17.72
C ARG D 322 -3.40 33.81 -18.01
N LEU D 323 -3.33 35.03 -18.56
CA LEU D 323 -4.52 35.63 -19.14
C LEU D 323 -4.09 36.38 -20.41
N ARG D 324 -5.05 36.92 -21.18
CA ARG D 324 -4.68 37.66 -22.37
C ARG D 324 -5.27 39.06 -22.27
N ILE D 325 -4.49 40.08 -22.72
CA ILE D 325 -5.00 41.43 -22.89
C ILE D 325 -5.00 41.84 -24.37
N ASP D 326 -5.92 42.77 -24.70
CA ASP D 326 -5.83 43.50 -25.97
C ASP D 326 -4.85 44.67 -25.82
N ARG D 327 -4.72 45.50 -26.86
CA ARG D 327 -3.83 46.64 -26.88
C ARG D 327 -4.24 47.76 -25.92
N ASP D 328 -5.47 47.73 -25.41
CA ASP D 328 -5.93 48.70 -24.42
C ASP D 328 -5.81 48.19 -22.98
N GLY D 329 -5.33 46.96 -22.79
CA GLY D 329 -5.17 46.43 -21.46
C GLY D 329 -6.44 45.76 -20.92
N ASN D 330 -7.45 45.57 -21.77
CA ASN D 330 -8.65 44.83 -21.39
C ASN D 330 -8.36 43.33 -21.47
N ILE D 331 -8.80 42.57 -20.45
CA ILE D 331 -8.74 41.13 -20.54
C ILE D 331 -9.65 40.64 -21.65
N ILE D 332 -9.13 39.75 -22.50
CA ILE D 332 -9.86 39.18 -23.61
C ILE D 332 -9.65 37.67 -23.63
N ASP D 333 -10.46 36.97 -24.42
CA ASP D 333 -10.29 35.54 -24.62
C ASP D 333 -10.25 34.84 -23.25
N PRO D 334 -11.28 35.04 -22.39
CA PRO D 334 -11.32 34.47 -21.05
C PRO D 334 -11.58 32.97 -21.15
N ASN D 335 -11.32 32.25 -20.05
CA ASN D 335 -11.80 30.88 -19.95
C ASN D 335 -13.31 30.86 -20.12
N LEU D 336 -13.79 30.07 -21.07
CA LEU D 336 -15.22 29.97 -21.33
C LEU D 336 -15.89 28.86 -20.50
N VAL D 337 -15.09 27.96 -19.91
CA VAL D 337 -15.62 26.90 -19.04
C VAL D 337 -16.15 27.53 -17.77
N THR D 338 -17.36 27.16 -17.39
CA THR D 338 -17.94 27.65 -16.16
C THR D 338 -17.44 26.76 -15.02
N ASP D 339 -17.22 27.33 -13.83
CA ASP D 339 -16.84 26.53 -12.67
C ASP D 339 -15.62 25.68 -13.04
N ALA D 340 -14.57 26.35 -13.55
CA ALA D 340 -13.42 25.64 -14.11
C ALA D 340 -12.68 24.79 -13.06
N SER D 341 -12.77 25.19 -11.79
CA SER D 341 -12.08 24.48 -10.71
C SER D 341 -13.02 23.65 -9.86
N PHE D 342 -14.28 23.51 -10.29
CA PHE D 342 -15.29 22.69 -9.63
C PHE D 342 -15.62 23.22 -8.24
N GLU D 343 -15.16 24.42 -7.90
CA GLU D 343 -15.33 24.89 -6.53
C GLU D 343 -16.72 25.43 -6.23
N ARG D 344 -17.50 25.72 -7.26
CA ARG D 344 -18.76 26.44 -7.04
C ARG D 344 -19.90 25.53 -6.61
N SER D 345 -19.79 24.21 -6.86
CA SER D 345 -20.82 23.27 -6.46
C SER D 345 -20.22 22.07 -5.72
N THR D 346 -21.07 21.35 -5.01
CA THR D 346 -20.65 20.16 -4.29
C THR D 346 -21.31 18.93 -4.90
N THR D 347 -22.15 19.12 -5.93
CA THR D 347 -22.75 18.05 -6.69
C THR D 347 -22.71 18.46 -8.17
N LEU D 348 -22.86 17.46 -9.04
CA LEU D 348 -22.82 17.63 -10.48
C LEU D 348 -24.18 18.18 -10.98
N GLY D 349 -24.17 18.79 -12.17
CA GLY D 349 -25.41 19.20 -12.82
C GLY D 349 -25.73 18.28 -13.98
N ASP D 350 -26.21 18.86 -15.10
CA ASP D 350 -26.59 18.06 -16.25
C ASP D 350 -25.75 18.39 -17.48
N GLY D 351 -24.70 19.20 -17.31
CA GLY D 351 -23.78 19.46 -18.41
C GLY D 351 -24.20 20.69 -19.23
N THR D 352 -25.38 21.25 -18.90
CA THR D 352 -25.94 22.39 -19.62
C THR D 352 -25.91 23.60 -18.69
N ASN D 353 -26.09 24.79 -19.30
CA ASN D 353 -26.26 26.04 -18.57
C ASN D 353 -25.05 26.31 -17.67
N GLY D 354 -23.87 25.87 -18.12
CA GLY D 354 -22.66 26.18 -17.39
C GLY D 354 -22.52 25.23 -16.21
N THR D 355 -23.01 23.99 -16.37
CA THR D 355 -22.84 23.02 -15.30
C THR D 355 -22.07 21.82 -15.85
N TRP D 356 -21.51 21.04 -14.91
CA TRP D 356 -20.77 19.84 -15.23
C TRP D 356 -21.68 18.63 -15.10
N ALA D 357 -21.45 17.64 -15.96
CA ALA D 357 -22.13 16.38 -15.82
C ALA D 357 -21.10 15.26 -15.87
N ALA D 358 -21.54 14.07 -15.44
CA ALA D 358 -20.68 12.89 -15.48
C ALA D 358 -21.53 11.63 -15.37
N LYS D 359 -21.00 10.55 -15.88
CA LYS D 359 -21.65 9.26 -15.77
C LYS D 359 -21.40 8.65 -14.40
N PRO D 360 -22.22 7.65 -14.01
CA PRO D 360 -21.98 6.89 -12.77
C PRO D 360 -20.60 6.18 -12.82
N ASN D 361 -19.89 6.03 -11.68
CA ASN D 361 -20.11 6.77 -10.46
C ASN D 361 -19.23 8.01 -10.44
N SER D 362 -19.80 9.15 -10.02
CA SER D 362 -19.07 10.40 -10.11
C SER D 362 -19.58 11.40 -9.09
N GLY D 363 -18.86 12.51 -9.02
CA GLY D 363 -19.21 13.53 -8.07
C GLY D 363 -18.09 14.55 -7.98
N ILE D 364 -18.27 15.45 -7.01
CA ILE D 364 -17.26 16.43 -6.64
C ILE D 364 -16.61 16.02 -5.31
N ASP D 365 -15.29 15.81 -5.34
CA ASP D 365 -14.52 15.65 -4.11
C ASP D 365 -14.34 17.02 -3.48
N ASN D 366 -14.38 17.05 -2.14
CA ASN D 366 -14.45 18.26 -1.36
C ASN D 366 -13.71 18.05 -0.03
N ALA D 367 -12.43 18.44 0.00
CA ALA D 367 -11.68 18.45 1.25
C ALA D 367 -10.59 19.47 1.12
N PRO D 368 -9.98 19.90 2.25
CA PRO D 368 -8.91 20.89 2.22
C PRO D 368 -7.82 20.42 1.26
N ALA D 369 -7.61 21.22 0.19
CA ALA D 369 -6.57 20.96 -0.81
C ALA D 369 -6.76 19.64 -1.56
N ALA D 370 -7.98 19.16 -1.67
CA ALA D 370 -8.29 18.00 -2.48
C ALA D 370 -8.14 18.32 -3.96
N GLY D 371 -8.38 19.59 -4.35
CA GLY D 371 -8.26 19.92 -5.75
C GLY D 371 -6.81 19.88 -6.20
N PHE D 372 -6.63 19.97 -7.52
CA PHE D 372 -5.36 20.36 -8.08
C PHE D 372 -5.05 21.75 -7.54
N THR D 373 -6.08 22.63 -7.62
CA THR D 373 -6.22 23.86 -6.86
C THR D 373 -7.54 23.81 -6.12
N GLY D 374 -7.58 24.48 -4.97
CA GLY D 374 -8.78 24.57 -4.19
C GLY D 374 -9.12 23.26 -3.49
N ASP D 375 -10.39 23.16 -3.12
CA ASP D 375 -10.84 22.09 -2.27
C ASP D 375 -11.64 21.09 -3.07
N HIS D 376 -11.92 21.41 -4.35
CA HIS D 376 -12.80 20.57 -5.12
C HIS D 376 -12.10 20.10 -6.38
N ARG D 377 -12.48 18.90 -6.80
CA ARG D 377 -12.18 18.30 -8.09
C ARG D 377 -13.34 17.37 -8.44
N ALA D 378 -13.45 17.02 -9.73
CA ALA D 378 -14.44 16.04 -10.16
C ALA D 378 -13.77 14.66 -10.21
N PHE D 379 -14.58 13.63 -10.11
CA PHE D 379 -14.12 12.29 -10.34
C PHE D 379 -15.19 11.49 -11.02
N VAL D 380 -14.70 10.46 -11.71
CA VAL D 380 -15.57 9.45 -12.24
C VAL D 380 -14.86 8.10 -12.06
N ARG D 381 -15.67 7.05 -11.84
CA ARG D 381 -15.13 5.75 -11.48
C ARG D 381 -16.16 4.69 -11.82
N TYR D 382 -15.70 3.65 -12.52
CA TYR D 382 -16.56 2.51 -12.78
C TYR D 382 -15.69 1.36 -13.31
N ASN D 383 -16.35 0.25 -13.59
CA ASN D 383 -15.73 -0.92 -14.18
C ASN D 383 -16.58 -1.44 -15.34
N SER D 384 -17.05 -0.52 -16.19
CA SER D 384 -17.69 -0.91 -17.43
C SER D 384 -17.84 0.30 -18.36
N GLY D 385 -17.29 0.17 -19.56
CA GLY D 385 -17.56 1.12 -20.62
C GLY D 385 -16.85 2.48 -20.42
N TRP D 386 -17.32 3.43 -21.23
CA TRP D 386 -16.81 4.79 -21.29
C TRP D 386 -17.44 5.66 -20.22
N ARG D 387 -16.57 6.33 -19.45
CA ARG D 387 -16.98 7.01 -18.23
C ARG D 387 -16.33 8.38 -18.17
N ASP D 388 -17.16 9.45 -18.21
CA ASP D 388 -16.63 10.77 -18.49
C ASP D 388 -17.32 11.85 -17.68
N ILE D 389 -16.65 13.01 -17.73
CA ILE D 389 -17.03 14.26 -17.09
C ILE D 389 -17.04 15.32 -18.18
N TRP D 390 -18.12 16.12 -18.27
CA TRP D 390 -18.24 17.01 -19.42
C TRP D 390 -19.08 18.26 -19.14
N GLN D 391 -18.88 19.28 -20.00
CA GLN D 391 -19.66 20.49 -19.92
C GLN D 391 -19.81 21.06 -21.33
N ASP D 392 -21.03 21.51 -21.61
CA ASP D 392 -21.30 22.19 -22.88
C ASP D 392 -20.82 23.62 -22.74
N VAL D 393 -20.14 24.10 -23.78
CA VAL D 393 -19.55 25.43 -23.76
C VAL D 393 -19.93 26.10 -25.08
N ALA D 394 -20.36 27.35 -25.01
CA ALA D 394 -20.63 28.11 -26.23
C ALA D 394 -19.33 28.59 -26.83
N VAL D 395 -19.20 28.43 -28.15
CA VAL D 395 -18.06 28.90 -28.92
C VAL D 395 -18.55 29.69 -30.15
N GLU D 396 -17.60 30.36 -30.78
CA GLU D 396 -17.84 31.10 -32.02
C GLU D 396 -17.55 30.19 -33.21
N ARG D 397 -18.51 30.06 -34.13
CA ARG D 397 -18.29 29.40 -35.41
C ARG D 397 -16.95 29.83 -36.00
N GLY D 398 -16.15 28.87 -36.47
CA GLY D 398 -14.96 29.17 -37.26
C GLY D 398 -13.73 29.58 -36.46
N ALA D 399 -13.83 29.67 -35.12
CA ALA D 399 -12.68 30.07 -34.31
C ALA D 399 -11.89 28.84 -33.86
N LYS D 400 -10.61 29.04 -33.54
CA LYS D 400 -9.75 27.99 -33.02
C LYS D 400 -9.70 28.16 -31.50
N TYR D 401 -9.71 27.04 -30.78
CA TYR D 401 -9.74 27.02 -29.33
C TYR D 401 -8.64 26.13 -28.76
N ARG D 402 -8.21 26.49 -27.54
CA ARG D 402 -7.21 25.74 -26.81
C ARG D 402 -7.89 25.26 -25.53
N LEU D 403 -7.84 23.94 -25.33
CA LEU D 403 -8.39 23.30 -24.16
C LEU D 403 -7.23 22.72 -23.35
N THR D 404 -7.16 23.09 -22.07
CA THR D 404 -6.17 22.56 -21.14
C THR D 404 -6.89 22.13 -19.87
N GLY D 405 -6.30 21.16 -19.17
CA GLY D 405 -6.96 20.63 -17.99
C GLY D 405 -6.03 19.66 -17.29
N PHE D 406 -6.24 19.52 -15.98
CA PHE D 406 -5.36 18.67 -15.18
C PHE D 406 -6.14 17.44 -14.76
N LEU D 407 -5.48 16.28 -14.90
CA LEU D 407 -6.15 15.07 -14.49
C LEU D 407 -5.12 14.05 -14.03
N ARG D 408 -5.62 13.06 -13.30
CA ARG D 408 -4.85 11.90 -12.86
C ARG D 408 -5.82 10.74 -12.77
N THR D 409 -5.25 9.54 -12.76
CA THR D 409 -6.04 8.32 -12.80
C THR D 409 -5.56 7.34 -11.74
N SER D 410 -6.41 6.36 -11.49
CA SER D 410 -5.98 5.15 -10.82
C SER D 410 -4.81 4.54 -11.59
N VAL D 411 -3.98 3.76 -10.89
CA VAL D 411 -2.81 3.21 -11.55
C VAL D 411 -3.23 2.20 -12.63
N ASN D 412 -4.39 1.56 -12.49
CA ASN D 412 -4.79 0.51 -13.42
C ASN D 412 -5.52 1.10 -14.65
N SER D 413 -5.61 2.42 -14.78
CA SER D 413 -6.17 3.03 -15.98
C SER D 413 -5.37 2.64 -17.21
N ASP D 414 -6.04 2.35 -18.35
CA ASP D 414 -5.31 1.96 -19.55
C ASP D 414 -5.64 2.85 -20.75
N ASN D 415 -6.76 3.60 -20.75
CA ASN D 415 -7.11 4.38 -21.91
C ASN D 415 -8.20 5.38 -21.55
N GLY D 416 -7.81 6.66 -21.54
CA GLY D 416 -8.72 7.77 -21.36
C GLY D 416 -8.54 8.78 -22.49
N PHE D 417 -9.49 9.71 -22.54
CA PHE D 417 -9.43 10.77 -23.52
C PHE D 417 -9.81 12.08 -22.85
N PHE D 418 -9.20 13.15 -23.37
CA PHE D 418 -9.50 14.51 -23.00
C PHE D 418 -9.61 15.34 -24.28
N GLY D 419 -10.65 16.17 -24.36
CA GLY D 419 -10.82 16.96 -25.59
C GLY D 419 -12.15 17.68 -25.66
N ALA D 420 -12.50 18.04 -26.91
CA ALA D 420 -13.80 18.63 -27.23
C ALA D 420 -14.50 17.76 -28.27
N ARG D 421 -15.81 17.64 -28.13
CA ARG D 421 -16.63 16.87 -29.05
C ARG D 421 -17.90 17.66 -29.36
N THR D 422 -18.62 17.20 -30.40
CA THR D 422 -19.89 17.83 -30.74
C THR D 422 -20.88 17.52 -29.63
N LEU D 423 -21.97 18.29 -29.59
CA LEU D 423 -23.03 18.04 -28.62
C LEU D 423 -23.68 16.67 -28.84
N ASP D 424 -23.52 16.04 -29.99
CA ASP D 424 -24.00 14.66 -30.10
C ASP D 424 -22.83 13.66 -30.06
N GLY D 425 -21.68 14.08 -29.52
CA GLY D 425 -20.73 13.12 -29.01
C GLY D 425 -19.62 12.75 -30.00
N VAL D 426 -19.43 13.53 -31.06
CA VAL D 426 -18.39 13.21 -32.03
C VAL D 426 -17.13 14.03 -31.72
N PRO D 427 -15.96 13.39 -31.50
CA PRO D 427 -14.75 14.14 -31.16
C PRO D 427 -14.35 15.11 -32.26
N ILE D 428 -13.98 16.32 -31.84
CA ILE D 428 -13.44 17.34 -32.71
C ILE D 428 -11.92 17.32 -32.59
N GLY D 429 -11.41 17.32 -31.35
CA GLY D 429 -9.99 17.17 -31.13
C GLY D 429 -9.80 16.58 -29.72
N GLU D 430 -8.87 15.66 -29.58
CA GLU D 430 -8.76 14.99 -28.28
C GLU D 430 -7.39 14.33 -28.20
N ILE D 431 -6.96 14.06 -26.97
CA ILE D 431 -5.75 13.31 -26.73
C ILE D 431 -6.11 12.04 -25.98
N ASN D 432 -5.19 11.09 -26.02
CA ASN D 432 -5.34 9.79 -25.42
C ASN D 432 -4.26 9.62 -24.34
N PHE D 433 -4.69 9.40 -23.09
CA PHE D 433 -3.75 9.07 -22.01
C PHE D 433 -4.02 7.64 -21.54
N HIS D 434 -3.13 7.09 -20.70
CA HIS D 434 -3.29 5.73 -20.23
C HIS D 434 -3.42 5.74 -18.72
N SER D 435 -2.27 5.65 -18.05
CA SER D 435 -2.15 5.70 -16.60
C SER D 435 -1.44 7.00 -16.22
N VAL D 436 -2.11 7.83 -15.42
CA VAL D 436 -1.56 9.14 -15.04
C VAL D 436 -1.41 9.26 -13.52
N GLY D 437 -0.16 9.37 -13.08
CA GLY D 437 0.15 9.33 -11.65
C GLY D 437 -0.02 10.68 -10.98
N ALA D 438 0.95 11.56 -11.23
CA ALA D 438 0.87 12.94 -10.79
C ALA D 438 -0.27 13.64 -11.54
N TRP D 439 -0.89 14.62 -10.89
CA TRP D 439 -1.67 15.59 -11.63
C TRP D 439 -0.86 16.03 -12.85
N THR D 440 -1.47 15.90 -14.04
CA THR D 440 -0.79 16.19 -15.28
C THR D 440 -1.69 17.05 -16.16
N ARG D 441 -1.12 18.11 -16.75
CA ARG D 441 -1.91 18.91 -17.68
C ARG D 441 -1.88 18.26 -19.06
N PHE D 442 -3.04 18.19 -19.70
CA PHE D 442 -3.16 17.83 -21.10
C PHE D 442 -3.69 19.04 -21.86
N THR D 443 -3.37 19.09 -23.14
CA THR D 443 -3.59 20.28 -23.96
C THR D 443 -4.05 19.84 -25.35
N VAL D 444 -5.17 20.44 -25.78
CA VAL D 444 -5.76 20.13 -27.08
C VAL D 444 -6.12 21.45 -27.75
N GLU D 445 -5.78 21.57 -29.03
CA GLU D 445 -6.17 22.73 -29.84
C GLU D 445 -6.98 22.20 -31.01
N PHE D 446 -8.10 22.86 -31.30
CA PHE D 446 -8.99 22.39 -32.34
C PHE D 446 -9.69 23.60 -32.95
N ASP D 447 -10.25 23.38 -34.15
CA ASP D 447 -11.11 24.38 -34.76
C ASP D 447 -12.55 24.04 -34.43
N ALA D 448 -13.30 25.06 -33.98
CA ALA D 448 -14.70 24.88 -33.65
C ALA D 448 -15.46 24.44 -34.90
N GLY D 449 -15.01 24.89 -36.06
CA GLY D 449 -15.70 24.58 -37.30
C GLY D 449 -17.02 25.35 -37.37
N ASP D 450 -18.06 24.71 -37.92
CA ASP D 450 -19.34 25.38 -38.11
C ASP D 450 -20.29 24.97 -36.98
N ARG D 451 -19.97 25.36 -35.74
CA ARG D 451 -20.90 25.13 -34.63
C ARG D 451 -20.67 26.21 -33.59
N ASP D 452 -21.67 26.41 -32.73
CA ASP D 452 -21.55 27.44 -31.72
C ASP D 452 -21.64 26.82 -30.32
N ALA D 453 -21.47 25.49 -30.22
CA ALA D 453 -21.23 24.84 -28.93
C ALA D 453 -20.43 23.55 -29.12
N VAL D 454 -19.58 23.28 -28.12
CA VAL D 454 -18.84 22.04 -28.02
C VAL D 454 -18.97 21.57 -26.58
N GLN D 455 -18.72 20.27 -26.42
CA GLN D 455 -18.69 19.65 -25.10
C GLN D 455 -17.22 19.41 -24.77
N VAL D 456 -16.75 20.03 -23.69
CA VAL D 456 -15.41 19.70 -23.26
C VAL D 456 -15.56 18.51 -22.30
N PHE D 457 -14.60 17.59 -22.37
CA PHE D 457 -14.69 16.36 -21.61
C PHE D 457 -13.31 15.78 -21.27
N GLY D 458 -13.35 14.96 -20.20
CA GLY D 458 -12.26 14.07 -19.87
C GLY D 458 -12.91 12.79 -19.37
N GLY D 459 -12.31 11.66 -19.69
CA GLY D 459 -12.88 10.41 -19.21
C GLY D 459 -11.95 9.23 -19.46
N VAL D 460 -12.42 8.07 -18.97
CA VAL D 460 -11.71 6.83 -19.02
C VAL D 460 -12.64 5.72 -19.51
N TRP D 461 -12.02 4.79 -20.23
CA TRP D 461 -12.55 3.47 -20.45
C TRP D 461 -12.29 2.64 -19.19
N THR D 462 -13.32 1.90 -18.76
CA THR D 462 -13.28 1.21 -17.49
C THR D 462 -13.60 -0.29 -17.66
N ASN D 463 -13.52 -0.83 -18.89
CA ASN D 463 -13.65 -2.26 -19.12
C ASN D 463 -12.58 -3.08 -18.41
N SER D 464 -11.37 -2.55 -18.20
CA SER D 464 -10.25 -3.36 -17.74
C SER D 464 -10.18 -3.51 -16.23
N GLY D 465 -10.95 -2.72 -15.48
CA GLY D 465 -10.98 -2.85 -14.04
C GLY D 465 -11.66 -1.65 -13.41
N ASP D 466 -11.59 -1.62 -12.08
CA ASP D 466 -12.19 -0.57 -11.27
C ASP D 466 -11.32 0.66 -11.42
N ILE D 467 -11.71 1.58 -12.32
CA ILE D 467 -10.82 2.64 -12.78
C ILE D 467 -11.47 3.99 -12.49
N TRP D 468 -10.63 4.96 -12.08
CA TRP D 468 -11.10 6.29 -11.77
C TRP D 468 -10.19 7.33 -12.41
N MET D 469 -10.81 8.49 -12.62
CA MET D 469 -10.11 9.65 -13.11
C MET D 469 -10.59 10.85 -12.31
N GLN D 470 -9.66 11.77 -12.01
CA GLN D 470 -10.04 12.99 -11.31
C GLN D 470 -9.68 14.12 -12.24
N LEU D 471 -10.39 15.26 -12.13
CA LEU D 471 -10.25 16.36 -13.09
C LEU D 471 -10.33 17.69 -12.35
N ASP D 472 -9.53 18.68 -12.78
CA ASP D 472 -9.57 20.02 -12.21
C ASP D 472 -9.07 21.04 -13.22
N ASP D 473 -9.53 22.29 -13.01
CA ASP D 473 -8.94 23.49 -13.61
C ASP D 473 -8.91 23.43 -15.14
N VAL D 474 -10.08 23.14 -15.70
CA VAL D 474 -10.26 22.99 -17.14
C VAL D 474 -10.47 24.38 -17.73
N SER D 475 -9.75 24.65 -18.82
CA SER D 475 -9.84 25.91 -19.52
C SER D 475 -10.10 25.69 -21.01
N LEU D 476 -11.07 26.45 -21.56
CA LEU D 476 -11.20 26.64 -23.01
C LEU D 476 -11.09 28.12 -23.37
N THR D 477 -10.03 28.45 -24.10
CA THR D 477 -9.74 29.82 -24.51
C THR D 477 -9.51 29.88 -26.03
N LYS D 478 -9.84 31.03 -26.61
CA LYS D 478 -9.66 31.27 -28.03
C LYS D 478 -8.18 31.37 -28.35
N VAL D 479 -7.79 30.84 -29.52
CA VAL D 479 -6.41 31.01 -29.98
C VAL D 479 -6.32 32.26 -30.86
N ARG D 480 -5.24 33.04 -30.72
CA ARG D 480 -5.11 34.37 -31.34
C ARG D 480 -3.92 34.39 -32.29
#